data_2EWC
#
_entry.id   2EWC
#
_cell.length_a   105.120
_cell.length_b   131.994
_cell.length_c   135.640
_cell.angle_alpha   90.00
_cell.angle_beta   90.00
_cell.angle_gamma   90.00
#
_symmetry.space_group_name_H-M   'P 21 21 21'
#
loop_
_entity.id
_entity.type
_entity.pdbx_description
1 polymer 'conserved hypothetical protein'
2 non-polymer GLYCEROL
3 water water
#
_entity_poly.entity_id   1
_entity_poly.type   'polypeptide(L)'
_entity_poly.pdbx_seq_one_letter_code
;(MSE)KTIRRYDVNEDRGHTGLVEAGDFYYLNYCVGNVGQDIESQINGAFDE(MSE)ERRLALVGLTLDAVVQ(MSE)DC
LFRDVWNIPV(MSE)EK(MSE)IKERFNGRYPARKSIQTEFAHHGGPQGLLFQVDGVAYSKHIS(MSE)T
;
_entity_poly.pdbx_strand_id   A,B,C,D,E,F,G,H,I,J,K,L
#
loop_
_chem_comp.id
_chem_comp.type
_chem_comp.name
_chem_comp.formula
GOL non-polymer GLYCEROL 'C3 H8 O3'
#
# COMPACT_ATOMS: atom_id res chain seq x y z
N THR A 3 34.37 -15.31 -18.59
CA THR A 3 32.93 -15.11 -18.94
C THR A 3 32.31 -13.92 -18.16
N ILE A 4 31.83 -12.91 -18.89
CA ILE A 4 30.99 -11.85 -18.32
C ILE A 4 29.66 -12.51 -17.95
N ARG A 5 29.15 -12.28 -16.74
CA ARG A 5 27.89 -12.90 -16.33
C ARG A 5 26.81 -11.84 -16.27
N ARG A 6 25.66 -12.15 -16.86
CA ARG A 6 24.54 -11.22 -16.98
C ARG A 6 23.33 -11.75 -16.19
N TYR A 7 22.83 -10.91 -15.29
CA TYR A 7 21.71 -11.28 -14.44
C TYR A 7 20.58 -10.28 -14.65
N ASP A 8 19.35 -10.73 -14.34
CA ASP A 8 18.18 -9.86 -14.31
C ASP A 8 18.06 -9.17 -15.65
N VAL A 9 18.17 -9.96 -16.72
CA VAL A 9 18.07 -9.45 -18.08
C VAL A 9 16.64 -9.05 -18.44
N ASN A 10 16.53 -7.92 -19.13
CA ASN A 10 15.27 -7.46 -19.67
C ASN A 10 15.37 -7.44 -21.18
N GLU A 11 14.72 -8.41 -21.79
CA GLU A 11 14.83 -8.67 -23.21
C GLU A 11 14.05 -7.67 -24.03
N ASP A 12 12.96 -7.18 -23.48
CA ASP A 12 12.18 -6.12 -24.13
C ASP A 12 12.88 -4.78 -24.21
N ARG A 13 13.59 -4.41 -23.13
CA ARG A 13 14.22 -3.10 -23.05
C ARG A 13 15.63 -3.16 -23.60
N GLY A 14 16.10 -4.38 -23.87
CA GLY A 14 17.47 -4.58 -24.32
C GLY A 14 18.52 -4.14 -23.31
N HIS A 15 18.34 -4.51 -22.03
CA HIS A 15 19.35 -4.22 -21.01
C HIS A 15 19.52 -5.36 -20.01
N THR A 16 20.61 -5.31 -19.24
CA THR A 16 20.89 -6.30 -18.19
C THR A 16 20.92 -5.61 -16.85
N GLY A 17 20.10 -6.09 -15.92
CA GLY A 17 19.99 -5.53 -14.56
C GLY A 17 21.29 -5.50 -13.77
N LEU A 18 22.09 -6.54 -13.91
CA LEU A 18 23.39 -6.63 -13.24
C LEU A 18 24.39 -7.45 -14.05
N VAL A 19 25.48 -6.78 -14.44
CA VAL A 19 26.58 -7.36 -15.20
C VAL A 19 27.77 -7.60 -14.27
N GLU A 20 28.14 -8.87 -14.09
CA GLU A 20 29.33 -9.25 -13.34
C GLU A 20 30.53 -9.39 -14.28
N ALA A 21 31.54 -8.52 -14.11
CA ALA A 21 32.80 -8.57 -14.86
C ALA A 21 34.02 -8.62 -13.93
N GLY A 22 34.57 -9.80 -13.74
CA GLY A 22 35.67 -10.00 -12.81
C GLY A 22 35.23 -9.72 -11.38
N ASP A 23 35.92 -8.80 -10.71
CA ASP A 23 35.58 -8.39 -9.35
C ASP A 23 34.58 -7.23 -9.26
N PHE A 24 34.12 -6.77 -10.41
CA PHE A 24 33.21 -5.63 -10.54
C PHE A 24 31.81 -6.01 -11.04
N TYR A 25 30.81 -5.26 -10.56
CA TYR A 25 29.40 -5.51 -10.82
C TYR A 25 28.79 -4.17 -11.26
N TYR A 26 28.14 -4.17 -12.42
CA TYR A 26 27.57 -2.95 -12.99
C TYR A 26 26.08 -3.06 -12.94
N LEU A 27 25.47 -2.18 -12.17
CA LEU A 27 24.03 -2.11 -12.07
C LEU A 27 23.45 -1.22 -13.16
N ASN A 28 22.40 -1.70 -13.80
CA ASN A 28 21.55 -0.92 -14.71
C ASN A 28 20.78 0.07 -13.86
N TYR A 29 20.20 1.12 -14.44
CA TYR A 29 19.38 2.03 -13.64
C TYR A 29 18.37 1.25 -12.78
N CYS A 30 18.18 1.72 -11.55
CA CYS A 30 17.26 1.13 -10.61
C CYS A 30 16.13 2.09 -10.28
N VAL A 31 14.92 1.57 -10.33
N VAL A 31 14.90 1.59 -10.34
CA VAL A 31 13.71 2.31 -9.98
CA VAL A 31 13.69 2.34 -9.98
C VAL A 31 12.89 1.45 -8.99
C VAL A 31 12.76 1.47 -9.14
N GLY A 32 11.99 2.09 -8.24
CA GLY A 32 11.06 1.34 -7.36
C GLY A 32 10.09 2.30 -6.69
N ASN A 33 9.00 1.75 -6.14
CA ASN A 33 7.93 2.53 -5.52
C ASN A 33 7.45 3.63 -6.45
N VAL A 34 7.29 3.30 -7.72
CA VAL A 34 6.95 4.30 -8.75
C VAL A 34 5.55 4.88 -8.51
N GLY A 35 5.40 6.17 -8.76
CA GLY A 35 4.16 6.84 -8.42
C GLY A 35 4.12 7.44 -7.02
N GLN A 36 5.02 7.01 -6.15
CA GLN A 36 4.98 7.44 -4.75
C GLN A 36 5.84 8.69 -4.57
N ASP A 37 5.86 9.28 -3.38
CA ASP A 37 6.65 10.51 -3.17
C ASP A 37 8.18 10.30 -3.32
N ILE A 38 8.91 11.41 -3.43
CA ILE A 38 10.35 11.34 -3.66
C ILE A 38 11.03 10.43 -2.65
N GLU A 39 10.71 10.58 -1.37
CA GLU A 39 11.41 9.76 -0.41
C GLU A 39 11.17 8.25 -0.62
N SER A 40 9.93 7.87 -0.94
CA SER A 40 9.60 6.46 -1.24
C SER A 40 10.31 5.96 -2.49
N GLN A 41 10.45 6.83 -3.49
CA GLN A 41 11.08 6.41 -4.75
C GLN A 41 12.58 6.21 -4.58
N ILE A 42 13.17 7.01 -3.69
CA ILE A 42 14.58 6.85 -3.32
C ILE A 42 14.73 5.49 -2.61
N ASN A 43 13.87 5.24 -1.62
CA ASN A 43 13.89 3.97 -0.93
C ASN A 43 13.62 2.79 -1.86
N GLY A 44 12.65 2.92 -2.76
CA GLY A 44 12.34 1.88 -3.75
C GLY A 44 13.47 1.58 -4.72
N ALA A 45 14.23 2.59 -5.12
CA ALA A 45 15.39 2.38 -6.00
C ALA A 45 16.52 1.69 -5.24
N PHE A 46 16.74 2.13 -4.00
CA PHE A 46 17.73 1.41 -3.18
C PHE A 46 17.34 -0.05 -2.95
N ASP A 47 16.05 -0.33 -2.69
CA ASP A 47 15.51 -1.74 -2.64
C ASP A 47 15.84 -2.58 -3.89
N GLU A 48 15.65 -2.02 -5.08
CA GLU A 48 15.89 -2.71 -6.35
C GLU A 48 17.39 -2.95 -6.58
N MSE A 49 18.20 -1.98 -6.15
CA MSE A 49 19.67 -2.13 -6.05
C MSE A 49 19.99 -3.31 -5.11
O MSE A 49 20.76 -4.19 -5.48
CB MSE A 49 20.35 -0.82 -5.58
CG MSE A 49 21.90 -0.84 -5.48
SE MSE A 49 22.63 0.82 -5.10
CE MSE A 49 22.67 1.54 -6.72
N GLU A 50 19.38 -3.30 -3.91
CA GLU A 50 19.60 -4.40 -2.95
C GLU A 50 19.19 -5.77 -3.50
N ARG A 51 18.05 -5.79 -4.21
CA ARG A 51 17.53 -7.00 -4.83
C ARG A 51 18.47 -7.53 -5.92
N ARG A 52 19.00 -6.66 -6.77
CA ARG A 52 19.98 -7.10 -7.79
C ARG A 52 21.30 -7.57 -7.18
N LEU A 53 21.77 -6.89 -6.14
CA LEU A 53 23.00 -7.28 -5.47
C LEU A 53 22.84 -8.62 -4.77
N ALA A 54 21.63 -8.89 -4.27
CA ALA A 54 21.33 -10.16 -3.56
C ALA A 54 21.51 -11.35 -4.46
N LEU A 55 21.24 -11.17 -5.75
CA LEU A 55 21.43 -12.21 -6.79
C LEU A 55 22.85 -12.77 -6.83
N VAL A 56 23.82 -11.97 -6.44
CA VAL A 56 25.22 -12.41 -6.39
C VAL A 56 25.79 -12.42 -4.96
N GLY A 57 24.91 -12.47 -3.96
CA GLY A 57 25.32 -12.60 -2.56
C GLY A 57 25.88 -11.33 -1.92
N LEU A 58 25.56 -10.18 -2.50
CA LEU A 58 26.15 -8.93 -2.07
C LEU A 58 25.13 -7.98 -1.46
N THR A 59 25.64 -6.98 -0.73
CA THR A 59 24.81 -6.01 -0.04
C THR A 59 25.28 -4.59 -0.46
N LEU A 60 24.65 -3.57 0.10
CA LEU A 60 25.04 -2.17 -0.16
C LEU A 60 26.48 -1.87 0.26
N ASP A 61 27.00 -2.66 1.19
CA ASP A 61 28.39 -2.57 1.61
C ASP A 61 29.38 -2.67 0.45
N ALA A 62 28.98 -3.38 -0.61
CA ALA A 62 29.86 -3.63 -1.76
C ALA A 62 29.81 -2.53 -2.84
N VAL A 63 28.89 -1.58 -2.70
CA VAL A 63 28.74 -0.51 -3.69
C VAL A 63 29.86 0.54 -3.55
N VAL A 64 30.57 0.77 -4.65
CA VAL A 64 31.68 1.73 -4.63
C VAL A 64 31.37 3.09 -5.25
N GLN A 65 30.37 3.13 -6.15
CA GLN A 65 30.05 4.32 -6.91
C GLN A 65 28.59 4.28 -7.32
N MSE A 66 27.88 5.41 -7.23
CA MSE A 66 26.48 5.49 -7.66
C MSE A 66 26.28 6.76 -8.45
O MSE A 66 26.79 7.81 -8.05
CB MSE A 66 25.52 5.58 -6.44
CG MSE A 66 25.56 4.43 -5.48
SE MSE A 66 24.09 4.48 -4.41
CE MSE A 66 24.14 6.13 -3.72
N ASP A 67 25.54 6.67 -9.54
CA ASP A 67 25.03 7.90 -10.22
C ASP A 67 23.55 8.05 -9.90
N CYS A 68 23.18 9.21 -9.35
CA CYS A 68 21.79 9.47 -8.93
C CYS A 68 21.11 10.48 -9.88
N LEU A 69 19.97 10.07 -10.42
CA LEU A 69 19.22 10.82 -11.41
C LEU A 69 17.93 11.35 -10.80
N PHE A 70 17.82 12.67 -10.78
CA PHE A 70 16.64 13.32 -10.20
C PHE A 70 15.86 14.07 -11.26
N ARG A 71 14.56 14.09 -11.11
CA ARG A 71 13.75 15.04 -11.87
C ARG A 71 14.01 16.42 -11.28
N ASP A 72 14.25 16.47 -9.96
CA ASP A 72 14.52 17.71 -9.25
C ASP A 72 15.70 17.48 -8.31
N VAL A 73 16.86 17.98 -8.71
CA VAL A 73 18.10 17.69 -8.02
C VAL A 73 18.16 18.31 -6.62
N TRP A 74 17.31 19.31 -6.36
CA TRP A 74 17.17 19.89 -5.02
C TRP A 74 16.61 18.88 -4.01
N ASN A 75 16.26 17.70 -4.48
CA ASN A 75 15.93 16.61 -3.58
C ASN A 75 17.13 15.85 -3.04
N ILE A 76 18.36 16.28 -3.36
CA ILE A 76 19.52 15.59 -2.78
C ILE A 76 19.41 15.38 -1.24
N PRO A 77 19.03 16.43 -0.46
CA PRO A 77 18.98 16.18 0.99
C PRO A 77 18.10 15.00 1.36
N VAL A 78 17.02 14.80 0.60
CA VAL A 78 16.13 13.69 0.91
C VAL A 78 16.89 12.38 0.74
N MSE A 79 17.63 12.26 -0.37
CA MSE A 79 18.45 11.07 -0.64
C MSE A 79 19.54 10.85 0.41
O MSE A 79 19.84 9.70 0.77
CB MSE A 79 19.11 11.14 -2.04
CG MSE A 79 19.85 9.82 -2.45
SE MSE A 79 20.91 9.86 -3.93
CE MSE A 79 22.01 11.23 -3.48
N GLU A 80 20.15 11.94 0.88
CA GLU A 80 21.21 11.89 1.88
C GLU A 80 20.71 11.30 3.18
N LYS A 81 19.55 11.77 3.63
CA LYS A 81 18.87 11.19 4.78
C LYS A 81 18.72 9.66 4.67
N MSE A 82 18.23 9.20 3.52
CA MSE A 82 18.01 7.78 3.28
C MSE A 82 19.32 6.96 3.17
O MSE A 82 19.39 5.84 3.67
CB MSE A 82 17.15 7.63 2.03
CG MSE A 82 15.66 8.10 2.24
SE MSE A 82 14.83 7.34 3.71
CE MSE A 82 15.07 8.61 4.96
N ILE A 83 20.34 7.53 2.53
CA ILE A 83 21.65 6.90 2.47
C ILE A 83 22.20 6.70 3.89
N LYS A 84 22.08 7.73 4.74
CA LYS A 84 22.60 7.63 6.10
C LYS A 84 21.89 6.54 6.91
N GLU A 85 20.59 6.37 6.71
CA GLU A 85 19.94 5.29 7.46
C GLU A 85 20.03 3.89 6.82
N ARG A 86 20.50 3.80 5.57
CA ARG A 86 20.58 2.49 4.93
C ARG A 86 22.00 1.98 4.65
N PHE A 87 22.97 2.89 4.58
CA PHE A 87 24.33 2.48 4.22
C PHE A 87 25.24 2.16 5.39
N ASN A 88 24.78 2.38 6.62
CA ASN A 88 25.46 1.89 7.82
C ASN A 88 26.91 2.41 7.89
N GLY A 89 27.09 3.69 7.56
CA GLY A 89 28.39 4.38 7.62
C GLY A 89 29.41 4.03 6.54
N ARG A 90 29.00 3.29 5.52
CA ARG A 90 29.87 2.82 4.46
C ARG A 90 29.29 3.36 3.13
N TYR A 91 29.80 4.52 2.69
CA TYR A 91 29.21 5.26 1.57
C TYR A 91 29.98 5.09 0.27
N PRO A 92 29.26 5.02 -0.86
CA PRO A 92 29.91 5.10 -2.17
C PRO A 92 30.35 6.53 -2.55
N ALA A 93 31.29 6.61 -3.50
CA ALA A 93 31.50 7.82 -4.29
C ALA A 93 30.24 8.04 -5.16
N ARG A 94 29.84 9.30 -5.37
CA ARG A 94 28.67 9.56 -6.18
C ARG A 94 28.68 10.87 -6.96
N LYS A 95 27.77 10.95 -7.91
CA LYS A 95 27.38 12.24 -8.41
C LYS A 95 25.88 12.23 -8.62
N SER A 96 25.29 13.41 -8.54
CA SER A 96 23.87 13.62 -8.86
C SER A 96 23.67 14.50 -10.11
N ILE A 97 22.66 14.14 -10.90
CA ILE A 97 22.33 14.80 -12.16
C ILE A 97 20.82 15.03 -12.16
N GLN A 98 20.42 16.20 -12.64
CA GLN A 98 19.03 16.45 -12.87
C GLN A 98 18.77 16.15 -14.34
N THR A 99 17.73 15.39 -14.62
CA THR A 99 17.44 14.97 -16.01
C THR A 99 15.94 14.71 -16.18
N GLU A 100 15.46 14.87 -17.40
CA GLU A 100 14.15 14.35 -17.75
C GLU A 100 14.24 12.84 -17.89
N PHE A 101 13.10 12.18 -17.76
CA PHE A 101 12.97 10.75 -18.00
C PHE A 101 11.98 10.50 -19.13
N ALA A 102 12.06 9.34 -19.77
CA ALA A 102 11.07 8.99 -20.80
C ALA A 102 9.86 8.42 -20.10
N HIS A 103 9.37 9.14 -19.10
N HIS A 103 9.37 9.14 -19.09
CA HIS A 103 8.19 8.76 -18.34
CA HIS A 103 8.24 8.75 -18.27
C HIS A 103 7.64 10.06 -17.78
C HIS A 103 7.65 10.06 -17.75
N HIS A 104 6.33 10.11 -17.61
CA HIS A 104 5.65 11.31 -17.13
C HIS A 104 6.10 11.68 -15.72
N GLY A 105 6.11 12.97 -15.42
CA GLY A 105 6.32 13.51 -14.07
C GLY A 105 4.96 13.79 -13.46
N GLY A 106 4.87 14.77 -12.57
CA GLY A 106 3.57 15.14 -11.99
C GLY A 106 2.99 14.09 -11.06
N PRO A 107 1.66 14.09 -10.84
CA PRO A 107 1.04 13.06 -9.97
C PRO A 107 1.44 11.64 -10.37
N GLN A 108 1.96 10.85 -9.43
CA GLN A 108 2.37 9.47 -9.69
C GLN A 108 3.44 9.35 -10.80
N GLY A 109 4.23 10.39 -10.99
CA GLY A 109 5.31 10.38 -11.96
C GLY A 109 6.59 9.77 -11.41
N LEU A 110 7.52 9.45 -12.32
CA LEU A 110 8.86 9.01 -11.95
C LEU A 110 9.71 10.21 -11.53
N LEU A 111 10.43 10.09 -10.42
CA LEU A 111 11.15 11.22 -9.85
C LEU A 111 12.63 10.97 -9.63
N PHE A 112 13.02 9.71 -9.73
CA PHE A 112 14.34 9.26 -9.28
C PHE A 112 14.76 7.93 -9.86
N GLN A 113 16.00 7.86 -10.34
CA GLN A 113 16.65 6.58 -10.66
C GLN A 113 18.08 6.60 -10.10
N VAL A 114 18.62 5.41 -9.82
CA VAL A 114 20.03 5.28 -9.43
C VAL A 114 20.67 4.11 -10.21
N ASP A 115 21.94 4.26 -10.58
CA ASP A 115 22.73 3.15 -11.08
C ASP A 115 24.03 3.12 -10.28
N GLY A 116 24.92 2.19 -10.58
CA GLY A 116 26.13 2.11 -9.80
C GLY A 116 27.05 0.97 -10.15
N VAL A 117 28.10 0.88 -9.35
CA VAL A 117 29.15 -0.11 -9.51
C VAL A 117 29.40 -0.66 -8.12
N ALA A 118 29.45 -1.98 -8.04
CA ALA A 118 29.81 -2.64 -6.80
C ALA A 118 31.07 -3.50 -7.03
N TYR A 119 31.73 -3.86 -5.94
CA TYR A 119 33.01 -4.56 -5.99
C TYR A 119 33.04 -5.70 -4.98
N SER A 120 33.56 -6.85 -5.40
CA SER A 120 33.81 -7.97 -4.47
C SER A 120 34.96 -8.81 -5.01
N LYS A 121 36.04 -8.86 -4.24
CA LYS A 121 37.25 -9.57 -4.63
C LYS A 121 37.03 -11.09 -4.56
N HIS A 122 37.25 -11.76 -5.70
CA HIS A 122 37.08 -13.22 -5.79
C HIS A 122 38.38 -13.92 -5.38
N MSE B 1 57.22 -0.02 -20.31
CA MSE B 1 56.27 -0.85 -19.50
C MSE B 1 55.23 0.02 -18.76
O MSE B 1 55.13 0.01 -17.51
CB MSE B 1 57.06 -1.77 -18.54
CG MSE B 1 56.27 -2.94 -17.95
SE MSE B 1 57.20 -4.50 -17.78
CE MSE B 1 58.86 -3.96 -17.30
N LYS B 2 54.46 0.79 -19.53
CA LYS B 2 53.37 1.62 -18.98
C LYS B 2 52.17 0.71 -18.69
N THR B 3 51.45 0.98 -17.60
CA THR B 3 50.29 0.15 -17.27
C THR B 3 49.05 0.61 -18.05
N ILE B 4 48.72 1.90 -17.97
CA ILE B 4 47.57 2.44 -18.67
C ILE B 4 47.93 2.69 -20.14
N ARG B 5 47.13 2.13 -21.05
CA ARG B 5 47.34 2.40 -22.45
C ARG B 5 46.19 3.25 -22.97
N ARG B 6 46.54 4.26 -23.77
CA ARG B 6 45.58 5.20 -24.31
C ARG B 6 45.52 5.10 -25.85
N TYR B 7 44.35 4.80 -26.41
CA TYR B 7 44.19 4.58 -27.86
C TYR B 7 43.28 5.64 -28.46
N ASP B 8 43.41 5.90 -29.76
CA ASP B 8 42.54 6.86 -30.43
C ASP B 8 42.51 8.22 -29.71
N VAL B 9 43.70 8.74 -29.39
CA VAL B 9 43.86 9.98 -28.67
C VAL B 9 43.53 11.18 -29.55
N ASN B 10 42.73 12.11 -29.02
CA ASN B 10 42.39 13.33 -29.74
C ASN B 10 43.11 14.51 -29.09
N GLU B 11 44.18 14.96 -29.74
CA GLU B 11 45.05 16.01 -29.22
C GLU B 11 44.39 17.37 -29.06
N ASP B 12 43.50 17.73 -29.99
CA ASP B 12 42.79 19.02 -29.96
C ASP B 12 41.74 19.13 -28.86
N ARG B 13 41.04 18.03 -28.60
CA ARG B 13 39.97 18.06 -27.59
C ARG B 13 40.50 17.71 -26.19
N GLY B 14 41.67 17.08 -26.13
CA GLY B 14 42.22 16.66 -24.83
C GLY B 14 41.47 15.47 -24.24
N HIS B 15 41.21 14.46 -25.05
CA HIS B 15 40.58 13.23 -24.56
C HIS B 15 41.18 11.98 -25.23
N THR B 16 40.98 10.82 -24.62
CA THR B 16 41.41 9.56 -25.19
C THR B 16 40.17 8.75 -25.58
N GLY B 17 40.14 8.26 -26.81
CA GLY B 17 38.97 7.55 -27.35
C GLY B 17 38.68 6.28 -26.56
N LEU B 18 39.73 5.56 -26.21
CA LEU B 18 39.60 4.34 -25.44
C LEU B 18 40.82 4.19 -24.53
N VAL B 19 40.57 4.06 -23.22
CA VAL B 19 41.63 3.89 -22.25
C VAL B 19 41.55 2.46 -21.77
N GLU B 20 42.68 1.74 -21.85
CA GLU B 20 42.78 0.39 -21.34
C GLU B 20 43.46 0.46 -19.98
N ALA B 21 42.84 -0.16 -18.97
CA ALA B 21 43.32 -0.14 -17.61
C ALA B 21 43.12 -1.54 -17.08
N GLY B 22 44.16 -2.36 -17.14
CA GLY B 22 44.04 -3.77 -16.72
C GLY B 22 43.02 -4.50 -17.58
N ASP B 23 41.95 -5.02 -16.95
CA ASP B 23 40.92 -5.80 -17.64
C ASP B 23 39.76 -4.93 -18.16
N PHE B 24 39.81 -3.62 -17.89
CA PHE B 24 38.71 -2.70 -18.21
C PHE B 24 39.07 -1.66 -19.25
N TYR B 25 38.08 -1.31 -20.09
CA TYR B 25 38.30 -0.41 -21.19
C TYR B 25 37.27 0.69 -21.12
N TYR B 26 37.73 1.93 -21.11
CA TYR B 26 36.84 3.09 -20.95
C TYR B 26 36.74 3.86 -22.26
N LEU B 27 35.51 3.94 -22.78
CA LEU B 27 35.24 4.66 -24.03
C LEU B 27 34.85 6.10 -23.77
N ASN B 28 35.56 7.01 -24.42
CA ASN B 28 35.17 8.41 -24.52
C ASN B 28 33.76 8.45 -25.19
N TYR B 29 33.06 9.59 -25.09
CA TYR B 29 31.74 9.69 -25.74
C TYR B 29 31.90 9.36 -27.23
N CYS B 30 30.94 8.60 -27.75
CA CYS B 30 30.93 8.18 -29.13
C CYS B 30 29.79 8.85 -29.88
N VAL B 31 30.12 9.31 -31.07
CA VAL B 31 29.28 10.15 -31.87
C VAL B 31 29.50 9.75 -33.32
N GLY B 32 28.45 9.75 -34.14
CA GLY B 32 28.56 9.38 -35.56
C GLY B 32 27.38 9.83 -36.42
N ASN B 33 27.57 9.86 -37.74
CA ASN B 33 26.54 10.27 -38.71
C ASN B 33 25.87 11.60 -38.32
N VAL B 34 26.63 12.64 -37.94
CA VAL B 34 25.94 13.82 -37.37
C VAL B 34 25.27 14.67 -38.44
N GLY B 35 24.18 15.33 -38.04
CA GLY B 35 23.32 16.00 -38.99
C GLY B 35 22.25 15.09 -39.54
N GLN B 36 22.34 13.79 -39.27
CA GLN B 36 21.32 12.87 -39.74
C GLN B 36 20.25 12.67 -38.66
N ASP B 37 19.25 11.84 -38.94
CA ASP B 37 18.12 11.65 -38.02
C ASP B 37 18.47 10.81 -36.79
N ILE B 38 17.63 10.83 -35.75
CA ILE B 38 17.97 10.14 -34.50
C ILE B 38 18.45 8.69 -34.70
N GLU B 39 17.73 7.88 -35.48
CA GLU B 39 18.10 6.47 -35.65
C GLU B 39 19.52 6.36 -36.24
N SER B 40 19.81 7.20 -37.24
N SER B 40 19.81 7.20 -37.24
CA SER B 40 21.12 7.21 -37.91
CA SER B 40 21.11 7.18 -37.89
C SER B 40 22.25 7.67 -36.98
C SER B 40 22.23 7.64 -36.95
N GLN B 41 21.96 8.59 -36.07
CA GLN B 41 22.99 9.10 -35.14
C GLN B 41 23.26 8.06 -34.08
N ILE B 42 22.23 7.31 -33.72
CA ILE B 42 22.38 6.20 -32.79
C ILE B 42 23.25 5.10 -33.41
N ASN B 43 22.94 4.69 -34.64
CA ASN B 43 23.81 3.76 -35.40
C ASN B 43 25.23 4.29 -35.60
N GLY B 44 25.36 5.58 -35.91
CA GLY B 44 26.65 6.21 -36.03
C GLY B 44 27.42 6.17 -34.72
N ALA B 45 26.76 6.41 -33.60
CA ALA B 45 27.47 6.39 -32.33
C ALA B 45 27.97 4.97 -32.05
N PHE B 46 27.14 3.96 -32.32
CA PHE B 46 27.50 2.58 -32.05
C PHE B 46 28.58 2.07 -33.02
N ASP B 47 28.60 2.60 -34.25
CA ASP B 47 29.69 2.32 -35.20
C ASP B 47 31.03 2.82 -34.65
N GLU B 48 31.06 4.04 -34.05
CA GLU B 48 32.28 4.53 -33.41
C GLU B 48 32.69 3.63 -32.23
N MSE B 49 31.70 3.26 -31.41
CA MSE B 49 31.94 2.37 -30.26
C MSE B 49 32.61 1.06 -30.73
O MSE B 49 33.60 0.63 -30.15
CB MSE B 49 30.64 2.11 -29.49
CG MSE B 49 30.81 1.21 -28.26
SE MSE B 49 29.34 1.02 -27.19
CE MSE B 49 28.14 0.38 -28.33
N GLU B 50 32.05 0.45 -31.78
CA GLU B 50 32.63 -0.75 -32.38
C GLU B 50 34.03 -0.52 -32.95
N ARG B 51 34.21 0.62 -33.63
CA ARG B 51 35.50 0.98 -34.19
C ARG B 51 36.53 1.04 -33.08
N ARG B 52 36.20 1.71 -31.98
CA ARG B 52 37.17 1.88 -30.91
C ARG B 52 37.47 0.55 -30.23
N LEU B 53 36.44 -0.24 -29.98
CA LEU B 53 36.57 -1.55 -29.40
C LEU B 53 37.43 -2.49 -30.26
N ALA B 54 37.32 -2.36 -31.58
CA ALA B 54 38.13 -3.15 -32.49
C ALA B 54 39.64 -2.87 -32.38
N LEU B 55 40.02 -1.70 -31.87
CA LEU B 55 41.44 -1.40 -31.62
C LEU B 55 42.12 -2.37 -30.63
N VAL B 56 41.31 -3.01 -29.78
CA VAL B 56 41.83 -3.92 -28.77
C VAL B 56 41.26 -5.32 -28.99
N GLY B 57 40.74 -5.56 -30.19
CA GLY B 57 40.22 -6.86 -30.58
C GLY B 57 38.93 -7.25 -29.88
N LEU B 58 38.17 -6.25 -29.44
CA LEU B 58 36.91 -6.51 -28.74
C LEU B 58 35.71 -6.17 -29.63
N THR B 59 34.56 -6.52 -29.10
CA THR B 59 33.29 -6.55 -29.79
C THR B 59 32.27 -6.02 -28.75
N LEU B 60 31.09 -5.60 -29.22
CA LEU B 60 29.97 -5.18 -28.35
C LEU B 60 29.60 -6.20 -27.27
N ASP B 61 29.89 -7.49 -27.51
CA ASP B 61 29.72 -8.54 -26.50
C ASP B 61 30.59 -8.25 -25.24
N ALA B 62 31.66 -7.46 -25.39
CA ALA B 62 32.51 -7.11 -24.24
C ALA B 62 31.98 -5.91 -23.45
N VAL B 63 30.97 -5.22 -23.97
CA VAL B 63 30.52 -4.01 -23.30
C VAL B 63 29.65 -4.31 -22.07
N VAL B 64 30.08 -3.78 -20.91
CA VAL B 64 29.41 -4.07 -19.64
C VAL B 64 28.48 -2.96 -19.18
N GLN B 65 28.76 -1.72 -19.57
CA GLN B 65 27.97 -0.57 -19.08
C GLN B 65 28.01 0.55 -20.13
N MSE B 66 26.90 1.25 -20.28
CA MSE B 66 26.76 2.27 -21.33
C MSE B 66 25.96 3.42 -20.76
O MSE B 66 24.93 3.20 -20.15
CB MSE B 66 25.97 1.67 -22.49
CG MSE B 66 26.61 1.83 -23.86
SE MSE B 66 25.90 0.79 -25.17
CE MSE B 66 24.18 0.81 -24.78
N ASP B 67 26.45 4.64 -20.94
CA ASP B 67 25.67 5.83 -20.61
C ASP B 67 25.19 6.43 -21.94
N CYS B 68 23.90 6.66 -22.08
CA CYS B 68 23.35 7.17 -23.35
C CYS B 68 22.85 8.60 -23.17
N LEU B 69 23.37 9.52 -23.98
CA LEU B 69 23.03 10.93 -23.81
C LEU B 69 22.11 11.37 -24.96
N PHE B 70 20.93 11.91 -24.64
CA PHE B 70 19.96 12.28 -25.66
C PHE B 70 19.64 13.75 -25.53
N ARG B 71 19.50 14.45 -26.66
CA ARG B 71 18.91 15.77 -26.63
C ARG B 71 17.41 15.66 -26.22
N ASP B 72 16.76 14.56 -26.64
CA ASP B 72 15.36 14.24 -26.33
C ASP B 72 15.33 12.80 -25.81
N VAL B 73 15.27 12.63 -24.50
CA VAL B 73 15.33 11.30 -23.88
C VAL B 73 14.14 10.40 -24.28
N TRP B 74 13.05 10.99 -24.74
CA TRP B 74 11.91 10.21 -25.27
C TRP B 74 12.23 9.37 -26.54
N ASN B 75 13.44 9.55 -27.07
CA ASN B 75 13.97 8.71 -28.14
C ASN B 75 14.56 7.37 -27.65
N ILE B 76 14.53 7.10 -26.34
CA ILE B 76 14.96 5.79 -25.82
C ILE B 76 14.41 4.58 -26.63
N PRO B 77 13.10 4.53 -26.96
CA PRO B 77 12.64 3.40 -27.78
C PRO B 77 13.31 3.27 -29.16
N VAL B 78 13.74 4.38 -29.75
CA VAL B 78 14.49 4.32 -31.02
C VAL B 78 15.80 3.61 -30.71
N MSE B 79 16.48 4.00 -29.64
CA MSE B 79 17.75 3.37 -29.28
C MSE B 79 17.57 1.89 -28.93
O MSE B 79 18.41 1.07 -29.29
CB MSE B 79 18.46 4.12 -28.13
CG MSE B 79 19.82 3.46 -27.70
SE MSE B 79 20.60 4.06 -26.17
CE MSE B 79 19.29 3.62 -24.99
N GLU B 80 16.50 1.57 -28.21
CA GLU B 80 16.23 0.20 -27.77
C GLU B 80 16.06 -0.75 -28.93
N LYS B 81 15.38 -0.30 -29.99
CA LYS B 81 15.23 -1.06 -31.24
C LYS B 81 16.61 -1.35 -31.86
N MSE B 82 17.46 -0.33 -31.90
CA MSE B 82 18.78 -0.44 -32.50
C MSE B 82 19.72 -1.33 -31.67
O MSE B 82 20.56 -2.04 -32.22
CB MSE B 82 19.38 0.96 -32.64
CG MSE B 82 19.76 1.33 -34.06
SE MSE B 82 18.50 1.05 -35.38
CE MSE B 82 18.24 -0.69 -35.32
N ILE B 83 19.57 -1.27 -30.35
CA ILE B 83 20.31 -2.13 -29.43
C ILE B 83 19.98 -3.61 -29.71
N LYS B 84 18.68 -3.91 -29.84
CA LYS B 84 18.25 -5.28 -30.01
C LYS B 84 18.77 -5.85 -31.34
N GLU B 85 18.85 -5.01 -32.36
CA GLU B 85 19.43 -5.41 -33.66
C GLU B 85 20.95 -5.58 -33.66
N ARG B 86 21.66 -4.78 -32.86
CA ARG B 86 23.12 -4.79 -32.89
C ARG B 86 23.86 -5.55 -31.79
N PHE B 87 23.21 -5.72 -30.64
CA PHE B 87 23.78 -6.44 -29.49
C PHE B 87 23.39 -7.93 -29.39
N ASN B 88 22.36 -8.34 -30.14
CA ASN B 88 22.03 -9.76 -30.31
C ASN B 88 21.85 -10.55 -29.01
N GLY B 89 20.97 -10.09 -28.14
CA GLY B 89 20.67 -10.82 -26.91
C GLY B 89 21.70 -10.69 -25.80
N ARG B 90 22.83 -10.02 -26.06
CA ARG B 90 23.80 -9.74 -25.01
C ARG B 90 23.94 -8.24 -24.75
N TYR B 91 23.29 -7.77 -23.67
CA TYR B 91 23.15 -6.34 -23.38
C TYR B 91 23.93 -5.88 -22.17
N PRO B 92 24.46 -4.64 -22.20
CA PRO B 92 25.07 -4.03 -21.01
C PRO B 92 24.04 -3.45 -20.02
N ALA B 93 24.49 -3.22 -18.77
CA ALA B 93 23.76 -2.35 -17.86
C ALA B 93 23.79 -0.96 -18.49
N ARG B 94 22.73 -0.18 -18.33
CA ARG B 94 22.77 1.18 -18.84
C ARG B 94 22.03 2.20 -18.01
N LYS B 95 22.24 3.46 -18.35
CA LYS B 95 21.33 4.51 -17.96
C LYS B 95 21.24 5.51 -19.10
N SER B 96 20.16 6.27 -19.14
CA SER B 96 19.95 7.30 -20.18
C SER B 96 19.74 8.67 -19.50
N ILE B 97 20.23 9.71 -20.14
CA ILE B 97 20.19 11.08 -19.58
C ILE B 97 19.81 12.03 -20.71
N GLN B 98 19.00 13.03 -20.41
CA GLN B 98 18.77 14.10 -21.36
C GLN B 98 19.73 15.23 -21.05
N THR B 99 20.41 15.74 -22.05
CA THR B 99 21.34 16.86 -21.84
C THR B 99 21.41 17.74 -23.09
N GLU B 100 21.74 19.00 -22.89
CA GLU B 100 22.14 19.84 -23.98
C GLU B 100 23.54 19.38 -24.36
N PHE B 101 23.95 19.75 -25.56
CA PHE B 101 25.29 19.47 -26.05
C PHE B 101 25.93 20.81 -26.44
N ALA B 102 27.26 20.87 -26.40
CA ALA B 102 27.99 22.05 -26.90
C ALA B 102 28.05 22.05 -28.43
N HIS B 103 26.91 21.74 -29.06
N HIS B 103 26.90 21.76 -29.04
CA HIS B 103 26.76 21.76 -30.52
CA HIS B 103 26.72 21.67 -30.48
C HIS B 103 25.29 22.03 -30.79
C HIS B 103 25.27 22.06 -30.76
N HIS B 104 25.00 22.75 -31.88
CA HIS B 104 23.62 23.16 -32.20
C HIS B 104 22.68 21.95 -32.29
N GLY B 105 21.40 22.14 -31.95
CA GLY B 105 20.36 21.15 -32.25
C GLY B 105 19.66 21.52 -33.55
N GLY B 106 18.37 21.21 -33.64
CA GLY B 106 17.61 21.54 -34.85
C GLY B 106 18.10 20.81 -36.10
N PRO B 107 17.83 21.37 -37.30
CA PRO B 107 18.13 20.63 -38.54
C PRO B 107 19.63 20.35 -38.63
N GLN B 108 19.96 19.11 -38.99
CA GLN B 108 21.34 18.64 -38.96
C GLN B 108 22.07 18.88 -37.63
N GLY B 109 21.36 18.94 -36.51
CA GLY B 109 22.02 19.14 -35.23
C GLY B 109 22.45 17.83 -34.59
N LEU B 110 23.19 17.90 -33.49
CA LEU B 110 23.63 16.72 -32.77
C LEU B 110 22.54 16.26 -31.82
N LEU B 111 22.16 14.98 -31.88
CA LEU B 111 21.04 14.46 -31.11
C LEU B 111 21.40 13.41 -30.06
N PHE B 112 22.59 12.81 -30.16
CA PHE B 112 22.87 11.59 -29.41
C PHE B 112 24.38 11.34 -29.27
N GLN B 113 24.77 10.90 -28.08
CA GLN B 113 26.14 10.43 -27.82
C GLN B 113 26.03 9.21 -26.94
N VAL B 114 27.04 8.35 -26.97
CA VAL B 114 27.09 7.23 -26.05
C VAL B 114 28.51 7.03 -25.54
N ASP B 115 28.65 6.58 -24.30
CA ASP B 115 29.94 6.14 -23.81
C ASP B 115 29.77 4.81 -23.11
N GLY B 116 30.84 4.25 -22.55
CA GLY B 116 30.70 2.99 -21.84
C GLY B 116 31.99 2.44 -21.27
N VAL B 117 31.85 1.31 -20.59
CA VAL B 117 32.94 0.52 -20.08
C VAL B 117 32.86 -0.86 -20.78
N ALA B 118 33.99 -1.40 -21.21
CA ALA B 118 34.08 -2.78 -21.70
C ALA B 118 35.03 -3.63 -20.83
N TYR B 119 34.99 -4.96 -20.98
CA TYR B 119 35.79 -5.82 -20.13
C TYR B 119 36.37 -6.98 -20.93
N SER B 120 37.60 -7.37 -20.58
CA SER B 120 38.24 -8.52 -21.15
C SER B 120 39.36 -9.00 -20.21
N LYS B 121 39.14 -10.15 -19.60
CA LYS B 121 40.07 -10.73 -18.61
C LYS B 121 41.43 -11.15 -19.21
N HIS B 122 42.51 -10.62 -18.64
CA HIS B 122 43.88 -11.13 -18.90
C HIS B 122 44.35 -12.09 -17.78
N THR C 3 37.96 -5.49 2.00
CA THR C 3 38.91 -5.21 0.88
C THR C 3 38.69 -3.79 0.36
N ILE C 4 37.48 -3.24 0.50
CA ILE C 4 37.24 -1.87 0.05
C ILE C 4 37.80 -0.85 1.06
N ARG C 5 38.62 0.10 0.59
CA ARG C 5 39.01 1.20 1.48
C ARG C 5 38.31 2.49 1.07
N ARG C 6 37.89 3.24 2.07
CA ARG C 6 37.15 4.48 1.85
C ARG C 6 37.90 5.67 2.44
N TYR C 7 38.23 6.65 1.62
CA TYR C 7 39.03 7.79 2.04
C TYR C 7 38.22 9.04 1.90
N ASP C 8 38.56 10.06 2.66
CA ASP C 8 37.86 11.35 2.61
C ASP C 8 36.31 11.20 2.73
N VAL C 9 35.87 10.57 3.80
CA VAL C 9 34.47 10.32 4.01
C VAL C 9 33.87 11.61 4.55
N ASN C 10 32.71 11.96 4.00
CA ASN C 10 31.91 13.10 4.43
C ASN C 10 30.58 12.60 5.02
N GLU C 11 30.52 12.58 6.34
CA GLU C 11 29.38 12.05 7.08
C GLU C 11 28.08 12.83 6.88
N ASP C 12 28.16 14.16 6.88
CA ASP C 12 27.00 15.04 6.64
C ASP C 12 26.36 14.81 5.28
N ARG C 13 27.18 14.49 4.30
CA ARG C 13 26.76 14.38 2.92
C ARG C 13 26.47 12.91 2.56
N GLY C 14 26.91 11.99 3.42
CA GLY C 14 26.84 10.55 3.15
C GLY C 14 27.52 10.12 1.84
N HIS C 15 28.75 10.56 1.61
CA HIS C 15 29.52 10.03 0.50
C HIS C 15 30.98 9.83 0.87
N THR C 16 31.68 9.11 0.01
CA THR C 16 33.12 8.89 0.16
C THR C 16 33.81 9.61 -0.99
N GLY C 17 34.80 10.43 -0.62
CA GLY C 17 35.52 11.20 -1.61
C GLY C 17 36.28 10.33 -2.59
N LEU C 18 36.87 9.25 -2.09
CA LEU C 18 37.66 8.35 -2.92
C LEU C 18 37.52 6.94 -2.38
N VAL C 19 37.03 6.05 -3.23
CA VAL C 19 36.85 4.65 -2.89
C VAL C 19 37.87 3.82 -3.64
N GLU C 20 38.69 3.08 -2.90
CA GLU C 20 39.67 2.18 -3.45
C GLU C 20 39.07 0.78 -3.50
N ALA C 21 38.99 0.23 -4.70
CA ALA C 21 38.41 -1.10 -4.96
C ALA C 21 39.37 -1.87 -5.85
N GLY C 22 40.26 -2.63 -5.23
CA GLY C 22 41.27 -3.36 -5.96
C GLY C 22 42.27 -2.39 -6.56
N ASP C 23 42.40 -2.46 -7.87
CA ASP C 23 43.26 -1.55 -8.66
C ASP C 23 42.56 -0.26 -9.12
N PHE C 24 41.30 -0.10 -8.74
CA PHE C 24 40.50 1.03 -9.18
C PHE C 24 40.07 1.94 -8.07
N TYR C 25 39.97 3.23 -8.40
CA TYR C 25 39.69 4.28 -7.44
C TYR C 25 38.55 5.10 -7.99
N TYR C 26 37.47 5.23 -7.23
CA TYR C 26 36.30 5.97 -7.68
C TYR C 26 36.25 7.25 -6.88
N LEU C 27 36.21 8.35 -7.61
CA LEU C 27 36.17 9.70 -7.08
C LEU C 27 34.75 10.21 -7.04
N ASN C 28 34.35 10.71 -5.89
CA ASN C 28 33.11 11.41 -5.70
C ASN C 28 33.14 12.70 -6.53
N TYR C 29 32.00 13.35 -6.78
CA TYR C 29 32.09 14.64 -7.48
C TYR C 29 33.09 15.52 -6.72
N CYS C 30 33.90 16.24 -7.49
CA CYS C 30 34.87 17.19 -6.98
C CYS C 30 34.47 18.59 -7.39
N VAL C 31 34.68 19.50 -6.46
CA VAL C 31 34.32 20.87 -6.65
C VAL C 31 35.37 21.76 -5.98
N GLY C 32 35.60 22.95 -6.52
CA GLY C 32 36.50 23.89 -5.82
C GLY C 32 36.37 25.34 -6.28
N ASN C 33 37.04 26.23 -5.54
CA ASN C 33 37.00 27.67 -5.76
C ASN C 33 35.58 28.16 -5.99
N VAL C 34 34.61 27.78 -5.15
CA VAL C 34 33.23 28.16 -5.52
C VAL C 34 32.96 29.65 -5.30
N GLY C 35 32.05 30.18 -6.09
CA GLY C 35 31.83 31.62 -6.13
C GLY C 35 32.65 32.31 -7.22
N GLN C 36 33.66 31.61 -7.75
CA GLN C 36 34.55 32.24 -8.71
C GLN C 36 34.09 31.96 -10.15
N ASP C 37 34.82 32.48 -11.14
CA ASP C 37 34.42 32.28 -12.55
C ASP C 37 34.63 30.86 -13.04
N ILE C 38 34.17 30.57 -14.25
CA ILE C 38 34.17 29.18 -14.75
C ILE C 38 35.60 28.60 -14.80
N GLU C 39 36.57 29.34 -15.29
CA GLU C 39 37.95 28.83 -15.34
C GLU C 39 38.46 28.43 -13.95
N SER C 40 38.28 29.32 -12.98
N SER C 40 38.28 29.34 -13.00
CA SER C 40 38.68 29.07 -11.58
CA SER C 40 38.65 29.11 -11.62
C SER C 40 37.97 27.87 -10.96
C SER C 40 37.99 27.87 -11.00
N GLN C 41 36.71 27.67 -11.30
CA GLN C 41 35.96 26.52 -10.77
C GLN C 41 36.42 25.19 -11.37
N ILE C 42 36.84 25.22 -12.62
CA ILE C 42 37.38 24.06 -13.28
C ILE C 42 38.74 23.73 -12.62
N ASN C 43 39.57 24.75 -12.44
CA ASN C 43 40.85 24.58 -11.73
C ASN C 43 40.70 24.06 -10.29
N GLY C 44 39.72 24.60 -9.56
CA GLY C 44 39.42 24.19 -8.20
C GLY C 44 38.90 22.76 -8.10
N ALA C 45 38.04 22.35 -9.03
CA ALA C 45 37.60 20.97 -9.10
C ALA C 45 38.75 19.99 -9.38
N PHE C 46 39.63 20.34 -10.34
CA PHE C 46 40.84 19.54 -10.59
C PHE C 46 41.78 19.52 -9.37
N ASP C 47 41.89 20.65 -8.66
CA ASP C 47 42.69 20.72 -7.41
C ASP C 47 42.18 19.70 -6.40
N GLU C 48 40.85 19.65 -6.20
CA GLU C 48 40.22 18.66 -5.33
C GLU C 48 40.40 17.22 -5.82
N MSE C 49 40.30 16.99 -7.12
CA MSE C 49 40.59 15.66 -7.68
C MSE C 49 42.03 15.24 -7.33
O MSE C 49 42.26 14.12 -6.88
CB MSE C 49 40.33 15.62 -9.20
CG MSE C 49 40.77 14.36 -9.98
SE MSE C 49 40.23 14.46 -11.74
CE MSE C 49 38.51 13.96 -11.56
N GLU C 50 42.97 16.16 -7.50
CA GLU C 50 44.38 15.92 -7.18
C GLU C 50 44.66 15.70 -5.70
N ARG C 51 44.04 16.52 -4.83
N ARG C 51 44.04 16.52 -4.85
CA ARG C 51 44.14 16.31 -3.38
CA ARG C 51 44.12 16.34 -3.41
C ARG C 51 43.69 14.89 -3.04
C ARG C 51 43.67 14.92 -3.01
N ARG C 52 42.55 14.48 -3.60
CA ARG C 52 42.00 13.15 -3.36
C ARG C 52 42.90 12.06 -3.86
N LEU C 53 43.41 12.20 -5.09
CA LEU C 53 44.33 11.21 -5.61
C LEU C 53 45.63 11.11 -4.79
N ALA C 54 46.05 12.24 -4.21
CA ALA C 54 47.27 12.25 -3.41
C ALA C 54 47.09 11.44 -2.14
N LEU C 55 45.85 11.25 -1.69
CA LEU C 55 45.62 10.41 -0.49
C LEU C 55 46.20 9.01 -0.67
N VAL C 56 46.25 8.55 -1.92
CA VAL C 56 46.75 7.20 -2.21
C VAL C 56 48.03 7.20 -3.07
N GLY C 57 48.71 8.34 -3.10
CA GLY C 57 49.96 8.46 -3.82
C GLY C 57 49.77 8.51 -5.32
N LEU C 58 48.57 8.93 -5.78
CA LEU C 58 48.34 9.04 -7.22
C LEU C 58 48.27 10.49 -7.70
N THR C 59 48.41 10.65 -9.02
CA THR C 59 48.31 11.94 -9.69
C THR C 59 47.27 11.84 -10.86
N LEU C 60 47.05 12.95 -11.57
CA LEU C 60 46.15 13.02 -12.74
C LEU C 60 46.49 12.00 -13.83
N ASP C 61 47.73 11.50 -13.77
CA ASP C 61 48.24 10.46 -14.65
C ASP C 61 47.45 9.14 -14.53
N ALA C 62 46.92 8.87 -13.35
CA ALA C 62 46.21 7.62 -13.11
C ALA C 62 44.72 7.71 -13.46
N VAL C 63 44.25 8.89 -13.83
CA VAL C 63 42.84 9.10 -14.20
C VAL C 63 42.49 8.47 -15.57
N VAL C 64 41.51 7.56 -15.58
CA VAL C 64 41.16 6.84 -16.82
C VAL C 64 39.87 7.37 -17.46
N GLN C 65 38.97 7.95 -16.65
CA GLN C 65 37.65 8.38 -17.10
C GLN C 65 37.15 9.51 -16.19
N MSE C 66 36.48 10.51 -16.78
CA MSE C 66 35.94 11.68 -16.07
C MSE C 66 34.56 12.02 -16.60
O MSE C 66 34.35 12.04 -17.79
CB MSE C 66 36.81 12.92 -16.31
CG MSE C 66 38.18 12.90 -15.75
SE MSE C 66 39.02 14.51 -15.64
CE MSE C 66 38.75 15.17 -17.28
N ASP C 67 33.63 12.33 -15.70
CA ASP C 67 32.33 12.87 -16.09
C ASP C 67 32.35 14.32 -15.62
N CYS C 68 32.09 15.24 -16.55
CA CYS C 68 32.17 16.68 -16.28
C CYS C 68 30.77 17.25 -16.31
N LEU C 69 30.36 17.88 -15.21
CA LEU C 69 29.02 18.44 -15.08
C LEU C 69 29.12 19.96 -15.11
N PHE C 70 28.36 20.58 -16.02
CA PHE C 70 28.40 22.01 -16.27
C PHE C 70 27.04 22.56 -16.06
N ARG C 71 26.94 23.74 -15.44
CA ARG C 71 25.68 24.47 -15.52
C ARG C 71 25.38 24.93 -16.99
N ASP C 72 26.43 25.29 -17.72
CA ASP C 72 26.35 25.66 -19.17
C ASP C 72 27.39 24.84 -19.94
N VAL C 73 26.93 23.83 -20.70
CA VAL C 73 27.87 22.88 -21.34
C VAL C 73 28.71 23.52 -22.43
N TRP C 74 28.29 24.68 -22.93
CA TRP C 74 29.10 25.44 -23.89
C TRP C 74 30.44 25.92 -23.31
N ASN C 75 30.65 25.72 -22.01
CA ASN C 75 31.96 26.00 -21.39
C ASN C 75 32.96 24.85 -21.56
N ILE C 76 32.58 23.80 -22.26
CA ILE C 76 33.53 22.74 -22.63
C ILE C 76 34.92 23.27 -23.13
N PRO C 77 34.97 24.27 -24.06
CA PRO C 77 36.33 24.73 -24.47
C PRO C 77 37.18 25.35 -23.34
N VAL C 78 36.55 25.91 -22.31
CA VAL C 78 37.30 26.40 -21.16
C VAL C 78 37.92 25.20 -20.43
N MSE C 79 37.15 24.12 -20.25
CA MSE C 79 37.69 22.94 -19.59
C MSE C 79 38.80 22.30 -20.43
O MSE C 79 39.81 21.87 -19.86
CB MSE C 79 36.60 21.90 -19.24
CG MSE C 79 37.13 20.61 -18.53
SE MSE C 79 35.97 19.20 -18.43
CE MSE C 79 35.60 18.98 -20.20
N GLU C 80 38.62 22.23 -21.74
CA GLU C 80 39.63 21.62 -22.61
C GLU C 80 40.94 22.34 -22.53
N LYS C 81 40.90 23.67 -22.43
CA LYS C 81 42.10 24.48 -22.26
C LYS C 81 42.80 24.09 -20.95
N MSE C 82 42.04 24.00 -19.86
CA MSE C 82 42.65 23.60 -18.59
C MSE C 82 43.17 22.16 -18.59
O MSE C 82 44.16 21.86 -17.94
CB MSE C 82 41.67 23.82 -17.41
CG MSE C 82 41.40 25.30 -17.08
SE MSE C 82 42.85 26.45 -17.19
CE MSE C 82 44.19 25.58 -16.34
N ILE C 83 42.50 21.28 -19.33
CA ILE C 83 42.93 19.89 -19.40
C ILE C 83 44.30 19.77 -20.07
N LYS C 84 44.48 20.50 -21.17
CA LYS C 84 45.71 20.48 -21.91
C LYS C 84 46.86 21.08 -21.08
N GLU C 85 46.54 22.03 -20.22
CA GLU C 85 47.54 22.65 -19.36
C GLU C 85 48.05 21.74 -18.25
N ARG C 86 47.15 20.91 -17.71
CA ARG C 86 47.39 20.21 -16.44
C ARG C 86 47.64 18.70 -16.57
N PHE C 87 47.11 18.09 -17.62
CA PHE C 87 47.19 16.64 -17.78
C PHE C 87 48.41 16.21 -18.56
N ASN C 88 49.25 17.20 -18.90
CA ASN C 88 50.39 17.04 -19.81
C ASN C 88 50.38 15.81 -20.73
N GLY C 89 49.55 15.88 -21.75
CA GLY C 89 49.62 14.94 -22.86
C GLY C 89 48.99 13.58 -22.60
N ARG C 90 48.46 13.37 -21.39
CA ARG C 90 47.87 12.10 -21.01
C ARG C 90 46.44 12.35 -20.54
N TYR C 91 45.50 12.04 -21.43
CA TYR C 91 44.12 12.43 -21.22
C TYR C 91 43.23 11.23 -20.91
N PRO C 92 42.26 11.43 -20.03
CA PRO C 92 41.29 10.37 -19.83
C PRO C 92 40.21 10.33 -20.91
N ALA C 93 39.43 9.25 -20.92
CA ALA C 93 38.17 9.21 -21.65
C ALA C 93 37.19 10.10 -20.86
N ARG C 94 36.23 10.73 -21.53
CA ARG C 94 35.24 11.49 -20.78
C ARG C 94 33.92 11.73 -21.47
N LYS C 95 32.95 12.23 -20.70
CA LYS C 95 31.75 12.79 -21.26
C LYS C 95 31.38 14.06 -20.48
N SER C 96 30.63 14.95 -21.12
CA SER C 96 30.18 16.18 -20.49
C SER C 96 28.67 16.22 -20.52
N ILE C 97 28.11 16.71 -19.43
CA ILE C 97 26.65 16.74 -19.20
C ILE C 97 26.31 18.14 -18.69
N GLN C 98 25.22 18.71 -19.20
CA GLN C 98 24.70 19.91 -18.65
C GLN C 98 23.65 19.52 -17.64
N THR C 99 23.77 20.06 -16.44
CA THR C 99 22.81 19.75 -15.39
C THR C 99 22.58 20.94 -14.46
N GLU C 100 21.41 20.98 -13.84
CA GLU C 100 21.22 21.85 -12.69
C GLU C 100 21.97 21.26 -11.48
N PHE C 101 22.35 22.12 -10.55
CA PHE C 101 22.91 21.69 -9.27
C PHE C 101 21.96 22.05 -8.11
N ALA C 102 22.07 21.30 -7.01
CA ALA C 102 21.40 21.71 -5.77
C ALA C 102 22.16 22.87 -5.06
N HIS C 103 22.54 23.88 -5.84
N HIS C 103 22.53 23.88 -5.85
CA HIS C 103 23.18 25.11 -5.33
CA HIS C 103 23.17 25.09 -5.35
C HIS C 103 22.88 26.18 -6.35
C HIS C 103 22.80 26.18 -6.35
N HIS C 104 22.77 27.43 -5.89
CA HIS C 104 22.35 28.52 -6.73
C HIS C 104 23.38 28.82 -7.85
N GLY C 105 22.89 29.31 -9.00
CA GLY C 105 23.78 29.79 -10.07
C GLY C 105 23.96 31.29 -9.88
N GLY C 106 24.06 32.02 -11.00
CA GLY C 106 24.22 33.47 -10.98
C GLY C 106 25.54 33.88 -10.37
N PRO C 107 25.63 35.14 -9.87
CA PRO C 107 26.88 35.64 -9.25
C PRO C 107 27.34 34.76 -8.08
N GLN C 108 28.58 34.32 -8.12
CA GLN C 108 29.11 33.42 -7.06
C GLN C 108 28.39 32.07 -6.91
N GLY C 109 27.71 31.62 -7.96
CA GLY C 109 27.06 30.32 -7.91
C GLY C 109 27.98 29.18 -8.33
N LEU C 110 27.51 27.94 -8.21
CA LEU C 110 28.24 26.77 -8.65
C LEU C 110 28.06 26.55 -10.14
N LEU C 111 29.16 26.40 -10.87
CA LEU C 111 29.16 26.28 -12.32
C LEU C 111 29.64 24.92 -12.83
N PHE C 112 30.38 24.18 -11.99
CA PHE C 112 31.13 23.01 -12.47
C PHE C 112 31.42 21.99 -11.37
N GLN C 113 31.30 20.70 -11.73
CA GLN C 113 31.82 19.59 -10.92
C GLN C 113 32.40 18.56 -11.87
N VAL C 114 33.27 17.71 -11.35
CA VAL C 114 33.84 16.62 -12.13
C VAL C 114 34.00 15.40 -11.22
N ASP C 115 33.75 14.21 -11.73
CA ASP C 115 34.06 13.02 -10.95
C ASP C 115 34.86 12.15 -11.88
N GLY C 116 35.34 11.02 -11.43
CA GLY C 116 36.16 10.19 -12.30
C GLY C 116 36.49 8.82 -11.74
N VAL C 117 37.30 8.09 -12.49
CA VAL C 117 37.80 6.79 -12.13
C VAL C 117 39.30 6.83 -12.35
N ALA C 118 40.06 6.34 -11.38
CA ALA C 118 41.50 6.20 -11.54
C ALA C 118 41.98 4.74 -11.40
N TYR C 119 43.18 4.47 -11.89
CA TYR C 119 43.74 3.13 -11.93
C TYR C 119 45.18 3.11 -11.44
N SER C 120 45.52 2.13 -10.62
CA SER C 120 46.90 1.84 -10.27
C SER C 120 47.05 0.33 -10.03
N LYS C 121 47.93 -0.31 -10.78
CA LYS C 121 48.05 -1.75 -10.70
C LYS C 121 48.85 -2.15 -9.47
N HIS C 122 48.22 -2.92 -8.60
CA HIS C 122 48.87 -3.57 -7.48
C HIS C 122 49.34 -4.95 -7.93
N THR D 3 -34.70 -42.74 49.44
CA THR D 3 -34.65 -42.64 47.98
C THR D 3 -34.35 -41.22 47.49
N ILE D 4 -34.05 -41.16 46.21
CA ILE D 4 -33.86 -39.95 45.48
C ILE D 4 -35.24 -39.33 45.24
N ARG D 5 -35.38 -38.04 45.49
CA ARG D 5 -36.66 -37.40 45.25
C ARG D 5 -36.55 -36.47 44.06
N ARG D 6 -37.55 -36.49 43.20
CA ARG D 6 -37.55 -35.71 41.95
C ARG D 6 -38.70 -34.70 41.91
N TYR D 7 -38.37 -33.41 41.80
CA TYR D 7 -39.35 -32.32 41.82
C TYR D 7 -39.36 -31.55 40.48
N ASP D 8 -40.47 -30.86 40.20
CA ASP D 8 -40.51 -30.02 39.01
C ASP D 8 -40.09 -30.82 37.76
N VAL D 9 -40.70 -32.00 37.59
CA VAL D 9 -40.34 -32.86 36.46
C VAL D 9 -40.92 -32.31 35.12
N ASN D 10 -40.10 -32.28 34.08
CA ASN D 10 -40.57 -31.95 32.72
C ASN D 10 -40.54 -33.19 31.85
N GLU D 11 -41.70 -33.79 31.64
CA GLU D 11 -41.81 -35.06 30.93
C GLU D 11 -41.41 -34.99 29.45
N ASP D 12 -41.74 -33.88 28.79
CA ASP D 12 -41.42 -33.68 27.37
C ASP D 12 -39.94 -33.50 27.15
N ARG D 13 -39.27 -32.75 28.02
CA ARG D 13 -37.84 -32.54 27.87
C ARG D 13 -37.04 -33.69 28.51
N GLY D 14 -37.71 -34.59 29.23
CA GLY D 14 -36.98 -35.65 29.93
C GLY D 14 -35.95 -35.15 30.94
N HIS D 15 -36.36 -34.18 31.77
CA HIS D 15 -35.51 -33.77 32.88
C HIS D 15 -36.29 -33.50 34.16
N THR D 16 -35.55 -33.47 35.26
CA THR D 16 -36.10 -33.14 36.58
C THR D 16 -35.52 -31.77 36.99
N GLY D 17 -36.37 -30.82 37.34
CA GLY D 17 -35.92 -29.49 37.72
C GLY D 17 -35.04 -29.46 38.96
N LEU D 18 -35.35 -30.32 39.92
CA LEU D 18 -34.58 -30.40 41.14
C LEU D 18 -34.57 -31.83 41.67
N VAL D 19 -33.37 -32.40 41.83
CA VAL D 19 -33.23 -33.72 42.41
C VAL D 19 -32.67 -33.65 43.83
N GLU D 20 -33.39 -34.28 44.77
CA GLU D 20 -32.95 -34.40 46.14
C GLU D 20 -32.32 -35.76 46.32
N ALA D 21 -31.08 -35.75 46.81
CA ALA D 21 -30.29 -36.96 46.99
C ALA D 21 -29.60 -36.81 48.35
N GLY D 22 -30.16 -37.41 49.40
CA GLY D 22 -29.64 -37.18 50.75
C GLY D 22 -29.68 -35.71 51.19
N ASP D 23 -28.53 -35.17 51.60
CA ASP D 23 -28.46 -33.74 51.96
C ASP D 23 -28.19 -32.76 50.76
N PHE D 24 -28.12 -33.30 49.54
CA PHE D 24 -27.78 -32.51 48.35
C PHE D 24 -28.91 -32.40 47.33
N TYR D 25 -28.92 -31.27 46.62
CA TYR D 25 -30.02 -30.90 45.73
C TYR D 25 -29.36 -30.45 44.40
N TYR D 26 -29.70 -31.15 43.33
CA TYR D 26 -29.15 -30.87 42.00
C TYR D 26 -30.21 -30.17 41.17
N LEU D 27 -29.88 -28.96 40.74
CA LEU D 27 -30.70 -28.14 39.89
C LEU D 27 -30.42 -28.41 38.44
N ASN D 28 -31.48 -28.64 37.67
CA ASN D 28 -31.43 -28.63 36.23
C ASN D 28 -31.06 -27.22 35.76
N TYR D 29 -30.57 -27.09 34.53
CA TYR D 29 -30.36 -25.75 33.96
C TYR D 29 -31.62 -24.88 34.21
N CYS D 30 -31.38 -23.63 34.57
CA CYS D 30 -32.43 -22.64 34.87
C CYS D 30 -32.37 -21.51 33.86
N VAL D 31 -33.52 -21.12 33.31
CA VAL D 31 -33.64 -20.03 32.36
C VAL D 31 -34.92 -19.24 32.65
N GLY D 32 -34.93 -17.97 32.26
CA GLY D 32 -36.18 -17.19 32.34
C GLY D 32 -36.02 -15.82 31.70
N ASN D 33 -37.10 -15.05 31.71
CA ASN D 33 -37.15 -13.75 31.00
C ASN D 33 -36.63 -13.93 29.58
N VAL D 34 -37.17 -14.97 28.95
CA VAL D 34 -36.87 -15.36 27.59
C VAL D 34 -36.99 -14.16 26.63
N GLY D 35 -35.95 -13.95 25.82
CA GLY D 35 -35.92 -12.87 24.82
C GLY D 35 -35.66 -11.46 25.34
N GLN D 36 -35.35 -11.30 26.62
CA GLN D 36 -35.00 -9.98 27.15
C GLN D 36 -33.48 -9.79 27.16
N ASP D 37 -33.02 -8.68 27.71
CA ASP D 37 -31.59 -8.37 27.72
C ASP D 37 -30.82 -9.24 28.74
N ILE D 38 -29.48 -9.17 28.68
CA ILE D 38 -28.64 -10.07 29.47
C ILE D 38 -28.97 -9.97 30.97
N GLU D 39 -29.09 -8.75 31.50
CA GLU D 39 -29.47 -8.55 32.91
C GLU D 39 -30.79 -9.22 33.28
N SER D 40 -31.85 -9.01 32.48
CA SER D 40 -33.14 -9.67 32.75
C SER D 40 -33.04 -11.18 32.69
N GLN D 41 -32.28 -11.69 31.72
CA GLN D 41 -32.16 -13.14 31.58
C GLN D 41 -31.40 -13.78 32.72
N ILE D 42 -30.40 -13.06 33.26
CA ILE D 42 -29.66 -13.55 34.42
C ILE D 42 -30.60 -13.55 35.62
N ASN D 43 -31.37 -12.46 35.81
CA ASN D 43 -32.37 -12.39 36.88
C ASN D 43 -33.46 -13.45 36.72
N GLY D 44 -33.89 -13.68 35.47
CA GLY D 44 -34.88 -14.70 35.16
C GLY D 44 -34.42 -16.12 35.48
N ALA D 45 -33.14 -16.42 35.22
CA ALA D 45 -32.61 -17.74 35.58
C ALA D 45 -32.51 -17.90 37.10
N PHE D 46 -32.06 -16.85 37.80
CA PHE D 46 -32.03 -16.88 39.26
C PHE D 46 -33.44 -17.01 39.85
N ASP D 47 -34.45 -16.35 39.26
CA ASP D 47 -35.86 -16.55 39.71
C ASP D 47 -36.24 -18.03 39.60
N GLU D 48 -35.84 -18.67 38.52
CA GLU D 48 -36.17 -20.07 38.34
C GLU D 48 -35.44 -20.97 39.36
N MSE D 49 -34.18 -20.68 39.62
CA MSE D 49 -33.44 -21.35 40.69
C MSE D 49 -34.19 -21.22 42.03
O MSE D 49 -34.39 -22.20 42.74
CB MSE D 49 -32.00 -20.80 40.76
CG MSE D 49 -31.04 -21.53 41.69
SE MSE D 49 -29.31 -20.89 41.53
CE MSE D 49 -28.77 -21.98 40.21
N GLU D 50 -34.65 -20.01 42.33
CA GLU D 50 -35.37 -19.76 43.58
C GLU D 50 -36.69 -20.49 43.64
N ARG D 51 -37.39 -20.53 42.51
CA ARG D 51 -38.67 -21.21 42.43
C ARG D 51 -38.49 -22.69 42.74
N ARG D 52 -37.51 -23.33 42.12
CA ARG D 52 -37.23 -24.75 42.37
C ARG D 52 -36.77 -25.00 43.82
N LEU D 53 -35.88 -24.16 44.33
CA LEU D 53 -35.44 -24.31 45.74
C LEU D 53 -36.57 -24.16 46.78
N ALA D 54 -37.54 -23.26 46.51
CA ALA D 54 -38.67 -23.07 47.44
C ALA D 54 -39.59 -24.29 47.53
N LEU D 55 -39.56 -25.14 46.51
CA LEU D 55 -40.29 -26.41 46.54
C LEU D 55 -39.89 -27.28 47.73
N VAL D 56 -38.64 -27.16 48.18
CA VAL D 56 -38.13 -27.89 49.32
C VAL D 56 -37.76 -26.98 50.49
N GLY D 57 -38.27 -25.75 50.46
CA GLY D 57 -38.04 -24.81 51.55
C GLY D 57 -36.64 -24.26 51.65
N LEU D 58 -35.92 -24.25 50.53
CA LEU D 58 -34.57 -23.69 50.48
C LEU D 58 -34.52 -22.35 49.73
N THR D 59 -33.37 -21.66 49.87
CA THR D 59 -33.14 -20.37 49.23
C THR D 59 -31.75 -20.40 48.60
N LEU D 60 -31.36 -19.29 47.98
CA LEU D 60 -30.01 -19.11 47.42
C LEU D 60 -28.90 -19.30 48.44
N ASP D 61 -29.19 -19.10 49.73
CA ASP D 61 -28.25 -19.37 50.82
C ASP D 61 -27.79 -20.81 50.86
N ALA D 62 -28.58 -21.71 50.24
CA ALA D 62 -28.25 -23.14 50.27
C ALA D 62 -27.40 -23.58 49.07
N VAL D 63 -27.21 -22.68 48.10
CA VAL D 63 -26.47 -23.02 46.86
C VAL D 63 -24.97 -23.02 47.14
N VAL D 64 -24.31 -24.13 46.78
CA VAL D 64 -22.92 -24.30 47.13
C VAL D 64 -22.01 -24.18 45.89
N GLN D 65 -22.59 -24.46 44.71
CA GLN D 65 -21.86 -24.45 43.47
C GLN D 65 -22.81 -24.13 42.33
N MSE D 66 -22.35 -23.33 41.36
CA MSE D 66 -23.14 -22.96 40.14
C MSE D 66 -22.25 -23.01 38.89
O MSE D 66 -21.13 -22.52 38.93
CB MSE D 66 -23.71 -21.54 40.20
CG MSE D 66 -24.74 -21.26 41.29
SE MSE D 66 -25.58 -19.65 41.10
CE MSE D 66 -24.19 -18.62 40.68
N ASP D 67 -22.74 -23.62 37.80
CA ASP D 67 -22.12 -23.51 36.47
C ASP D 67 -22.95 -22.52 35.65
N CYS D 68 -22.30 -21.51 35.09
CA CYS D 68 -23.02 -20.44 34.42
C CYS D 68 -22.68 -20.52 32.96
N LEU D 69 -23.73 -20.58 32.13
CA LEU D 69 -23.55 -20.75 30.69
C LEU D 69 -23.88 -19.46 30.00
N PHE D 70 -22.91 -18.90 29.25
CA PHE D 70 -23.11 -17.66 28.48
C PHE D 70 -23.01 -17.89 26.98
N ARG D 71 -23.87 -17.23 26.21
CA ARG D 71 -23.56 -17.09 24.80
C ARG D 71 -22.30 -16.21 24.58
N ASP D 72 -22.15 -15.16 25.39
CA ASP D 72 -20.95 -14.29 25.38
C ASP D 72 -20.39 -14.23 26.81
N VAL D 73 -19.27 -14.88 27.07
CA VAL D 73 -18.73 -14.99 28.43
C VAL D 73 -18.17 -13.68 28.95
N TRP D 74 -17.93 -12.72 28.06
CA TRP D 74 -17.52 -11.42 28.52
C TRP D 74 -18.68 -10.71 29.26
N ASN D 75 -19.85 -11.35 29.31
CA ASN D 75 -20.93 -10.86 30.19
C ASN D 75 -20.76 -11.25 31.67
N ILE D 76 -19.71 -11.99 32.01
CA ILE D 76 -19.44 -12.29 33.44
C ILE D 76 -19.62 -11.10 34.43
N PRO D 77 -19.06 -9.90 34.14
CA PRO D 77 -19.27 -8.73 35.05
C PRO D 77 -20.75 -8.39 35.29
N VAL D 78 -21.61 -8.60 34.29
CA VAL D 78 -23.04 -8.36 34.46
C VAL D 78 -23.61 -9.36 35.44
N MSE D 79 -23.21 -10.62 35.31
CA MSE D 79 -23.64 -11.64 36.24
C MSE D 79 -23.10 -11.36 37.65
O MSE D 79 -23.82 -11.55 38.60
CB MSE D 79 -23.25 -13.06 35.77
CG MSE D 79 -23.94 -14.20 36.57
SE MSE D 79 -23.15 -15.81 36.46
CE MSE D 79 -21.47 -15.34 36.94
N GLU D 80 -21.85 -10.90 37.78
CA GLU D 80 -21.32 -10.63 39.13
C GLU D 80 -22.14 -9.59 39.87
N LYS D 81 -22.47 -8.51 39.17
CA LYS D 81 -23.41 -7.49 39.68
C LYS D 81 -24.75 -8.10 40.15
N MSE D 82 -25.37 -8.94 39.33
CA MSE D 82 -26.64 -9.57 39.71
C MSE D 82 -26.48 -10.49 40.93
O MSE D 82 -27.30 -10.47 41.85
CB MSE D 82 -27.28 -10.33 38.53
CG MSE D 82 -27.66 -9.40 37.29
SE MSE D 82 -28.79 -8.04 37.67
CE MSE D 82 -27.68 -6.67 37.93
N ILE D 83 -25.41 -11.27 40.95
CA ILE D 83 -25.09 -12.12 42.09
C ILE D 83 -24.99 -11.32 43.39
N LYS D 84 -24.23 -10.23 43.36
CA LYS D 84 -24.14 -9.37 44.54
C LYS D 84 -25.49 -8.81 44.96
N GLU D 85 -26.38 -8.55 43.99
CA GLU D 85 -27.74 -8.08 44.29
C GLU D 85 -28.68 -9.17 44.84
N ARG D 86 -28.48 -10.41 44.44
CA ARG D 86 -29.41 -11.50 44.73
C ARG D 86 -28.97 -12.39 45.91
N PHE D 87 -27.66 -12.47 46.19
CA PHE D 87 -27.16 -13.53 47.10
C PHE D 87 -26.88 -13.06 48.52
N ASN D 88 -27.16 -11.80 48.83
CA ASN D 88 -27.11 -11.36 50.24
C ASN D 88 -25.77 -11.68 50.94
N GLY D 89 -24.65 -11.42 50.26
CA GLY D 89 -23.33 -11.60 50.87
C GLY D 89 -22.79 -13.02 51.05
N ARG D 90 -23.48 -14.04 50.53
CA ARG D 90 -23.00 -15.41 50.65
C ARG D 90 -23.07 -16.04 49.28
N TYR D 91 -21.91 -16.44 48.76
CA TYR D 91 -21.77 -16.78 47.37
C TYR D 91 -21.37 -18.23 47.22
N PRO D 92 -21.82 -18.89 46.14
CA PRO D 92 -21.32 -20.23 45.82
C PRO D 92 -19.97 -20.18 45.15
N ALA D 93 -19.37 -21.36 45.09
CA ALA D 93 -18.30 -21.67 44.15
C ALA D 93 -18.90 -21.65 42.76
N ARG D 94 -18.11 -21.27 41.76
CA ARG D 94 -18.68 -21.25 40.44
C ARG D 94 -17.66 -21.37 39.28
N LYS D 95 -18.16 -21.73 38.11
CA LYS D 95 -17.39 -21.53 36.89
C LYS D 95 -18.34 -21.04 35.82
N SER D 96 -17.78 -20.40 34.82
CA SER D 96 -18.52 -19.87 33.72
C SER D 96 -17.94 -20.43 32.44
N ILE D 97 -18.81 -20.78 31.51
CA ILE D 97 -18.38 -21.26 30.23
C ILE D 97 -19.18 -20.60 29.10
N GLN D 98 -18.50 -20.36 27.99
CA GLN D 98 -19.19 -19.85 26.80
C GLN D 98 -19.73 -21.04 25.97
N THR D 99 -20.99 -21.02 25.57
CA THR D 99 -21.52 -22.12 24.75
C THR D 99 -22.59 -21.59 23.80
N GLU D 100 -22.73 -22.21 22.63
CA GLU D 100 -23.99 -22.11 21.87
C GLU D 100 -25.12 -22.81 22.63
N PHE D 101 -26.35 -22.43 22.33
CA PHE D 101 -27.54 -23.07 22.88
C PHE D 101 -28.36 -23.57 21.70
N ALA D 102 -29.23 -24.56 21.96
CA ALA D 102 -30.18 -25.03 20.92
C ALA D 102 -31.41 -24.07 20.89
N HIS D 103 -31.11 -22.77 20.84
N HIS D 103 -31.14 -22.77 20.79
CA HIS D 103 -32.10 -21.73 20.67
CA HIS D 103 -32.15 -21.73 20.68
C HIS D 103 -31.38 -20.64 19.86
C HIS D 103 -31.46 -20.53 20.04
N HIS D 104 -32.12 -19.84 19.10
CA HIS D 104 -31.50 -18.75 18.36
C HIS D 104 -30.90 -17.70 19.28
N GLY D 105 -29.84 -17.05 18.82
CA GLY D 105 -29.32 -15.84 19.48
C GLY D 105 -29.94 -14.63 18.79
N GLY D 106 -29.18 -13.53 18.77
CA GLY D 106 -29.61 -12.35 18.07
C GLY D 106 -30.75 -11.69 18.83
N PRO D 107 -31.58 -10.93 18.11
CA PRO D 107 -32.81 -10.28 18.64
C PRO D 107 -33.73 -11.27 19.39
N GLN D 108 -33.99 -10.98 20.67
CA GLN D 108 -34.80 -11.85 21.50
C GLN D 108 -34.25 -13.27 21.67
N GLY D 109 -32.94 -13.45 21.50
CA GLY D 109 -32.36 -14.77 21.65
C GLY D 109 -32.03 -15.10 23.10
N LEU D 110 -31.69 -16.36 23.34
CA LEU D 110 -31.34 -16.87 24.65
C LEU D 110 -29.89 -16.56 24.87
N LEU D 111 -29.59 -15.98 26.03
CA LEU D 111 -28.24 -15.49 26.29
C LEU D 111 -27.54 -16.15 27.45
N PHE D 112 -28.29 -16.85 28.31
CA PHE D 112 -27.75 -17.24 29.61
C PHE D 112 -28.56 -18.39 30.20
N GLN D 113 -27.86 -19.36 30.79
CA GLN D 113 -28.50 -20.37 31.63
C GLN D 113 -27.60 -20.57 32.82
N VAL D 114 -28.15 -21.09 33.91
CA VAL D 114 -27.34 -21.45 35.07
C VAL D 114 -27.88 -22.75 35.70
N ASP D 115 -27.01 -23.52 36.32
CA ASP D 115 -27.45 -24.69 37.08
C ASP D 115 -26.62 -24.71 38.36
N GLY D 116 -26.82 -25.69 39.24
CA GLY D 116 -26.05 -25.71 40.48
C GLY D 116 -26.41 -26.84 41.40
N VAL D 117 -25.80 -26.79 42.58
CA VAL D 117 -25.93 -27.79 43.62
C VAL D 117 -26.21 -26.98 44.86
N ALA D 118 -27.15 -27.47 45.66
CA ALA D 118 -27.47 -26.89 46.94
C ALA D 118 -27.39 -27.98 48.03
N TYR D 119 -27.37 -27.56 49.29
CA TYR D 119 -27.12 -28.46 50.41
C TYR D 119 -28.03 -28.05 51.55
N SER D 120 -28.60 -29.04 52.24
CA SER D 120 -29.30 -28.74 53.48
C SER D 120 -29.27 -30.00 54.31
N LYS D 121 -28.78 -29.90 55.54
CA LYS D 121 -28.57 -31.09 56.37
C LYS D 121 -29.88 -31.67 56.93
N THR E 3 -11.22 -44.03 52.55
CA THR E 3 -12.69 -43.86 52.39
C THR E 3 -13.10 -43.76 50.91
N ILE E 4 -12.45 -42.87 50.16
CA ILE E 4 -12.72 -42.77 48.72
C ILE E 4 -12.33 -44.04 47.97
N ARG E 5 -13.26 -44.59 47.20
N ARG E 5 -13.26 -44.59 47.19
CA ARG E 5 -12.97 -45.78 46.37
CA ARG E 5 -12.97 -45.76 46.36
C ARG E 5 -12.95 -45.41 44.88
C ARG E 5 -12.92 -45.37 44.88
N ARG E 6 -11.97 -45.93 44.16
CA ARG E 6 -11.78 -45.59 42.75
C ARG E 6 -11.91 -46.81 41.83
N TYR E 7 -12.97 -46.86 41.01
CA TYR E 7 -13.22 -47.99 40.13
C TYR E 7 -12.91 -47.64 38.68
N ASP E 8 -12.60 -48.65 37.86
CA ASP E 8 -12.47 -48.44 36.41
C ASP E 8 -11.37 -47.39 36.11
N VAL E 9 -10.21 -47.53 36.75
CA VAL E 9 -9.12 -46.59 36.63
C VAL E 9 -8.40 -46.76 35.29
N ASN E 10 -8.12 -45.62 34.65
CA ASN E 10 -7.33 -45.58 33.44
C ASN E 10 -5.99 -44.92 33.75
N GLU E 11 -4.97 -45.77 33.86
CA GLU E 11 -3.62 -45.36 34.22
C GLU E 11 -2.94 -44.45 33.21
N ASP E 12 -3.16 -44.72 31.92
CA ASP E 12 -2.53 -43.95 30.85
C ASP E 12 -3.15 -42.57 30.72
N ARG E 13 -4.46 -42.49 30.92
CA ARG E 13 -5.16 -41.22 30.81
C ARG E 13 -5.15 -40.45 32.13
N GLY E 14 -4.85 -41.15 33.22
CA GLY E 14 -4.83 -40.51 34.53
C GLY E 14 -6.22 -40.08 34.97
N HIS E 15 -7.20 -40.98 34.84
CA HIS E 15 -8.52 -40.68 35.35
C HIS E 15 -9.17 -41.92 35.94
N THR E 16 -10.20 -41.70 36.75
CA THR E 16 -10.96 -42.78 37.34
C THR E 16 -12.35 -42.79 36.72
N GLY E 17 -12.78 -43.96 36.23
CA GLY E 17 -14.08 -44.09 35.57
C GLY E 17 -15.23 -43.81 36.50
N LEU E 18 -15.10 -44.23 37.74
CA LEU E 18 -16.15 -44.08 38.72
C LEU E 18 -15.52 -43.90 40.08
N VAL E 19 -15.73 -42.73 40.69
CA VAL E 19 -15.27 -42.47 42.06
C VAL E 19 -16.47 -42.58 43.04
N GLU E 20 -16.35 -43.49 43.99
CA GLU E 20 -17.28 -43.58 45.11
C GLU E 20 -16.78 -42.77 46.30
N ALA E 21 -17.59 -41.79 46.72
CA ALA E 21 -17.30 -40.99 47.90
C ALA E 21 -18.55 -40.89 48.76
N GLY E 22 -18.55 -41.58 49.91
CA GLY E 22 -19.76 -41.70 50.74
C GLY E 22 -20.91 -42.34 49.96
N ASP E 23 -22.04 -41.66 49.93
CA ASP E 23 -23.20 -42.13 49.16
C ASP E 23 -23.24 -41.62 47.72
N PHE E 24 -22.22 -40.85 47.31
CA PHE E 24 -22.12 -40.31 45.96
C PHE E 24 -21.11 -40.99 45.02
N TYR E 25 -21.41 -41.01 43.73
CA TYR E 25 -20.58 -41.68 42.71
C TYR E 25 -20.33 -40.71 41.58
N TYR E 26 -19.06 -40.43 41.32
CA TYR E 26 -18.73 -39.44 40.29
C TYR E 26 -18.22 -40.16 39.09
N LEU E 27 -18.92 -39.93 37.98
CA LEU E 27 -18.63 -40.57 36.72
C LEU E 27 -17.68 -39.70 35.90
N ASN E 28 -16.61 -40.29 35.40
CA ASN E 28 -15.74 -39.67 34.42
C ASN E 28 -16.57 -39.49 33.13
N TYR E 29 -16.12 -38.65 32.19
CA TYR E 29 -16.80 -38.57 30.89
C TYR E 29 -16.95 -39.97 30.29
N CYS E 30 -18.12 -40.19 29.69
CA CYS E 30 -18.52 -41.45 29.07
C CYS E 30 -18.69 -41.22 27.57
N VAL E 31 -18.16 -42.15 26.79
N VAL E 31 -18.09 -42.10 26.79
CA VAL E 31 -18.17 -42.08 25.32
CA VAL E 31 -18.17 -42.11 25.32
C VAL E 31 -18.27 -43.51 24.77
C VAL E 31 -18.51 -43.54 24.91
N GLY E 32 -19.01 -43.69 23.69
CA GLY E 32 -19.15 -45.02 23.10
C GLY E 32 -19.74 -44.94 21.72
N ASN E 33 -19.64 -46.04 21.00
CA ASN E 33 -20.07 -46.14 19.61
C ASN E 33 -19.42 -45.05 18.78
N VAL E 34 -18.12 -44.79 19.03
CA VAL E 34 -17.44 -43.72 18.29
C VAL E 34 -17.38 -44.06 16.80
N GLY E 35 -17.52 -43.04 15.98
CA GLY E 35 -17.59 -43.27 14.53
C GLY E 35 -18.99 -43.54 14.03
N GLN E 36 -19.94 -43.68 14.93
CA GLN E 36 -21.30 -43.92 14.51
C GLN E 36 -22.11 -42.63 14.48
N ASP E 37 -23.32 -42.69 13.97
CA ASP E 37 -24.17 -41.49 13.90
C ASP E 37 -24.50 -40.96 15.29
N ILE E 38 -25.09 -39.78 15.36
CA ILE E 38 -25.29 -39.11 16.64
C ILE E 38 -26.15 -39.92 17.65
N GLU E 39 -27.27 -40.47 17.17
CA GLU E 39 -28.14 -41.29 18.05
C GLU E 39 -27.38 -42.46 18.66
N SER E 40 -26.57 -43.14 17.85
N SER E 40 -26.57 -43.14 17.85
CA SER E 40 -25.76 -44.26 18.32
CA SER E 40 -25.77 -44.27 18.32
C SER E 40 -24.69 -43.88 19.36
C SER E 40 -24.69 -43.88 19.35
N GLN E 41 -24.10 -42.69 19.20
CA GLN E 41 -23.05 -42.24 20.13
C GLN E 41 -23.64 -41.85 21.48
N ILE E 42 -24.87 -41.35 21.42
CA ILE E 42 -25.59 -41.01 22.62
C ILE E 42 -25.91 -42.29 23.34
N ASN E 43 -26.49 -43.26 22.62
CA ASN E 43 -26.68 -44.61 23.18
C ASN E 43 -25.41 -45.28 23.70
N GLY E 44 -24.31 -45.17 22.94
CA GLY E 44 -23.01 -45.73 23.36
C GLY E 44 -22.50 -45.05 24.63
N ALA E 45 -22.75 -43.75 24.77
CA ALA E 45 -22.29 -43.03 25.97
C ALA E 45 -23.11 -43.47 27.18
N PHE E 46 -24.44 -43.57 27.00
CA PHE E 46 -25.31 -44.11 28.07
C PHE E 46 -24.99 -45.59 28.41
N ASP E 47 -24.64 -46.40 27.41
CA ASP E 47 -24.15 -47.79 27.65
C ASP E 47 -22.92 -47.81 28.56
N GLU E 48 -22.00 -46.90 28.30
CA GLU E 48 -20.79 -46.76 29.09
C GLU E 48 -21.10 -46.33 30.53
N MSE E 49 -22.06 -45.42 30.68
CA MSE E 49 -22.53 -44.96 31.99
C MSE E 49 -23.12 -46.15 32.78
O MSE E 49 -22.82 -46.33 33.97
CB MSE E 49 -23.59 -43.83 31.80
CG MSE E 49 -24.16 -43.19 33.10
SE MSE E 49 -25.33 -41.79 32.78
CE MSE E 49 -24.14 -40.46 32.94
N GLU E 50 -23.94 -46.96 32.10
CA GLU E 50 -24.48 -48.17 32.71
C GLU E 50 -23.40 -49.19 33.11
N ARG E 51 -22.38 -49.35 32.26
CA ARG E 51 -21.32 -50.30 32.52
C ARG E 51 -20.63 -49.92 33.82
N ARG E 52 -20.28 -48.65 33.94
CA ARG E 52 -19.63 -48.14 35.13
C ARG E 52 -20.53 -48.21 36.36
N LEU E 53 -21.79 -47.85 36.21
CA LEU E 53 -22.71 -47.94 37.34
C LEU E 53 -22.89 -49.40 37.81
N ALA E 54 -22.88 -50.36 36.88
CA ALA E 54 -23.03 -51.79 37.21
C ALA E 54 -21.88 -52.31 38.06
N LEU E 55 -20.72 -51.64 38.01
CA LEU E 55 -19.59 -52.00 38.88
C LEU E 55 -19.95 -51.90 40.37
N VAL E 56 -20.91 -51.04 40.70
CA VAL E 56 -21.37 -50.89 42.08
C VAL E 56 -22.84 -51.29 42.21
N GLY E 57 -23.33 -52.10 41.27
CA GLY E 57 -24.69 -52.59 41.30
C GLY E 57 -25.77 -51.54 41.15
N LEU E 58 -25.45 -50.44 40.49
CA LEU E 58 -26.40 -49.34 40.26
C LEU E 58 -26.91 -49.29 38.80
N THR E 59 -27.93 -48.47 38.56
CA THR E 59 -28.52 -48.27 37.23
C THR E 59 -28.75 -46.78 37.01
N LEU E 60 -29.33 -46.44 35.86
CA LEU E 60 -29.70 -45.07 35.52
C LEU E 60 -30.71 -44.41 36.51
N ASP E 61 -31.50 -45.24 37.22
CA ASP E 61 -32.37 -44.78 38.32
C ASP E 61 -31.58 -44.01 39.39
N ALA E 62 -30.28 -44.30 39.55
CA ALA E 62 -29.45 -43.67 40.61
C ALA E 62 -28.79 -42.34 40.20
N VAL E 63 -28.84 -42.02 38.91
CA VAL E 63 -28.23 -40.81 38.37
C VAL E 63 -29.03 -39.58 38.75
N VAL E 64 -28.37 -38.66 39.44
CA VAL E 64 -29.06 -37.47 39.91
C VAL E 64 -28.78 -36.27 39.03
N GLN E 65 -27.66 -36.31 38.28
CA GLN E 65 -27.22 -35.14 37.48
C GLN E 65 -26.30 -35.60 36.36
N MSE E 66 -26.49 -35.05 35.16
CA MSE E 66 -25.64 -35.33 33.99
C MSE E 66 -25.27 -34.07 33.29
O MSE E 66 -26.14 -33.22 33.07
CB MSE E 66 -26.37 -36.15 32.93
CG MSE E 66 -26.79 -37.47 33.33
SE MSE E 66 -27.52 -38.42 31.97
CE MSE E 66 -28.60 -37.30 31.12
N ASP E 67 -24.00 -33.94 32.93
CA ASP E 67 -23.55 -32.91 31.97
C ASP E 67 -23.36 -33.53 30.58
N CYS E 68 -24.08 -33.01 29.59
CA CYS E 68 -24.10 -33.56 28.23
C CYS E 68 -23.26 -32.73 27.30
N LEU E 69 -22.23 -33.32 26.70
CA LEU E 69 -21.34 -32.54 25.83
C LEU E 69 -21.56 -32.87 24.36
N PHE E 70 -21.91 -31.86 23.58
CA PHE E 70 -22.17 -32.06 22.18
C PHE E 70 -21.19 -31.28 21.31
N ARG E 71 -20.78 -31.87 20.20
CA ARG E 71 -20.12 -31.07 19.16
C ARG E 71 -21.15 -30.12 18.48
N ASP E 72 -22.41 -30.57 18.37
CA ASP E 72 -23.51 -29.74 17.86
C ASP E 72 -24.69 -29.78 18.86
N VAL E 73 -24.86 -28.72 19.62
CA VAL E 73 -25.87 -28.70 20.68
C VAL E 73 -27.32 -28.78 20.15
N TRP E 74 -27.54 -28.49 18.87
CA TRP E 74 -28.87 -28.66 18.29
C TRP E 74 -29.33 -30.13 18.22
N ASN E 75 -28.43 -31.05 18.53
CA ASN E 75 -28.75 -32.49 18.69
C ASN E 75 -29.41 -32.87 20.02
N ILE E 76 -29.66 -31.90 20.89
CA ILE E 76 -30.46 -32.11 22.12
C ILE E 76 -31.74 -32.94 21.92
N PRO E 77 -32.62 -32.61 20.92
CA PRO E 77 -33.80 -33.46 20.72
C PRO E 77 -33.49 -34.95 20.46
N VAL E 78 -32.36 -35.26 19.83
CA VAL E 78 -31.96 -36.65 19.67
C VAL E 78 -31.66 -37.28 21.04
N MSE E 79 -30.92 -36.57 21.90
CA MSE E 79 -30.65 -37.10 23.22
C MSE E 79 -31.93 -37.23 24.07
O MSE E 79 -32.07 -38.19 24.83
CB MSE E 79 -29.61 -36.23 23.96
CG MSE E 79 -29.27 -36.73 25.39
SE MSE E 79 -28.32 -35.60 26.44
CE MSE E 79 -29.45 -34.19 26.49
N GLU E 80 -32.84 -36.24 23.96
CA GLU E 80 -34.08 -36.27 24.71
C GLU E 80 -34.95 -37.49 24.40
N LYS E 81 -35.04 -37.86 23.14
CA LYS E 81 -35.72 -39.08 22.72
C LYS E 81 -35.13 -40.36 23.40
N MSE E 82 -33.82 -40.51 23.36
CA MSE E 82 -33.11 -41.61 24.00
C MSE E 82 -33.23 -41.62 25.53
O MSE E 82 -33.29 -42.67 26.12
CB MSE E 82 -31.64 -41.65 23.58
CG MSE E 82 -31.42 -42.03 22.07
SE MSE E 82 -32.52 -43.32 21.35
CE MSE E 82 -32.38 -44.75 22.42
N ILE E 83 -33.25 -40.45 26.17
CA ILE E 83 -33.44 -40.39 27.61
C ILE E 83 -34.84 -40.87 27.98
N LYS E 84 -35.85 -40.44 27.23
CA LYS E 84 -37.22 -40.89 27.51
C LYS E 84 -37.34 -42.43 27.39
N GLU E 85 -36.70 -43.00 26.37
CA GLU E 85 -36.68 -44.44 26.20
C GLU E 85 -35.98 -45.11 27.38
N ARG E 86 -34.78 -44.63 27.73
CA ARG E 86 -33.90 -45.40 28.61
C ARG E 86 -34.02 -45.14 30.09
N PHE E 87 -34.44 -43.93 30.45
CA PHE E 87 -34.54 -43.54 31.84
C PHE E 87 -35.95 -43.81 32.35
N ASN E 88 -36.85 -44.10 31.41
CA ASN E 88 -38.27 -44.40 31.69
C ASN E 88 -38.97 -43.67 32.84
N GLY E 89 -39.16 -42.37 32.67
CA GLY E 89 -39.91 -41.57 33.63
C GLY E 89 -39.17 -41.10 34.87
N ARG E 90 -37.93 -41.53 35.08
CA ARG E 90 -37.12 -41.04 36.23
C ARG E 90 -35.89 -40.39 35.68
N TYR E 91 -35.90 -39.07 35.65
CA TYR E 91 -34.89 -38.32 34.97
C TYR E 91 -33.94 -37.59 35.92
N PRO E 92 -32.69 -37.40 35.50
CA PRO E 92 -31.83 -36.50 36.28
C PRO E 92 -32.01 -35.01 35.94
N ALA E 93 -31.42 -34.18 36.80
CA ALA E 93 -31.15 -32.81 36.48
C ALA E 93 -30.04 -32.83 35.42
N ARG E 94 -30.07 -31.90 34.49
CA ARG E 94 -29.00 -31.87 33.50
C ARG E 94 -28.69 -30.49 32.97
N LYS E 95 -27.59 -30.39 32.23
CA LYS E 95 -27.32 -29.26 31.39
C LYS E 95 -26.57 -29.77 30.17
N SER E 96 -26.65 -29.02 29.08
CA SER E 96 -26.02 -29.38 27.84
C SER E 96 -25.13 -28.26 27.40
N ILE E 97 -23.96 -28.62 26.88
CA ILE E 97 -23.05 -27.62 26.37
C ILE E 97 -22.50 -28.05 25.00
N GLN E 98 -22.17 -27.07 24.17
CA GLN E 98 -21.50 -27.37 22.95
C GLN E 98 -20.01 -27.18 23.17
N THR E 99 -19.20 -28.13 22.73
CA THR E 99 -17.74 -28.01 22.89
C THR E 99 -17.07 -28.84 21.80
N GLU E 100 -15.86 -28.43 21.43
CA GLU E 100 -14.92 -29.27 20.70
C GLU E 100 -14.32 -30.32 21.63
N PHE E 101 -13.85 -31.41 21.03
CA PHE E 101 -13.20 -32.51 21.75
C PHE E 101 -11.81 -32.63 21.20
N ALA E 102 -10.93 -33.22 22.00
CA ALA E 102 -9.56 -33.52 21.55
C ALA E 102 -9.58 -34.79 20.69
N HIS E 103 -10.49 -34.80 19.72
N HIS E 103 -10.52 -34.83 19.74
CA HIS E 103 -10.70 -35.91 18.80
CA HIS E 103 -10.64 -35.92 18.78
C HIS E 103 -11.34 -35.33 17.55
C HIS E 103 -11.36 -35.37 17.57
N HIS E 104 -11.01 -35.88 16.40
CA HIS E 104 -11.60 -35.40 15.16
C HIS E 104 -13.11 -35.52 15.16
N GLY E 105 -13.74 -34.57 14.47
CA GLY E 105 -15.16 -34.57 14.24
C GLY E 105 -15.44 -35.21 12.91
N GLY E 106 -16.50 -34.75 12.27
CA GLY E 106 -16.80 -35.15 10.92
C GLY E 106 -17.25 -36.60 10.81
N PRO E 107 -16.96 -37.24 9.65
CA PRO E 107 -17.29 -38.65 9.45
C PRO E 107 -16.49 -39.52 10.43
N GLN E 108 -17.18 -40.48 11.01
CA GLN E 108 -16.61 -41.35 12.04
C GLN E 108 -15.83 -40.65 13.14
N GLY E 109 -16.12 -39.37 13.36
CA GLY E 109 -15.59 -38.65 14.50
C GLY E 109 -16.43 -38.74 15.77
N LEU E 110 -15.96 -38.06 16.81
CA LEU E 110 -16.61 -38.02 18.11
C LEU E 110 -17.57 -36.84 18.18
N LEU E 111 -18.81 -37.10 18.57
CA LEU E 111 -19.88 -36.10 18.53
C LEU E 111 -20.58 -35.81 19.86
N PHE E 112 -20.34 -36.65 20.86
CA PHE E 112 -21.10 -36.61 22.10
C PHE E 112 -20.34 -37.28 23.25
N GLN E 113 -20.30 -36.61 24.40
CA GLN E 113 -19.90 -37.25 25.67
C GLN E 113 -20.92 -36.92 26.76
N VAL E 114 -20.89 -37.68 27.84
CA VAL E 114 -21.77 -37.45 28.98
C VAL E 114 -21.00 -37.82 30.25
N ASP E 115 -21.18 -37.07 31.32
CA ASP E 115 -20.65 -37.49 32.62
C ASP E 115 -21.78 -37.24 33.62
N GLY E 116 -21.57 -37.56 34.89
CA GLY E 116 -22.61 -37.32 35.88
C GLY E 116 -22.31 -37.70 37.30
N VAL E 117 -23.37 -37.63 38.12
CA VAL E 117 -23.30 -37.92 39.54
C VAL E 117 -24.47 -38.86 39.82
N ALA E 118 -24.16 -39.92 40.58
CA ALA E 118 -25.16 -40.87 41.01
C ALA E 118 -25.12 -41.00 42.54
N TYR E 119 -26.20 -41.53 43.10
CA TYR E 119 -26.39 -41.57 44.54
C TYR E 119 -26.99 -42.89 44.94
N SER E 120 -26.44 -43.47 46.00
CA SER E 120 -27.05 -44.60 46.66
C SER E 120 -26.71 -44.56 48.13
N LYS E 121 -27.74 -44.51 48.97
CA LYS E 121 -27.57 -44.43 50.43
C LYS E 121 -27.04 -45.77 50.99
N HIS E 122 -25.95 -45.71 51.75
CA HIS E 122 -25.40 -46.92 52.39
C HIS E 122 -26.03 -47.14 53.76
N MSE F 1 -24.12 -18.97 63.18
CA MSE F 1 -23.00 -19.61 62.38
C MSE F 1 -23.54 -20.70 61.44
O MSE F 1 -24.07 -21.73 61.92
CB MSE F 1 -21.91 -20.18 63.30
CG MSE F 1 -20.57 -20.50 62.60
SE MSE F 1 -19.48 -21.57 63.57
CE MSE F 1 -18.62 -22.52 62.29
N LYS F 2 -23.38 -20.50 60.13
CA LYS F 2 -24.00 -21.37 59.11
C LYS F 2 -23.37 -22.77 59.04
N THR F 3 -24.21 -23.73 58.67
CA THR F 3 -23.77 -25.10 58.39
C THR F 3 -22.82 -25.18 57.19
N ILE F 4 -23.20 -24.52 56.09
CA ILE F 4 -22.33 -24.39 54.93
C ILE F 4 -21.21 -23.42 55.32
N ARG F 5 -19.95 -23.82 55.11
CA ARG F 5 -18.81 -22.97 55.45
C ARG F 5 -18.21 -22.47 54.17
N ARG F 6 -17.89 -21.18 54.13
CA ARG F 6 -17.43 -20.54 52.91
C ARG F 6 -16.03 -19.93 53.11
N TYR F 7 -15.04 -20.39 52.32
CA TYR F 7 -13.64 -20.04 52.56
C TYR F 7 -13.14 -19.29 51.36
N ASP F 8 -12.12 -18.47 51.56
CA ASP F 8 -11.42 -17.81 50.45
C ASP F 8 -12.44 -17.00 49.61
N VAL F 9 -13.25 -16.21 50.29
CA VAL F 9 -14.33 -15.48 49.67
C VAL F 9 -13.76 -14.30 48.91
N ASN F 10 -14.27 -14.08 47.69
CA ASN F 10 -13.91 -12.90 46.90
C ASN F 10 -15.16 -12.05 46.74
N GLU F 11 -15.19 -10.97 47.51
CA GLU F 11 -16.31 -10.04 47.58
C GLU F 11 -16.49 -9.22 46.31
N ASP F 12 -15.39 -8.78 45.69
CA ASP F 12 -15.46 -8.06 44.41
C ASP F 12 -16.11 -8.91 43.31
N ARG F 13 -15.68 -10.16 43.17
CA ARG F 13 -16.19 -11.07 42.16
C ARG F 13 -17.50 -11.79 42.52
N GLY F 14 -17.89 -11.76 43.80
CA GLY F 14 -19.08 -12.51 44.21
C GLY F 14 -18.99 -14.03 44.11
N HIS F 15 -17.88 -14.60 44.58
CA HIS F 15 -17.73 -16.06 44.65
C HIS F 15 -16.93 -16.48 45.88
N THR F 16 -17.06 -17.77 46.19
CA THR F 16 -16.38 -18.38 47.33
C THR F 16 -15.37 -19.35 46.73
N GLY F 17 -14.09 -19.23 47.14
CA GLY F 17 -13.05 -20.08 46.60
C GLY F 17 -13.25 -21.56 46.94
N LEU F 18 -13.74 -21.84 48.15
CA LEU F 18 -13.99 -23.21 48.60
C LEU F 18 -15.21 -23.24 49.51
N VAL F 19 -16.21 -24.03 49.11
CA VAL F 19 -17.41 -24.21 49.92
C VAL F 19 -17.45 -25.60 50.54
N GLU F 20 -17.60 -25.67 51.85
CA GLU F 20 -17.71 -26.93 52.56
C GLU F 20 -19.17 -27.20 52.88
N ALA F 21 -19.65 -28.35 52.46
CA ALA F 21 -21.05 -28.72 52.63
C ALA F 21 -21.01 -30.18 53.08
N GLY F 22 -21.15 -30.40 54.38
CA GLY F 22 -21.17 -31.75 54.93
C GLY F 22 -19.77 -32.31 54.76
N ASP F 23 -19.69 -33.45 54.08
CA ASP F 23 -18.42 -34.11 53.77
C ASP F 23 -17.81 -33.68 52.44
N PHE F 24 -18.48 -32.76 51.73
CA PHE F 24 -18.04 -32.35 50.40
C PHE F 24 -17.53 -30.93 50.31
N TYR F 25 -16.60 -30.70 49.37
CA TYR F 25 -15.94 -29.41 49.24
C TYR F 25 -15.97 -29.00 47.79
N TYR F 26 -16.52 -27.81 47.52
CA TYR F 26 -16.67 -27.32 46.17
C TYR F 26 -15.69 -26.22 45.88
N LEU F 27 -14.83 -26.45 44.91
CA LEU F 27 -13.84 -25.51 44.46
C LEU F 27 -14.40 -24.60 43.38
N ASN F 28 -14.21 -23.30 43.57
CA ASN F 28 -14.40 -22.30 42.53
C ASN F 28 -13.35 -22.55 41.41
N TYR F 29 -13.60 -22.05 40.19
CA TYR F 29 -12.57 -22.13 39.17
C TYR F 29 -11.22 -21.68 39.76
N CYS F 30 -10.18 -22.45 39.41
CA CYS F 30 -8.80 -22.21 39.82
C CYS F 30 -7.96 -21.87 38.59
N VAL F 31 -7.06 -20.92 38.77
CA VAL F 31 -6.27 -20.34 37.72
C VAL F 31 -4.94 -19.98 38.37
N GLY F 32 -3.81 -20.04 37.65
CA GLY F 32 -2.53 -19.58 38.23
C GLY F 32 -1.45 -19.46 37.16
N ASN F 33 -0.29 -18.89 37.53
CA ASN F 33 0.80 -18.65 36.55
C ASN F 33 0.27 -17.99 35.29
N VAL F 34 -0.57 -16.96 35.44
CA VAL F 34 -1.23 -16.41 34.24
C VAL F 34 -0.19 -15.64 33.41
N GLY F 35 -0.39 -15.67 32.11
CA GLY F 35 0.58 -15.11 31.19
C GLY F 35 1.65 -16.07 30.74
N GLN F 36 1.76 -17.21 31.42
CA GLN F 36 2.77 -18.24 31.11
C GLN F 36 2.27 -19.29 30.10
N ASP F 37 3.15 -20.23 29.73
CA ASP F 37 2.79 -21.27 28.77
C ASP F 37 1.78 -22.30 29.34
N ILE F 38 1.24 -23.17 28.47
CA ILE F 38 0.16 -24.06 28.89
C ILE F 38 0.52 -24.96 30.09
N GLU F 39 1.72 -25.55 30.07
CA GLU F 39 2.15 -26.40 31.17
C GLU F 39 2.22 -25.63 32.49
N SER F 40 2.78 -24.42 32.50
CA SER F 40 2.84 -23.60 33.70
C SER F 40 1.47 -23.16 34.19
N GLN F 41 0.59 -22.83 33.25
CA GLN F 41 -0.77 -22.45 33.59
C GLN F 41 -1.52 -23.63 34.24
N ILE F 42 -1.26 -24.84 33.78
CA ILE F 42 -1.93 -26.02 34.31
C ILE F 42 -1.36 -26.31 35.71
N ASN F 43 -0.04 -26.23 35.83
CA ASN F 43 0.59 -26.37 37.14
C ASN F 43 0.12 -25.29 38.10
N GLY F 44 -0.05 -24.06 37.59
CA GLY F 44 -0.51 -22.92 38.39
C GLY F 44 -1.93 -23.06 38.89
N ALA F 45 -2.83 -23.55 38.03
CA ALA F 45 -4.21 -23.88 38.44
C ALA F 45 -4.28 -24.97 39.52
N PHE F 46 -3.53 -26.06 39.37
CA PHE F 46 -3.43 -27.12 40.40
C PHE F 46 -2.84 -26.62 41.72
N ASP F 47 -1.85 -25.72 41.64
CA ASP F 47 -1.31 -25.01 42.81
C ASP F 47 -2.40 -24.28 43.55
N GLU F 48 -3.31 -23.68 42.80
CA GLU F 48 -4.35 -22.84 43.38
C GLU F 48 -5.40 -23.75 44.01
N MSE F 49 -5.74 -24.84 43.35
CA MSE F 49 -6.59 -25.91 43.91
C MSE F 49 -5.96 -26.36 45.24
O MSE F 49 -6.64 -26.45 46.25
CB MSE F 49 -6.70 -27.06 42.89
CG MSE F 49 -7.40 -28.38 43.36
SE MSE F 49 -7.82 -29.52 41.96
CE MSE F 49 -9.21 -28.64 41.29
N GLU F 50 -4.66 -26.63 45.26
CA GLU F 50 -3.97 -27.03 46.48
C GLU F 50 -3.99 -25.99 47.60
N ARG F 51 -3.85 -24.71 47.23
CA ARG F 51 -3.94 -23.59 48.18
C ARG F 51 -5.31 -23.55 48.87
N ARG F 52 -6.39 -23.72 48.08
CA ARG F 52 -7.73 -23.73 48.64
C ARG F 52 -7.97 -24.97 49.50
N LEU F 53 -7.56 -26.14 49.04
CA LEU F 53 -7.73 -27.36 49.81
C LEU F 53 -6.98 -27.30 51.15
N ALA F 54 -5.82 -26.65 51.18
CA ALA F 54 -4.98 -26.53 52.40
C ALA F 54 -5.67 -25.74 53.51
N LEU F 55 -6.62 -24.89 53.12
CA LEU F 55 -7.39 -24.09 54.07
C LEU F 55 -8.16 -24.96 55.05
N VAL F 56 -8.58 -26.14 54.56
CA VAL F 56 -9.26 -27.16 55.38
C VAL F 56 -8.40 -28.39 55.58
N GLY F 57 -7.10 -28.27 55.34
CA GLY F 57 -6.15 -29.37 55.57
C GLY F 57 -6.31 -30.55 54.64
N LEU F 58 -6.84 -30.33 53.44
CA LEU F 58 -6.95 -31.38 52.45
C LEU F 58 -5.87 -31.22 51.35
N THR F 59 -5.77 -32.23 50.50
CA THR F 59 -4.77 -32.29 49.42
C THR F 59 -5.49 -32.86 48.19
N LEU F 60 -4.75 -32.96 47.08
CA LEU F 60 -5.26 -33.51 45.83
C LEU F 60 -5.82 -34.94 45.99
N ASP F 61 -5.35 -35.64 47.02
CA ASP F 61 -5.85 -36.95 47.34
C ASP F 61 -7.35 -36.99 47.65
N ALA F 62 -7.93 -35.86 48.04
CA ALA F 62 -9.33 -35.80 48.40
C ALA F 62 -10.20 -35.47 47.19
N VAL F 63 -9.58 -35.09 46.07
CA VAL F 63 -10.38 -34.61 44.96
C VAL F 63 -11.06 -35.79 44.25
N VAL F 64 -12.38 -35.70 44.09
CA VAL F 64 -13.14 -36.82 43.47
C VAL F 64 -13.56 -36.51 42.04
N GLN F 65 -13.67 -35.21 41.72
CA GLN F 65 -14.12 -34.82 40.38
C GLN F 65 -13.52 -33.49 40.01
N MSE F 66 -13.10 -33.34 38.74
CA MSE F 66 -12.56 -32.08 38.24
C MSE F 66 -13.14 -31.78 36.88
O MSE F 66 -13.19 -32.67 36.04
CB MSE F 66 -11.04 -32.14 38.03
CG MSE F 66 -10.21 -32.50 39.21
SE MSE F 66 -8.46 -32.04 39.00
CE MSE F 66 -8.06 -33.03 37.56
N ASP F 67 -13.52 -30.53 36.64
CA ASP F 67 -13.86 -30.08 35.28
C ASP F 67 -12.70 -29.18 34.86
N CYS F 68 -12.18 -29.45 33.67
CA CYS F 68 -11.01 -28.78 33.11
C CYS F 68 -11.43 -27.96 31.89
N LEU F 69 -11.10 -26.68 31.93
CA LEU F 69 -11.53 -25.73 30.89
C LEU F 69 -10.29 -25.33 30.15
N PHE F 70 -10.27 -25.55 28.84
CA PHE F 70 -9.14 -25.17 27.97
C PHE F 70 -9.59 -24.17 26.91
N ARG F 71 -8.68 -23.27 26.58
CA ARG F 71 -8.89 -22.43 25.40
C ARG F 71 -8.71 -23.28 24.12
N ASP F 72 -7.80 -24.27 24.19
CA ASP F 72 -7.52 -25.25 23.11
C ASP F 72 -7.54 -26.66 23.75
N VAL F 73 -8.65 -27.38 23.58
CA VAL F 73 -8.84 -28.64 24.31
C VAL F 73 -7.85 -29.75 23.87
N TRP F 74 -7.16 -29.58 22.73
CA TRP F 74 -6.12 -30.52 22.31
C TRP F 74 -4.88 -30.43 23.23
N ASN F 75 -4.93 -29.56 24.23
CA ASN F 75 -3.88 -29.57 25.26
C ASN F 75 -4.10 -30.60 26.37
N ILE F 76 -5.18 -31.36 26.30
CA ILE F 76 -5.44 -32.45 27.28
C ILE F 76 -4.21 -33.32 27.62
N PRO F 77 -3.38 -33.73 26.61
CA PRO F 77 -2.17 -34.51 26.94
C PRO F 77 -1.18 -33.74 27.81
N VAL F 78 -1.11 -32.42 27.66
CA VAL F 78 -0.26 -31.63 28.54
C VAL F 78 -0.80 -31.81 29.97
N MSE F 79 -2.12 -31.66 30.15
CA MSE F 79 -2.72 -31.86 31.48
C MSE F 79 -2.54 -33.28 32.04
O MSE F 79 -2.21 -33.44 33.20
CB MSE F 79 -4.20 -31.45 31.50
CG MSE F 79 -4.85 -31.54 32.94
SE MSE F 79 -6.67 -31.35 32.99
CE MSE F 79 -7.19 -32.73 31.97
N GLU F 80 -2.74 -34.30 31.20
CA GLU F 80 -2.56 -35.68 31.64
C GLU F 80 -1.18 -35.96 32.21
N LYS F 81 -0.17 -35.33 31.61
CA LYS F 81 1.20 -35.46 32.08
C LYS F 81 1.37 -34.89 33.49
N MSE F 82 0.83 -33.70 33.72
CA MSE F 82 0.89 -33.07 35.03
C MSE F 82 0.07 -33.81 36.09
O MSE F 82 0.50 -33.93 37.24
CB MSE F 82 0.49 -31.58 34.94
CG MSE F 82 1.47 -30.71 34.05
SE MSE F 82 3.32 -30.96 34.21
CE MSE F 82 3.60 -31.00 35.98
N ILE F 83 -1.10 -34.33 35.70
CA ILE F 83 -1.91 -35.14 36.60
C ILE F 83 -1.10 -36.35 37.11
N LYS F 84 -0.44 -37.05 36.18
CA LYS F 84 0.42 -38.15 36.55
C LYS F 84 1.58 -37.76 37.47
N GLU F 85 2.17 -36.59 37.24
CA GLU F 85 3.27 -36.09 38.08
C GLU F 85 2.82 -35.71 39.48
N ARG F 86 1.58 -35.26 39.62
CA ARG F 86 1.15 -34.63 40.87
C ARG F 86 0.14 -35.39 41.69
N PHE F 87 -0.58 -36.34 41.12
CA PHE F 87 -1.71 -37.00 41.81
C PHE F 87 -1.39 -38.37 42.44
N ASN F 88 -0.15 -38.83 42.34
CA ASN F 88 0.27 -39.98 43.15
C ASN F 88 -0.51 -41.27 42.87
N GLY F 89 -0.92 -41.46 41.61
CA GLY F 89 -1.62 -42.67 41.19
C GLY F 89 -3.07 -42.78 41.67
N ARG F 90 -3.61 -41.69 42.22
CA ARG F 90 -5.01 -41.64 42.61
C ARG F 90 -5.70 -40.46 41.90
N TYR F 91 -6.56 -40.80 40.94
CA TYR F 91 -7.07 -39.85 39.97
C TYR F 91 -8.55 -39.57 40.19
N PRO F 92 -8.95 -38.31 39.99
CA PRO F 92 -10.37 -38.00 40.05
C PRO F 92 -11.06 -38.45 38.76
N ALA F 93 -12.39 -38.47 38.80
CA ALA F 93 -13.18 -38.51 37.57
C ALA F 93 -13.11 -37.10 36.95
N ARG F 94 -13.23 -36.97 35.64
CA ARG F 94 -13.12 -35.65 35.06
C ARG F 94 -13.84 -35.50 33.72
N LYS F 95 -13.98 -34.26 33.31
CA LYS F 95 -14.25 -33.96 31.90
C LYS F 95 -13.53 -32.70 31.51
N SER F 96 -13.38 -32.52 30.21
CA SER F 96 -12.65 -31.41 29.67
C SER F 96 -13.55 -30.70 28.67
N ILE F 97 -13.48 -29.38 28.67
CA ILE F 97 -14.35 -28.52 27.86
C ILE F 97 -13.47 -27.48 27.18
N GLN F 98 -13.75 -27.16 25.92
CA GLN F 98 -13.12 -26.00 25.31
C GLN F 98 -14.07 -24.79 25.42
N THR F 99 -13.56 -23.65 25.85
CA THR F 99 -14.39 -22.47 25.97
C THR F 99 -13.52 -21.23 25.82
N GLU F 100 -14.08 -20.15 25.34
CA GLU F 100 -13.46 -18.84 25.53
C GLU F 100 -13.48 -18.44 27.01
N PHE F 101 -12.65 -17.49 27.35
CA PHE F 101 -12.63 -16.92 28.69
C PHE F 101 -12.89 -15.42 28.59
N ALA F 102 -13.37 -14.83 29.68
CA ALA F 102 -13.48 -13.40 29.74
C ALA F 102 -12.09 -12.77 30.05
N HIS F 103 -11.06 -13.23 29.33
N HIS F 103 -11.06 -13.24 29.35
CA HIS F 103 -9.69 -12.74 29.46
CA HIS F 103 -9.69 -12.74 29.46
C HIS F 103 -9.04 -12.95 28.10
C HIS F 103 -9.04 -12.96 28.11
N HIS F 104 -8.12 -12.09 27.72
CA HIS F 104 -7.50 -12.20 26.41
C HIS F 104 -6.69 -13.50 26.28
N GLY F 105 -6.60 -14.03 25.06
CA GLY F 105 -5.71 -15.16 24.78
C GLY F 105 -4.44 -14.59 24.15
N GLY F 106 -3.81 -15.33 23.23
CA GLY F 106 -2.57 -14.87 22.62
C GLY F 106 -1.47 -14.73 23.66
N PRO F 107 -0.47 -13.88 23.37
CA PRO F 107 0.71 -13.71 24.23
C PRO F 107 0.29 -13.35 25.63
N GLN F 108 0.85 -14.04 26.60
CA GLN F 108 0.47 -13.83 28.00
C GLN F 108 -1.04 -13.94 28.29
N GLY F 109 -1.81 -14.61 27.45
CA GLY F 109 -3.21 -14.73 27.77
C GLY F 109 -3.54 -15.91 28.67
N LEU F 110 -4.80 -16.03 29.06
CA LEU F 110 -5.29 -17.09 29.88
C LEU F 110 -5.64 -18.33 29.03
N LEU F 111 -5.11 -19.49 29.42
CA LEU F 111 -5.25 -20.70 28.62
C LEU F 111 -6.01 -21.83 29.28
N PHE F 112 -6.18 -21.78 30.60
CA PHE F 112 -6.63 -22.97 31.34
C PHE F 112 -7.18 -22.59 32.69
N GLN F 113 -8.27 -23.25 33.06
CA GLN F 113 -8.86 -23.17 34.41
C GLN F 113 -9.32 -24.57 34.80
N VAL F 114 -9.42 -24.83 36.10
CA VAL F 114 -9.89 -26.09 36.60
C VAL F 114 -10.78 -25.81 37.82
N ASP F 115 -11.83 -26.59 37.99
CA ASP F 115 -12.61 -26.57 39.22
C ASP F 115 -12.86 -28.03 39.66
N GLY F 116 -13.59 -28.26 40.75
CA GLY F 116 -13.62 -29.61 41.25
C GLY F 116 -14.41 -29.79 42.51
N VAL F 117 -14.56 -31.05 42.89
CA VAL F 117 -15.22 -31.44 44.13
C VAL F 117 -14.26 -32.35 44.89
N ALA F 118 -14.13 -32.11 46.18
CA ALA F 118 -13.33 -32.94 47.07
C ALA F 118 -14.21 -33.51 48.17
N TYR F 119 -13.71 -34.55 48.82
CA TYR F 119 -14.47 -35.26 49.85
C TYR F 119 -13.55 -35.57 51.03
N SER F 120 -14.10 -35.42 52.25
CA SER F 120 -13.43 -35.78 53.48
C SER F 120 -14.50 -36.02 54.54
N LYS F 121 -14.54 -37.23 55.09
CA LYS F 121 -15.63 -37.67 55.99
C LYS F 121 -15.55 -37.10 57.41
N HIS F 122 -16.72 -36.71 57.93
CA HIS F 122 -16.94 -36.08 59.27
C HIS F 122 -16.60 -34.58 59.32
N THR G 3 -19.03 41.62 -21.60
CA THR G 3 -18.00 42.33 -22.42
C THR G 3 -16.85 41.44 -22.96
N ILE G 4 -16.24 40.63 -22.09
CA ILE G 4 -15.23 39.66 -22.53
C ILE G 4 -15.95 38.47 -23.17
N ARG G 5 -15.57 38.15 -24.41
CA ARG G 5 -16.18 37.03 -25.13
C ARG G 5 -15.20 35.86 -25.24
N ARG G 6 -15.69 34.66 -24.96
CA ARG G 6 -14.86 33.46 -24.93
C ARG G 6 -15.30 32.46 -25.99
N TYR G 7 -14.40 32.13 -26.92
CA TYR G 7 -14.73 31.26 -28.06
C TYR G 7 -13.87 30.03 -27.99
N ASP G 8 -14.38 28.93 -28.54
CA ASP G 8 -13.61 27.69 -28.71
C ASP G 8 -13.13 27.21 -27.33
N VAL G 9 -14.09 27.12 -26.42
CA VAL G 9 -13.85 26.81 -25.02
C VAL G 9 -13.66 25.30 -24.89
N ASN G 10 -12.66 24.89 -24.12
CA ASN G 10 -12.45 23.50 -23.78
C ASN G 10 -12.74 23.34 -22.29
N GLU G 11 -13.90 22.77 -22.00
CA GLU G 11 -14.39 22.59 -20.62
C GLU G 11 -13.51 21.62 -19.84
N ASP G 12 -13.16 20.49 -20.47
CA ASP G 12 -12.33 19.46 -19.85
C ASP G 12 -10.94 19.97 -19.43
N ARG G 13 -10.39 20.91 -20.18
CA ARG G 13 -9.03 21.37 -19.98
C ARG G 13 -9.03 22.69 -19.21
N GLY G 14 -10.21 23.26 -19.00
CA GLY G 14 -10.35 24.60 -18.41
C GLY G 14 -9.61 25.72 -19.13
N HIS G 15 -9.81 25.86 -20.43
CA HIS G 15 -9.20 26.96 -21.15
C HIS G 15 -10.10 27.47 -22.25
N THR G 16 -9.84 28.69 -22.70
CA THR G 16 -10.58 29.25 -23.80
C THR G 16 -9.63 29.42 -24.95
N GLY G 17 -10.01 28.89 -26.12
CA GLY G 17 -9.15 28.91 -27.31
C GLY G 17 -8.87 30.32 -27.85
N LEU G 18 -9.86 31.19 -27.73
CA LEU G 18 -9.72 32.61 -28.11
C LEU G 18 -10.59 33.49 -27.22
N VAL G 19 -9.97 34.45 -26.54
CA VAL G 19 -10.71 35.44 -25.69
C VAL G 19 -10.66 36.80 -26.38
N GLU G 20 -11.85 37.41 -26.56
CA GLU G 20 -11.98 38.76 -27.11
C GLU G 20 -12.15 39.74 -25.95
N ALA G 21 -11.30 40.77 -25.93
CA ALA G 21 -11.34 41.80 -24.91
C ALA G 21 -11.13 43.13 -25.61
N GLY G 22 -12.23 43.85 -25.83
CA GLY G 22 -12.18 45.11 -26.53
C GLY G 22 -11.63 44.91 -27.93
N ASP G 23 -10.52 45.58 -28.21
CA ASP G 23 -9.94 45.46 -29.54
C ASP G 23 -8.92 44.30 -29.65
N PHE G 24 -8.66 43.61 -28.54
CA PHE G 24 -7.60 42.60 -28.47
C PHE G 24 -8.17 41.18 -28.32
N TYR G 25 -7.42 40.23 -28.88
CA TYR G 25 -7.80 38.81 -28.97
C TYR G 25 -6.65 37.94 -28.46
N TYR G 26 -6.92 37.14 -27.43
CA TYR G 26 -5.88 36.32 -26.82
C TYR G 26 -6.07 34.86 -27.17
N LEU G 27 -5.09 34.30 -27.88
CA LEU G 27 -5.06 32.88 -28.24
C LEU G 27 -4.47 32.01 -27.14
N ASN G 28 -5.14 30.90 -26.89
CA ASN G 28 -4.62 29.82 -26.09
C ASN G 28 -3.48 29.20 -26.88
N TYR G 29 -2.60 28.44 -26.25
CA TYR G 29 -1.62 27.69 -27.02
C TYR G 29 -2.32 26.93 -28.18
N CYS G 30 -1.67 26.98 -29.35
CA CYS G 30 -2.13 26.28 -30.53
C CYS G 30 -1.14 25.20 -30.87
N VAL G 31 -1.70 24.12 -31.40
CA VAL G 31 -1.02 22.88 -31.62
C VAL G 31 -1.74 22.22 -32.82
N GLY G 32 -1.02 21.47 -33.64
CA GLY G 32 -1.66 20.77 -34.77
C GLY G 32 -0.70 19.78 -35.42
N ASN G 33 -1.25 18.85 -36.18
CA ASN G 33 -0.45 17.82 -36.87
C ASN G 33 0.45 17.09 -35.92
N VAL G 34 0.01 16.80 -34.70
CA VAL G 34 1.03 16.27 -33.81
C VAL G 34 1.28 14.77 -34.08
N GLY G 35 2.47 14.34 -33.70
CA GLY G 35 3.00 13.10 -34.22
C GLY G 35 3.87 13.33 -35.45
N GLN G 36 3.67 14.44 -36.15
CA GLN G 36 4.40 14.69 -37.38
C GLN G 36 5.73 15.39 -37.12
N ASP G 37 6.52 15.60 -38.18
CA ASP G 37 7.85 16.21 -38.05
C ASP G 37 7.72 17.68 -37.71
N ILE G 38 8.82 18.33 -37.37
CA ILE G 38 8.79 19.71 -36.85
C ILE G 38 8.09 20.68 -37.82
N GLU G 39 8.41 20.59 -39.10
CA GLU G 39 7.82 21.50 -40.07
C GLU G 39 6.28 21.38 -40.13
N SER G 40 5.78 20.14 -40.14
CA SER G 40 4.34 19.89 -40.08
C SER G 40 3.68 20.40 -38.82
N GLN G 41 4.33 20.25 -37.66
CA GLN G 41 3.74 20.71 -36.39
C GLN G 41 3.69 22.22 -36.32
N ILE G 42 4.69 22.88 -36.91
CA ILE G 42 4.67 24.33 -36.97
C ILE G 42 3.52 24.80 -37.89
N ASN G 43 3.38 24.19 -39.07
CA ASN G 43 2.22 24.49 -39.91
C ASN G 43 0.88 24.13 -39.25
N GLY G 44 0.86 23.03 -38.50
CA GLY G 44 -0.35 22.61 -37.78
C GLY G 44 -0.77 23.60 -36.70
N ALA G 45 0.22 24.17 -36.00
CA ALA G 45 -0.07 25.15 -34.98
C ALA G 45 -0.56 26.45 -35.60
N PHE G 46 0.07 26.89 -36.69
CA PHE G 46 -0.40 28.08 -37.41
C PHE G 46 -1.81 27.85 -37.97
N ASP G 47 -2.08 26.65 -38.48
CA ASP G 47 -3.43 26.24 -38.88
C ASP G 47 -4.44 26.40 -37.73
N GLU G 48 -4.11 26.02 -36.51
N GLU G 48 -4.09 25.96 -36.51
CA GLU G 48 -5.12 26.20 -35.47
CA GLU G 48 -4.96 26.15 -35.32
C GLU G 48 -5.21 27.64 -34.96
C GLU G 48 -5.20 27.63 -35.09
N MSE G 49 -4.10 28.40 -35.05
CA MSE G 49 -4.16 29.84 -34.83
C MSE G 49 -5.15 30.46 -35.85
O MSE G 49 -6.06 31.20 -35.45
CB MSE G 49 -2.75 30.47 -34.94
CG MSE G 49 -2.61 31.99 -34.80
SE MSE G 49 -0.85 32.60 -34.83
CE MSE G 49 -0.49 32.25 -33.15
N GLU G 50 -4.98 30.14 -37.12
CA GLU G 50 -5.89 30.66 -38.14
C GLU G 50 -7.35 30.20 -37.97
N ARG G 51 -7.56 28.93 -37.64
CA ARG G 51 -8.91 28.42 -37.37
C ARG G 51 -9.57 29.22 -36.23
N ARG G 52 -8.82 29.48 -35.16
CA ARG G 52 -9.35 30.30 -34.05
C ARG G 52 -9.64 31.75 -34.47
N LEU G 53 -8.71 32.35 -35.21
CA LEU G 53 -8.90 33.73 -35.64
C LEU G 53 -10.11 33.87 -36.59
N ALA G 54 -10.37 32.85 -37.41
CA ALA G 54 -11.48 32.89 -38.39
C ALA G 54 -12.86 32.92 -37.71
N LEU G 55 -12.94 32.46 -36.45
CA LEU G 55 -14.20 32.48 -35.73
C LEU G 55 -14.70 33.91 -35.52
N VAL G 56 -13.79 34.86 -35.42
CA VAL G 56 -14.18 36.27 -35.28
C VAL G 56 -13.81 37.06 -36.53
N GLY G 57 -13.60 36.35 -37.63
CA GLY G 57 -13.33 36.98 -38.91
C GLY G 57 -11.96 37.60 -39.08
N LEU G 58 -10.97 37.09 -38.35
CA LEU G 58 -9.59 37.61 -38.43
C LEU G 58 -8.66 36.60 -39.11
N THR G 59 -7.48 37.07 -39.48
CA THR G 59 -6.49 36.28 -40.19
C THR G 59 -5.14 36.56 -39.50
N LEU G 60 -4.06 35.90 -39.97
CA LEU G 60 -2.69 36.17 -39.43
C LEU G 60 -2.27 37.64 -39.54
N ASP G 61 -2.88 38.39 -40.46
CA ASP G 61 -2.69 39.83 -40.53
C ASP G 61 -3.02 40.64 -39.27
N ALA G 62 -3.86 40.11 -38.40
CA ALA G 62 -4.23 40.81 -37.16
C ALA G 62 -3.29 40.45 -36.00
N VAL G 63 -2.40 39.50 -36.21
CA VAL G 63 -1.52 39.03 -35.11
C VAL G 63 -0.40 40.06 -34.87
N VAL G 64 -0.30 40.51 -33.63
CA VAL G 64 0.69 41.50 -33.24
C VAL G 64 1.87 40.91 -32.45
N GLN G 65 1.65 39.80 -31.78
CA GLN G 65 2.69 39.20 -30.94
C GLN G 65 2.44 37.70 -30.86
N MSE G 66 3.49 36.88 -30.96
CA MSE G 66 3.38 35.43 -30.72
C MSE G 66 4.51 34.96 -29.79
O MSE G 66 5.63 35.44 -29.94
CB MSE G 66 3.57 34.62 -32.00
CG MSE G 66 2.71 35.01 -33.17
SE MSE G 66 2.93 33.83 -34.52
CE MSE G 66 4.70 33.78 -34.67
N ASP G 67 4.21 34.02 -28.90
CA ASP G 67 5.22 33.30 -28.12
C ASP G 67 5.31 31.90 -28.71
N CYS G 68 6.52 31.49 -29.05
CA CYS G 68 6.76 30.20 -29.70
C CYS G 68 7.50 29.27 -28.73
N LEU G 69 6.93 28.09 -28.52
CA LEU G 69 7.45 27.11 -27.57
C LEU G 69 8.01 25.91 -28.34
N PHE G 70 9.30 25.67 -28.18
CA PHE G 70 9.98 24.57 -28.84
C PHE G 70 10.47 23.56 -27.81
N ARG G 71 10.38 22.29 -28.16
CA ARG G 71 11.15 21.27 -27.43
C ARG G 71 12.67 21.43 -27.69
N ASP G 72 13.01 21.83 -28.92
CA ASP G 72 14.38 22.13 -29.38
C ASP G 72 14.36 23.52 -30.02
N VAL G 73 14.82 24.53 -29.30
CA VAL G 73 14.74 25.92 -29.78
C VAL G 73 15.64 26.18 -31.01
N TRP G 74 16.56 25.25 -31.29
CA TRP G 74 17.39 25.38 -32.49
C TRP G 74 16.56 25.17 -33.78
N ASN G 75 15.28 24.85 -33.64
CA ASN G 75 14.38 24.73 -34.79
C ASN G 75 13.79 26.07 -35.26
N ILE G 76 14.23 27.17 -34.63
CA ILE G 76 13.73 28.50 -35.02
C ILE G 76 13.79 28.75 -36.55
N PRO G 77 14.92 28.41 -37.22
CA PRO G 77 14.96 28.55 -38.69
C PRO G 77 13.83 27.81 -39.43
N VAL G 78 13.33 26.71 -38.87
CA VAL G 78 12.23 26.00 -39.51
C VAL G 78 10.99 26.90 -39.41
N MSE G 79 10.75 27.47 -38.21
CA MSE G 79 9.60 28.34 -38.02
C MSE G 79 9.72 29.60 -38.89
O MSE G 79 8.73 30.03 -39.48
CB MSE G 79 9.42 28.72 -36.52
CG MSE G 79 8.11 29.51 -36.24
SE MSE G 79 8.06 30.22 -34.57
CE MSE G 79 9.61 31.18 -34.64
N GLU G 80 10.93 30.18 -38.97
CA GLU G 80 11.10 31.39 -39.79
C GLU G 80 10.78 31.15 -41.27
N LYS G 81 11.22 30.02 -41.83
CA LYS G 81 10.83 29.64 -43.20
C LYS G 81 9.30 29.59 -43.35
N MSE G 82 8.61 28.99 -42.38
CA MSE G 82 7.17 28.84 -42.44
C MSE G 82 6.44 30.18 -42.21
O MSE G 82 5.40 30.43 -42.80
CB MSE G 82 6.68 27.74 -41.48
CG MSE G 82 7.21 26.31 -41.82
SE MSE G 82 6.68 25.76 -43.49
CE MSE G 82 8.20 25.98 -44.41
N ILE G 83 7.02 31.04 -41.38
CA ILE G 83 6.47 32.39 -41.16
C ILE G 83 6.49 33.18 -42.46
N LYS G 84 7.62 33.13 -43.16
CA LYS G 84 7.78 33.86 -44.41
C LYS G 84 6.81 33.36 -45.47
N GLU G 85 6.50 32.06 -45.43
CA GLU G 85 5.56 31.47 -46.39
C GLU G 85 4.11 31.85 -46.11
N ARG G 86 3.77 32.09 -44.85
CA ARG G 86 2.36 32.20 -44.46
C ARG G 86 1.90 33.58 -44.06
N PHE G 87 2.84 34.40 -43.60
CA PHE G 87 2.48 35.71 -43.05
C PHE G 87 2.49 36.84 -44.08
N ASN G 88 2.79 36.52 -45.34
CA ASN G 88 2.53 37.46 -46.43
C ASN G 88 3.23 38.80 -46.26
N GLY G 89 4.46 38.75 -45.72
CA GLY G 89 5.25 39.96 -45.50
C GLY G 89 4.86 40.88 -44.33
N ARG G 90 3.88 40.48 -43.52
CA ARG G 90 3.51 41.26 -42.34
C ARG G 90 3.67 40.39 -41.11
N TYR G 91 4.70 40.69 -40.31
CA TYR G 91 5.12 39.81 -39.20
C TYR G 91 4.79 40.38 -37.83
N PRO G 92 4.51 39.50 -36.84
CA PRO G 92 4.30 39.92 -35.46
C PRO G 92 5.62 40.08 -34.69
N ALA G 93 5.57 40.73 -33.53
CA ALA G 93 6.67 40.69 -32.59
C ALA G 93 6.65 39.28 -32.03
N ARG G 94 7.80 38.77 -31.62
CA ARG G 94 7.79 37.43 -31.07
C ARG G 94 8.94 37.14 -30.13
N LYS G 95 8.82 36.04 -29.42
CA LYS G 95 9.95 35.48 -28.73
C LYS G 95 9.76 33.99 -28.77
N SER G 96 10.87 33.29 -28.59
CA SER G 96 10.90 31.84 -28.66
C SER G 96 11.53 31.34 -27.38
N ILE G 97 11.00 30.23 -26.87
CA ILE G 97 11.38 29.67 -25.57
C ILE G 97 11.54 28.17 -25.80
N GLN G 98 12.52 27.57 -25.14
CA GLN G 98 12.61 26.11 -25.13
C GLN G 98 11.99 25.56 -23.83
N THR G 99 11.16 24.54 -23.96
CA THR G 99 10.42 24.00 -22.80
C THR G 99 10.02 22.56 -23.04
N GLU G 100 9.98 21.79 -21.96
CA GLU G 100 9.28 20.50 -21.97
C GLU G 100 7.78 20.73 -22.06
N PHE G 101 7.08 19.74 -22.59
CA PHE G 101 5.64 19.73 -22.61
C PHE G 101 5.15 18.56 -21.74
N ALA G 102 3.90 18.67 -21.26
CA ALA G 102 3.22 17.53 -20.59
C ALA G 102 2.70 16.52 -21.61
N HIS G 103 3.60 16.09 -22.50
N HIS G 103 3.58 16.12 -22.54
CA HIS G 103 3.29 15.18 -23.58
CA HIS G 103 3.25 15.21 -23.64
C HIS G 103 4.62 14.57 -23.95
C HIS G 103 4.58 14.61 -24.08
N HIS G 104 4.62 13.31 -24.37
CA HIS G 104 5.87 12.66 -24.75
C HIS G 104 6.55 13.34 -25.94
N GLY G 105 7.87 13.32 -25.96
CA GLY G 105 8.66 13.70 -27.13
C GLY G 105 8.92 12.46 -27.94
N GLY G 106 10.04 12.45 -28.67
CA GLY G 106 10.47 11.24 -29.36
C GLY G 106 9.59 10.98 -30.58
N PRO G 107 9.56 9.72 -31.06
CA PRO G 107 8.71 9.38 -32.21
C PRO G 107 7.26 9.81 -31.98
N GLN G 108 6.69 10.54 -32.95
CA GLN G 108 5.30 11.01 -32.87
C GLN G 108 4.99 11.87 -31.62
N GLY G 109 6.04 12.43 -31.04
CA GLY G 109 5.87 13.32 -29.89
C GLY G 109 5.53 14.73 -30.30
N LEU G 110 5.19 15.54 -29.31
CA LEU G 110 4.85 16.93 -29.55
C LEU G 110 6.14 17.76 -29.50
N LEU G 111 6.31 18.66 -30.49
CA LEU G 111 7.56 19.44 -30.61
C LEU G 111 7.42 20.95 -30.58
N PHE G 112 6.19 21.42 -30.72
CA PHE G 112 5.97 22.84 -30.94
C PHE G 112 4.58 23.27 -30.54
N GLN G 113 4.50 24.41 -29.87
CA GLN G 113 3.24 25.14 -29.68
C GLN G 113 3.48 26.63 -29.89
N VAL G 114 2.40 27.38 -30.18
CA VAL G 114 2.48 28.82 -30.32
C VAL G 114 1.22 29.44 -29.70
N ASP G 115 1.36 30.61 -29.09
CA ASP G 115 0.19 31.36 -28.66
C ASP G 115 0.40 32.79 -29.09
N GLY G 116 -0.50 33.70 -28.70
CA GLY G 116 -0.36 35.04 -29.20
C GLY G 116 -1.52 35.97 -28.97
N VAL G 117 -1.40 37.14 -29.57
CA VAL G 117 -2.30 38.25 -29.34
C VAL G 117 -2.58 38.83 -30.72
N ALA G 118 -3.85 39.10 -30.98
CA ALA G 118 -4.27 39.70 -32.20
C ALA G 118 -5.01 40.99 -31.88
N TYR G 119 -5.20 41.83 -32.89
CA TYR G 119 -5.85 43.13 -32.71
C TYR G 119 -6.78 43.44 -33.88
N SER G 120 -7.94 44.01 -33.55
CA SER G 120 -8.88 44.54 -34.55
C SER G 120 -9.73 45.63 -33.90
N LYS G 121 -9.75 46.80 -34.53
CA LYS G 121 -10.41 48.01 -33.96
C LYS G 121 -11.94 47.97 -33.92
N HIS G 122 -12.50 48.76 -33.01
CA HIS G 122 -13.96 49.03 -32.83
C HIS G 122 -14.68 47.79 -32.30
N THR H 3 -22.04 -0.05 -14.99
CA THR H 3 -21.45 -1.31 -15.59
C THR H 3 -21.55 -2.62 -14.75
N ILE H 4 -21.82 -2.53 -13.45
CA ILE H 4 -22.04 -3.74 -12.64
C ILE H 4 -23.41 -4.35 -13.00
N ARG H 5 -23.45 -5.67 -13.21
CA ARG H 5 -24.74 -6.38 -13.31
C ARG H 5 -24.98 -7.29 -12.12
N ARG H 6 -26.24 -7.34 -11.67
CA ARG H 6 -26.65 -8.13 -10.52
C ARG H 6 -27.69 -9.15 -10.95
N TYR H 7 -27.45 -10.43 -10.63
CA TYR H 7 -28.28 -11.55 -11.06
C TYR H 7 -28.75 -12.27 -9.83
N ASP H 8 -29.85 -13.02 -9.97
CA ASP H 8 -30.40 -13.82 -8.86
C ASP H 8 -30.48 -13.01 -7.54
N VAL H 9 -31.09 -11.83 -7.61
CA VAL H 9 -31.24 -10.96 -6.46
C VAL H 9 -32.32 -11.51 -5.52
N ASN H 10 -32.06 -11.37 -4.21
CA ASN H 10 -33.00 -11.71 -3.14
C ASN H 10 -33.30 -10.42 -2.35
N GLU H 11 -34.42 -9.79 -2.70
CA GLU H 11 -34.83 -8.52 -2.09
C GLU H 11 -35.07 -8.69 -0.58
N ASP H 12 -35.60 -9.84 -0.16
CA ASP H 12 -35.86 -10.10 1.26
C ASP H 12 -34.58 -10.18 2.10
N ARG H 13 -33.57 -10.89 1.61
CA ARG H 13 -32.33 -11.04 2.36
C ARG H 13 -31.40 -9.86 2.11
N GLY H 14 -31.71 -9.04 1.10
CA GLY H 14 -30.86 -7.94 0.69
C GLY H 14 -29.50 -8.41 0.15
N HIS H 15 -29.52 -9.39 -0.76
CA HIS H 15 -28.27 -9.78 -1.39
C HIS H 15 -28.45 -10.12 -2.86
N THR H 16 -27.32 -10.17 -3.56
CA THR H 16 -27.27 -10.55 -4.95
C THR H 16 -26.58 -11.88 -5.05
N GLY H 17 -27.26 -12.85 -5.68
CA GLY H 17 -26.70 -14.18 -5.86
C GLY H 17 -25.42 -14.20 -6.69
N LEU H 18 -25.35 -13.41 -7.76
CA LEU H 18 -24.14 -13.35 -8.54
C LEU H 18 -23.99 -11.95 -9.08
N VAL H 19 -22.87 -11.33 -8.77
CA VAL H 19 -22.53 -10.02 -9.27
C VAL H 19 -21.50 -10.14 -10.39
N GLU H 20 -21.81 -9.55 -11.55
CA GLU H 20 -20.88 -9.45 -12.65
C GLU H 20 -20.15 -8.10 -12.61
N ALA H 21 -18.84 -8.16 -12.56
CA ALA H 21 -18.02 -6.96 -12.45
C ALA H 21 -16.84 -7.10 -13.42
N GLY H 22 -17.03 -6.58 -14.64
CA GLY H 22 -16.04 -6.75 -15.71
C GLY H 22 -15.90 -8.24 -16.05
N ASP H 23 -14.69 -8.78 -15.90
CA ASP H 23 -14.41 -10.19 -16.18
C ASP H 23 -14.62 -11.10 -14.98
N PHE H 24 -14.99 -10.53 -13.83
CA PHE H 24 -15.10 -11.30 -12.62
C PHE H 24 -16.53 -11.40 -12.18
N TYR H 25 -16.85 -12.52 -11.54
CA TYR H 25 -18.17 -12.84 -11.04
C TYR H 25 -18.11 -13.27 -9.57
N TYR H 26 -18.86 -12.56 -8.73
CA TYR H 26 -18.84 -12.80 -7.30
C TYR H 26 -20.12 -13.48 -6.87
N LEU H 27 -19.97 -14.59 -6.17
CA LEU H 27 -21.07 -15.45 -5.81
C LEU H 27 -21.40 -15.22 -4.34
N ASN H 28 -22.68 -15.00 -4.07
CA ASN H 28 -23.18 -14.95 -2.70
C ASN H 28 -23.00 -16.34 -2.07
N TYR H 29 -23.16 -16.49 -0.76
CA TYR H 29 -23.15 -17.84 -0.21
C TYR H 29 -24.19 -18.70 -0.97
N CYS H 30 -23.81 -19.95 -1.21
CA CYS H 30 -24.64 -20.92 -1.93
C CYS H 30 -24.92 -22.05 -0.98
N VAL H 31 -26.14 -22.53 -1.06
CA VAL H 31 -26.68 -23.47 -0.11
C VAL H 31 -27.71 -24.30 -0.86
N GLY H 32 -27.89 -25.56 -0.48
CA GLY H 32 -28.98 -26.33 -1.08
C GLY H 32 -29.17 -27.67 -0.43
N ASN H 33 -30.26 -28.34 -0.81
CA ASN H 33 -30.68 -29.62 -0.20
C ASN H 33 -30.72 -29.50 1.31
N VAL H 34 -31.32 -28.43 1.86
CA VAL H 34 -31.13 -28.23 3.31
C VAL H 34 -32.00 -29.22 4.06
N GLY H 35 -31.59 -29.51 5.29
CA GLY H 35 -32.19 -30.59 6.05
C GLY H 35 -31.53 -31.94 5.79
N GLN H 36 -30.75 -32.05 4.71
CA GLN H 36 -30.19 -33.33 4.31
C GLN H 36 -28.79 -33.58 4.92
N ASP H 37 -28.24 -34.76 4.67
CA ASP H 37 -26.90 -35.11 5.18
C ASP H 37 -25.79 -34.17 4.64
N ILE H 38 -24.60 -34.23 5.23
CA ILE H 38 -23.51 -33.34 4.83
C ILE H 38 -23.17 -33.50 3.32
N GLU H 39 -23.10 -34.73 2.82
CA GLU H 39 -22.76 -34.92 1.41
C GLU H 39 -23.79 -34.26 0.48
N SER H 40 -25.08 -34.41 0.77
CA SER H 40 -26.13 -33.78 -0.04
C SER H 40 -26.12 -32.26 0.06
N GLN H 41 -25.88 -31.72 1.24
CA GLN H 41 -25.78 -30.25 1.41
C GLN H 41 -24.60 -29.67 0.63
N ILE H 42 -23.51 -30.41 0.56
CA ILE H 42 -22.33 -29.99 -0.22
C ILE H 42 -22.65 -30.01 -1.72
N ASN H 43 -23.24 -31.11 -2.18
CA ASN H 43 -23.76 -31.17 -3.55
C ASN H 43 -24.84 -30.16 -3.88
N GLY H 44 -25.79 -29.96 -2.96
CA GLY H 44 -26.78 -28.89 -3.10
C GLY H 44 -26.19 -27.49 -3.21
N ALA H 45 -25.21 -27.17 -2.38
CA ALA H 45 -24.47 -25.91 -2.50
C ALA H 45 -23.79 -25.75 -3.87
N PHE H 46 -23.11 -26.78 -4.35
CA PHE H 46 -22.44 -26.73 -5.64
C PHE H 46 -23.44 -26.63 -6.79
N ASP H 47 -24.61 -27.27 -6.63
CA ASP H 47 -25.71 -27.17 -7.62
C ASP H 47 -26.18 -25.73 -7.75
N GLU H 48 -26.34 -25.03 -6.62
CA GLU H 48 -26.75 -23.63 -6.63
C GLU H 48 -25.67 -22.72 -7.22
N MSE H 49 -24.39 -22.94 -6.90
CA MSE H 49 -23.25 -22.24 -7.54
C MSE H 49 -23.33 -22.44 -9.08
O MSE H 49 -23.20 -21.49 -9.85
CB MSE H 49 -21.90 -22.72 -6.94
CG MSE H 49 -20.60 -22.26 -7.65
SE MSE H 49 -19.03 -22.80 -6.84
CE MSE H 49 -18.87 -21.58 -5.57
N GLU H 50 -23.59 -23.68 -9.51
CA GLU H 50 -23.72 -24.00 -10.94
C GLU H 50 -24.90 -23.31 -11.63
N ARG H 51 -26.03 -23.24 -10.92
N ARG H 51 -26.03 -23.23 -10.93
CA ARG H 51 -27.23 -22.58 -11.40
CA ARG H 51 -27.20 -22.56 -11.48
C ARG H 51 -26.96 -21.09 -11.59
C ARG H 51 -26.94 -21.07 -11.61
N ARG H 52 -26.28 -20.49 -10.60
CA ARG H 52 -25.93 -19.06 -10.67
C ARG H 52 -24.96 -18.81 -11.84
N LEU H 53 -23.92 -19.62 -11.95
CA LEU H 53 -22.96 -19.51 -13.05
C LEU H 53 -23.65 -19.67 -14.42
N ALA H 54 -24.65 -20.54 -14.50
CA ALA H 54 -25.40 -20.75 -15.74
C ALA H 54 -26.14 -19.49 -16.21
N LEU H 55 -26.48 -18.59 -15.29
CA LEU H 55 -27.15 -17.34 -15.63
C LEU H 55 -26.30 -16.47 -16.56
N VAL H 56 -24.98 -16.65 -16.52
CA VAL H 56 -24.08 -15.85 -17.36
C VAL H 56 -23.28 -16.77 -18.30
N GLY H 57 -23.80 -17.97 -18.51
CA GLY H 57 -23.19 -18.94 -19.40
C GLY H 57 -21.88 -19.57 -18.92
N LEU H 58 -21.67 -19.62 -17.61
CA LEU H 58 -20.41 -20.18 -17.09
C LEU H 58 -20.67 -21.50 -16.37
N THR H 59 -19.59 -22.23 -16.11
CA THR H 59 -19.60 -23.53 -15.40
C THR H 59 -18.55 -23.48 -14.29
N LEU H 60 -18.43 -24.57 -13.53
CA LEU H 60 -17.45 -24.65 -12.42
C LEU H 60 -16.02 -24.47 -12.90
N ASP H 61 -15.81 -24.68 -14.20
CA ASP H 61 -14.51 -24.44 -14.82
C ASP H 61 -14.03 -22.96 -14.67
N ALA H 62 -14.97 -22.05 -14.50
CA ALA H 62 -14.67 -20.62 -14.39
C ALA H 62 -14.32 -20.19 -12.95
N VAL H 63 -14.54 -21.08 -11.99
CA VAL H 63 -14.35 -20.74 -10.57
C VAL H 63 -12.86 -20.67 -10.20
N VAL H 64 -12.43 -19.55 -9.62
CA VAL H 64 -10.99 -19.36 -9.31
C VAL H 64 -10.72 -19.46 -7.81
N GLN H 65 -11.75 -19.20 -7.01
CA GLN H 65 -11.59 -19.15 -5.57
C GLN H 65 -12.92 -19.51 -4.91
N MSE H 66 -12.85 -20.27 -3.82
CA MSE H 66 -14.05 -20.63 -3.00
C MSE H 66 -13.73 -20.52 -1.52
O MSE H 66 -12.68 -20.95 -1.08
CB MSE H 66 -14.53 -22.06 -3.26
CG MSE H 66 -14.93 -22.37 -4.70
SE MSE H 66 -15.76 -24.00 -4.85
CE MSE H 66 -14.68 -24.98 -3.85
N ASP H 67 -14.66 -19.96 -0.74
CA ASP H 67 -14.64 -20.07 0.71
C ASP H 67 -15.74 -21.07 1.12
N CYS H 68 -15.34 -22.07 1.91
CA CYS H 68 -16.20 -23.18 2.32
C CYS H 68 -16.49 -23.04 3.82
N LEU H 69 -17.75 -22.90 4.15
CA LEU H 69 -18.17 -22.66 5.52
C LEU H 69 -18.79 -23.95 6.01
N PHE H 70 -18.25 -24.47 7.11
CA PHE H 70 -18.73 -25.71 7.71
C PHE H 70 -19.22 -25.48 9.10
N ARG H 71 -20.30 -26.14 9.50
CA ARG H 71 -20.64 -26.23 10.92
C ARG H 71 -19.59 -27.11 11.68
N ASP H 72 -19.08 -28.14 10.99
CA ASP H 72 -18.00 -29.03 11.46
C ASP H 72 -16.90 -29.17 10.39
N VAL H 73 -15.79 -28.49 10.61
CA VAL H 73 -14.73 -28.37 9.63
C VAL H 73 -14.07 -29.73 9.32
N TRP H 74 -14.25 -30.70 10.22
CA TRP H 74 -13.73 -32.04 9.96
C TRP H 74 -14.51 -32.74 8.83
N ASN H 75 -15.49 -32.06 8.26
CA ASN H 75 -16.14 -32.58 7.01
C ASN H 75 -15.40 -32.28 5.71
N ILE H 76 -14.26 -31.60 5.81
CA ILE H 76 -13.47 -31.22 4.61
C ILE H 76 -13.24 -32.41 3.64
N PRO H 77 -12.85 -33.60 4.14
CA PRO H 77 -12.74 -34.76 3.21
C PRO H 77 -14.02 -35.17 2.51
N VAL H 78 -15.19 -34.90 3.09
CA VAL H 78 -16.45 -35.12 2.35
C VAL H 78 -16.53 -34.12 1.18
N MSE H 79 -16.13 -32.89 1.45
CA MSE H 79 -16.16 -31.90 0.39
C MSE H 79 -15.13 -32.21 -0.70
O MSE H 79 -15.41 -32.07 -1.89
CB MSE H 79 -15.98 -30.47 0.93
CG MSE H 79 -16.05 -29.39 -0.20
SE MSE H 79 -15.58 -27.72 0.27
CE MSE H 79 -13.91 -28.06 0.88
N GLU H 80 -13.93 -32.61 -0.29
CA GLU H 80 -12.85 -32.92 -1.26
C GLU H 80 -13.23 -33.98 -2.27
N LYS H 81 -13.87 -35.05 -1.82
CA LYS H 81 -14.42 -36.07 -2.71
C LYS H 81 -15.40 -35.53 -3.76
N MSE H 82 -16.39 -34.74 -3.33
CA MSE H 82 -17.35 -34.10 -4.22
C MSE H 82 -16.63 -33.21 -5.21
O MSE H 82 -17.00 -33.18 -6.38
CB MSE H 82 -18.40 -33.28 -3.43
CG MSE H 82 -19.48 -34.13 -2.66
SE MSE H 82 -19.89 -35.78 -3.37
CE MSE H 82 -20.29 -35.50 -5.10
N ILE H 83 -15.62 -32.47 -4.74
CA ILE H 83 -14.87 -31.56 -5.59
C ILE H 83 -14.16 -32.38 -6.68
N LYS H 84 -13.48 -33.46 -6.29
CA LYS H 84 -12.77 -34.27 -7.26
C LYS H 84 -13.73 -34.87 -8.30
N GLU H 85 -14.95 -35.14 -7.86
CA GLU H 85 -15.96 -35.70 -8.74
C GLU H 85 -16.59 -34.65 -9.66
N ARG H 86 -16.64 -33.40 -9.24
CA ARG H 86 -17.39 -32.41 -10.01
C ARG H 86 -16.55 -31.40 -10.76
N PHE H 87 -15.32 -31.14 -10.29
CA PHE H 87 -14.53 -30.07 -10.88
C PHE H 87 -13.57 -30.54 -11.98
N ASN H 88 -13.51 -31.84 -12.17
CA ASN H 88 -12.92 -32.44 -13.39
C ASN H 88 -11.45 -32.03 -13.60
N GLY H 89 -10.65 -32.15 -12.55
CA GLY H 89 -9.22 -31.83 -12.61
C GLY H 89 -8.84 -30.35 -12.58
N ARG H 90 -9.84 -29.47 -12.48
CA ARG H 90 -9.59 -28.03 -12.50
C ARG H 90 -10.17 -27.43 -11.24
N TYR H 91 -9.30 -27.19 -10.27
CA TYR H 91 -9.72 -26.81 -8.94
C TYR H 91 -9.48 -25.36 -8.63
N PRO H 92 -10.36 -24.76 -7.85
CA PRO H 92 -10.04 -23.41 -7.41
C PRO H 92 -9.08 -23.37 -6.22
N ALA H 93 -8.59 -22.16 -5.94
CA ALA H 93 -7.92 -21.87 -4.70
C ALA H 93 -9.01 -21.88 -3.66
N ARG H 94 -8.70 -22.29 -2.44
CA ARG H 94 -9.74 -22.26 -1.43
C ARG H 94 -9.23 -22.10 -0.03
N LYS H 95 -10.15 -21.73 0.86
CA LYS H 95 -9.96 -21.95 2.28
C LYS H 95 -11.26 -22.46 2.88
N SER H 96 -11.16 -23.07 4.06
CA SER H 96 -12.34 -23.60 4.77
C SER H 96 -12.40 -23.01 6.18
N ILE H 97 -13.62 -22.71 6.62
CA ILE H 97 -13.84 -22.03 7.90
C ILE H 97 -14.94 -22.82 8.65
N GLN H 98 -14.75 -22.99 9.95
CA GLN H 98 -15.80 -23.53 10.78
C GLN H 98 -16.55 -22.31 11.33
N THR H 99 -17.86 -22.34 11.25
CA THR H 99 -18.67 -21.23 11.76
C THR H 99 -20.05 -21.74 12.17
N GLU H 100 -20.71 -21.04 13.10
CA GLU H 100 -22.15 -21.19 13.29
C GLU H 100 -22.87 -20.42 12.18
N PHE H 101 -24.13 -20.78 11.99
CA PHE H 101 -25.03 -20.16 11.01
C PHE H 101 -26.25 -19.65 11.76
N ALA H 102 -26.92 -18.67 11.17
CA ALA H 102 -28.18 -18.17 11.73
C ALA H 102 -29.29 -19.13 11.29
N HIS H 103 -29.08 -20.42 11.48
CA HIS H 103 -30.07 -21.45 11.20
C HIS H 103 -29.73 -22.60 12.13
N HIS H 104 -30.74 -23.33 12.58
CA HIS H 104 -30.50 -24.43 13.50
C HIS H 104 -29.58 -25.51 12.89
N GLY H 105 -28.84 -26.24 13.74
CA GLY H 105 -28.10 -27.44 13.35
C GLY H 105 -28.93 -28.66 13.73
N GLY H 106 -28.27 -29.75 14.07
CA GLY H 106 -28.97 -30.95 14.51
C GLY H 106 -29.72 -31.59 13.36
N PRO H 107 -30.73 -32.43 13.66
CA PRO H 107 -31.54 -33.08 12.62
C PRO H 107 -32.13 -32.06 11.64
N GLN H 108 -31.89 -32.27 10.36
CA GLN H 108 -32.42 -31.33 9.36
C GLN H 108 -31.84 -29.93 9.49
N GLY H 109 -30.68 -29.79 10.12
CA GLY H 109 -30.05 -28.49 10.26
C GLY H 109 -29.23 -28.09 9.04
N LEU H 110 -28.81 -26.83 8.99
CA LEU H 110 -27.88 -26.36 7.98
C LEU H 110 -26.41 -26.70 8.38
N LEU H 111 -25.68 -27.35 7.49
CA LEU H 111 -24.35 -27.85 7.78
C LEU H 111 -23.23 -27.23 6.94
N PHE H 112 -23.57 -26.62 5.80
CA PHE H 112 -22.55 -26.19 4.84
C PHE H 112 -23.04 -25.06 3.95
N GLN H 113 -22.16 -24.08 3.67
CA GLN H 113 -22.35 -23.12 2.58
C GLN H 113 -21.01 -22.95 1.86
N VAL H 114 -21.06 -22.45 0.62
CA VAL H 114 -19.83 -22.11 -0.10
C VAL H 114 -20.08 -20.81 -0.90
N ASP H 115 -19.08 -19.94 -0.97
CA ASP H 115 -19.20 -18.79 -1.87
C ASP H 115 -17.94 -18.81 -2.74
N GLY H 116 -17.79 -17.86 -3.65
CA GLY H 116 -16.59 -17.89 -4.48
C GLY H 116 -16.55 -16.81 -5.53
N VAL H 117 -15.52 -16.88 -6.37
CA VAL H 117 -15.27 -15.90 -7.40
C VAL H 117 -15.02 -16.73 -8.66
N ALA H 118 -15.60 -16.27 -9.76
CA ALA H 118 -15.42 -16.86 -11.05
C ALA H 118 -14.85 -15.80 -12.02
N TYR H 119 -14.27 -16.27 -13.12
CA TYR H 119 -13.62 -15.40 -14.07
C TYR H 119 -13.92 -15.82 -15.48
N SER H 120 -14.11 -14.83 -16.36
CA SER H 120 -14.22 -15.08 -17.81
C SER H 120 -13.87 -13.84 -18.59
N LYS H 121 -12.82 -13.92 -19.41
CA LYS H 121 -12.36 -12.77 -20.18
C LYS H 121 -13.29 -12.47 -21.37
N HIS H 122 -13.84 -11.26 -21.36
CA HIS H 122 -14.75 -10.76 -22.41
C HIS H 122 -13.99 -10.31 -23.65
N THR I 3 1.73 0.06 -9.92
CA THR I 3 0.36 0.58 -10.20
C THR I 3 -0.69 0.22 -9.16
N ILE I 4 -0.38 -0.63 -8.17
CA ILE I 4 -1.25 -0.80 -7.00
C ILE I 4 -1.21 0.51 -6.19
N ARG I 5 -2.38 1.04 -5.79
CA ARG I 5 -2.39 2.19 -4.91
C ARG I 5 -3.00 1.83 -3.57
N ARG I 6 -2.35 2.31 -2.50
CA ARG I 6 -2.75 2.00 -1.13
C ARG I 6 -3.18 3.26 -0.40
N TYR I 7 -4.45 3.28 0.00
CA TYR I 7 -5.08 4.42 0.68
C TYR I 7 -5.38 4.08 2.12
N ASP I 8 -5.35 5.10 2.98
CA ASP I 8 -5.84 4.96 4.35
C ASP I 8 -4.98 3.93 5.08
N VAL I 9 -3.68 4.10 4.96
CA VAL I 9 -2.73 3.16 5.50
C VAL I 9 -2.60 3.31 7.05
N ASN I 10 -2.55 2.19 7.75
CA ASN I 10 -2.33 2.18 9.18
C ASN I 10 -1.00 1.50 9.42
N GLU I 11 -0.01 2.34 9.69
CA GLU I 11 1.37 1.93 9.98
C GLU I 11 1.51 1.11 11.25
N ASP I 12 0.74 1.45 12.27
CA ASP I 12 0.81 0.69 13.52
C ASP I 12 0.25 -0.73 13.42
N ARG I 13 -0.84 -0.92 12.68
CA ARG I 13 -1.44 -2.26 12.56
C ARG I 13 -0.93 -3.01 11.34
N GLY I 14 -0.20 -2.31 10.45
CA GLY I 14 0.33 -2.90 9.22
C GLY I 14 -0.76 -3.38 8.27
N HIS I 15 -1.70 -2.48 7.96
CA HIS I 15 -2.72 -2.76 6.95
C HIS I 15 -3.04 -1.51 6.16
N THR I 16 -3.61 -1.72 5.00
CA THR I 16 -4.12 -0.66 4.12
C THR I 16 -5.64 -0.68 4.12
N GLY I 17 -6.25 0.46 4.47
CA GLY I 17 -7.70 0.61 4.48
C GLY I 17 -8.37 0.32 3.14
N LEU I 18 -7.77 0.78 2.05
CA LEU I 18 -8.33 0.57 0.70
C LEU I 18 -7.21 0.39 -0.31
N VAL I 19 -7.20 -0.76 -0.98
CA VAL I 19 -6.18 -1.03 -1.99
C VAL I 19 -6.83 -1.01 -3.35
N GLU I 20 -6.28 -0.20 -4.26
CA GLU I 20 -6.78 -0.09 -5.59
C GLU I 20 -5.86 -0.91 -6.49
N ALA I 21 -6.46 -1.83 -7.25
CA ALA I 21 -5.72 -2.68 -8.17
C ALA I 21 -6.53 -2.77 -9.44
N GLY I 22 -6.10 -2.00 -10.45
CA GLY I 22 -6.82 -1.94 -11.73
C GLY I 22 -8.20 -1.40 -11.49
N ASP I 23 -9.22 -2.17 -11.85
CA ASP I 23 -10.62 -1.72 -11.70
C ASP I 23 -11.24 -2.15 -10.35
N PHE I 24 -10.49 -2.89 -9.54
CA PHE I 24 -10.95 -3.42 -8.26
C PHE I 24 -10.38 -2.74 -7.01
N TYR I 25 -11.22 -2.64 -5.98
CA TYR I 25 -10.86 -1.99 -4.75
C TYR I 25 -11.13 -2.94 -3.61
N TYR I 26 -10.10 -3.20 -2.80
CA TYR I 26 -10.18 -4.12 -1.67
C TYR I 26 -10.15 -3.34 -0.37
N LEU I 27 -11.20 -3.48 0.42
CA LEU I 27 -11.35 -2.80 1.70
C LEU I 27 -10.83 -3.67 2.83
N ASN I 28 -10.07 -3.06 3.73
CA ASN I 28 -9.69 -3.70 4.97
C ASN I 28 -10.96 -3.86 5.79
N TYR I 29 -10.93 -4.71 6.80
CA TYR I 29 -12.07 -4.79 7.70
C TYR I 29 -12.43 -3.37 8.16
N CYS I 30 -13.73 -3.14 8.32
CA CYS I 30 -14.28 -1.85 8.71
C CYS I 30 -15.01 -2.02 10.01
N VAL I 31 -14.87 -1.05 10.90
CA VAL I 31 -15.48 -1.10 12.19
C VAL I 31 -15.90 0.33 12.54
N GLY I 32 -16.86 0.48 13.44
CA GLY I 32 -17.18 1.82 13.93
C GLY I 32 -18.18 1.83 15.05
N ASN I 33 -18.32 2.97 15.72
CA ASN I 33 -19.23 3.09 16.87
C ASN I 33 -18.94 1.99 17.87
N VAL I 34 -17.67 1.74 18.18
CA VAL I 34 -17.47 0.55 19.00
C VAL I 34 -17.92 0.84 20.42
N GLY I 35 -18.32 -0.21 21.09
CA GLY I 35 -18.92 -0.07 22.38
C GLY I 35 -20.41 0.17 22.35
N GLN I 36 -20.99 0.45 21.18
CA GLN I 36 -22.43 0.65 21.09
C GLN I 36 -23.15 -0.65 20.74
N ASP I 37 -24.48 -0.58 20.64
CA ASP I 37 -25.24 -1.80 20.38
C ASP I 37 -25.05 -2.30 18.92
N ILE I 38 -25.63 -3.45 18.59
CA ILE I 38 -25.28 -4.12 17.33
C ILE I 38 -25.72 -3.30 16.09
N GLU I 39 -26.87 -2.65 16.17
CA GLU I 39 -27.31 -1.82 15.05
C GLU I 39 -26.34 -0.65 14.77
N SER I 40 -25.92 0.06 15.82
CA SER I 40 -24.92 1.11 15.68
C SER I 40 -23.59 0.65 15.14
N GLN I 41 -23.12 -0.52 15.56
CA GLN I 41 -21.82 -1.01 15.11
C GLN I 41 -21.90 -1.41 13.65
N ILE I 42 -23.06 -1.89 13.22
CA ILE I 42 -23.25 -2.21 11.80
C ILE I 42 -23.21 -0.88 11.03
N ASN I 43 -23.99 0.12 11.50
CA ASN I 43 -23.99 1.44 10.86
C ASN I 43 -22.64 2.10 10.82
N GLY I 44 -21.89 2.02 11.93
CA GLY I 44 -20.56 2.57 12.02
C GLY I 44 -19.59 1.88 11.08
N ALA I 45 -19.72 0.56 10.92
CA ALA I 45 -18.89 -0.18 9.96
C ALA I 45 -19.18 0.23 8.51
N PHE I 46 -20.46 0.36 8.15
CA PHE I 46 -20.81 0.85 6.82
C PHE I 46 -20.37 2.28 6.59
N ASP I 47 -20.44 3.11 7.64
CA ASP I 47 -19.95 4.49 7.55
C ASP I 47 -18.46 4.48 7.17
N GLU I 48 -17.68 3.62 7.84
CA GLU I 48 -16.24 3.54 7.54
C GLU I 48 -15.97 3.05 6.10
N MSE I 49 -16.80 2.13 5.63
CA MSE I 49 -16.69 1.57 4.28
C MSE I 49 -16.95 2.71 3.30
O MSE I 49 -16.20 2.88 2.35
CB MSE I 49 -17.70 0.42 4.09
CG MSE I 49 -17.90 -0.16 2.65
SE MSE I 49 -19.05 -1.61 2.58
CE MSE I 49 -17.86 -2.91 2.85
N GLU I 50 -18.00 3.49 3.58
CA GLU I 50 -18.33 4.67 2.78
C GLU I 50 -17.24 5.74 2.73
N ARG I 51 -16.59 5.97 3.86
CA ARG I 51 -15.48 6.92 3.96
C ARG I 51 -14.33 6.40 3.11
N ARG I 52 -14.02 5.11 3.22
CA ARG I 52 -12.91 4.60 2.46
C ARG I 52 -13.21 4.68 0.96
N LEU I 53 -14.40 4.26 0.55
CA LEU I 53 -14.81 4.40 -0.86
C LEU I 53 -14.78 5.83 -1.38
N ALA I 54 -15.10 6.80 -0.52
CA ALA I 54 -15.07 8.22 -0.91
C ALA I 54 -13.66 8.68 -1.27
N LEU I 55 -12.63 8.03 -0.71
CA LEU I 55 -11.23 8.36 -1.07
C LEU I 55 -10.94 8.19 -2.55
N VAL I 56 -11.69 7.32 -3.22
CA VAL I 56 -11.53 7.10 -4.66
C VAL I 56 -12.77 7.50 -5.45
N GLY I 57 -13.65 8.29 -4.82
CA GLY I 57 -14.81 8.83 -5.51
C GLY I 57 -15.90 7.79 -5.75
N LEU I 58 -15.92 6.76 -4.93
CA LEU I 58 -16.89 5.69 -5.06
C LEU I 58 -17.92 5.71 -3.91
N THR I 59 -19.02 4.98 -4.10
CA THR I 59 -20.12 4.85 -3.15
C THR I 59 -20.46 3.39 -2.92
N LEU I 60 -21.45 3.11 -2.08
CA LEU I 60 -21.92 1.73 -1.85
C LEU I 60 -22.36 0.97 -3.10
N ASP I 61 -22.77 1.71 -4.14
CA ASP I 61 -23.15 1.17 -5.45
C ASP I 61 -22.03 0.38 -6.16
N ALA I 62 -20.78 0.69 -5.83
CA ALA I 62 -19.66 0.05 -6.46
C ALA I 62 -19.24 -1.26 -5.74
N VAL I 63 -19.85 -1.56 -4.60
CA VAL I 63 -19.50 -2.74 -3.79
C VAL I 63 -20.08 -3.99 -4.43
N VAL I 64 -19.21 -4.96 -4.71
CA VAL I 64 -19.65 -6.17 -5.38
C VAL I 64 -19.76 -7.36 -4.41
N GLN I 65 -19.01 -7.28 -3.32
CA GLN I 65 -18.92 -8.40 -2.39
C GLN I 65 -18.55 -7.92 -0.99
N MSE I 66 -19.14 -8.56 0.03
CA MSE I 66 -18.84 -8.23 1.44
C MSE I 66 -18.78 -9.48 2.29
O MSE I 66 -19.63 -10.36 2.18
CB MSE I 66 -19.91 -7.32 2.04
CG MSE I 66 -20.18 -6.01 1.35
SE MSE I 66 -21.22 -4.89 2.40
CE MSE I 66 -22.53 -6.00 2.77
N ASP I 67 -17.79 -9.56 3.16
CA ASP I 67 -17.77 -10.56 4.22
C ASP I 67 -18.17 -9.90 5.55
N CYS I 68 -19.18 -10.44 6.20
CA CYS I 68 -19.70 -9.87 7.42
C CYS I 68 -19.32 -10.75 8.61
N LEU I 69 -18.60 -10.15 9.56
CA LEU I 69 -18.09 -10.88 10.71
C LEU I 69 -18.89 -10.52 11.94
N PHE I 70 -19.51 -11.52 12.57
CA PHE I 70 -20.39 -11.27 13.72
C PHE I 70 -19.86 -12.00 14.95
N ARG I 71 -19.93 -11.37 16.12
CA ARG I 71 -19.70 -12.10 17.35
C ARG I 71 -20.89 -13.05 17.55
N ASP I 72 -22.07 -12.63 17.08
CA ASP I 72 -23.29 -13.43 17.17
C ASP I 72 -24.01 -13.41 15.82
N VAL I 73 -23.87 -14.47 15.05
CA VAL I 73 -24.33 -14.47 13.67
C VAL I 73 -25.86 -14.41 13.54
N TRP I 74 -26.56 -14.74 14.63
CA TRP I 74 -28.01 -14.58 14.65
C TRP I 74 -28.44 -13.08 14.54
N ASN I 75 -27.48 -12.17 14.54
CA ASN I 75 -27.76 -10.75 14.28
C ASN I 75 -27.89 -10.38 12.81
N ILE I 76 -27.72 -11.37 11.93
CA ILE I 76 -27.93 -11.17 10.49
C ILE I 76 -29.16 -10.34 10.10
N PRO I 77 -30.36 -10.64 10.67
CA PRO I 77 -31.52 -9.78 10.35
C PRO I 77 -31.33 -8.29 10.68
N VAL I 78 -30.53 -7.97 11.69
CA VAL I 78 -30.27 -6.56 12.04
C VAL I 78 -29.49 -5.92 10.87
N MSE I 79 -28.44 -6.60 10.40
CA MSE I 79 -27.66 -6.13 9.24
C MSE I 79 -28.54 -6.03 7.98
O MSE I 79 -28.45 -5.04 7.26
CB MSE I 79 -26.46 -7.03 8.98
CG MSE I 79 -25.58 -6.55 7.81
SE MSE I 79 -24.20 -7.61 7.33
CE MSE I 79 -25.09 -9.14 6.90
N GLU I 80 -29.41 -7.01 7.74
CA GLU I 80 -30.25 -6.98 6.54
C GLU I 80 -31.17 -5.78 6.45
N LYS I 81 -31.80 -5.42 7.57
CA LYS I 81 -32.54 -4.14 7.71
C LYS I 81 -31.67 -2.93 7.35
N MSE I 82 -30.45 -2.86 7.90
CA MSE I 82 -29.51 -1.78 7.56
C MSE I 82 -29.03 -1.78 6.09
O MSE I 82 -28.87 -0.72 5.47
CB MSE I 82 -28.33 -1.74 8.55
CG MSE I 82 -28.70 -1.29 10.02
SE MSE I 82 -29.83 0.17 10.27
CE MSE I 82 -29.52 1.23 8.86
N ILE I 83 -28.84 -2.96 5.51
CA ILE I 83 -28.41 -3.04 4.14
C ILE I 83 -29.52 -2.46 3.28
N LYS I 84 -30.76 -2.81 3.59
CA LYS I 84 -31.89 -2.34 2.77
C LYS I 84 -32.12 -0.86 2.92
N GLU I 85 -31.84 -0.33 4.11
CA GLU I 85 -31.90 1.10 4.35
C GLU I 85 -30.84 1.87 3.59
N ARG I 86 -29.64 1.31 3.46
CA ARG I 86 -28.51 2.08 2.93
C ARG I 86 -28.09 1.79 1.49
N PHE I 87 -28.40 0.60 0.98
CA PHE I 87 -27.87 0.18 -0.33
C PHE I 87 -28.83 0.44 -1.47
N ASN I 88 -29.97 1.03 -1.15
CA ASN I 88 -31.08 1.30 -2.08
C ASN I 88 -31.23 0.43 -3.35
N GLY I 89 -31.59 -0.82 -3.12
CA GLY I 89 -31.96 -1.75 -4.16
C GLY I 89 -30.81 -2.39 -4.90
N ARG I 90 -29.57 -2.02 -4.57
CA ARG I 90 -28.41 -2.58 -5.26
C ARG I 90 -27.46 -3.24 -4.25
N TYR I 91 -27.51 -4.56 -4.22
CA TYR I 91 -26.89 -5.32 -3.13
C TYR I 91 -25.66 -6.08 -3.60
N PRO I 92 -24.66 -6.18 -2.71
CA PRO I 92 -23.50 -7.01 -2.98
C PRO I 92 -23.85 -8.49 -2.80
N ALA I 93 -22.98 -9.33 -3.36
CA ALA I 93 -22.87 -10.71 -2.93
C ALA I 93 -22.25 -10.71 -1.53
N ARG I 94 -22.65 -11.65 -0.67
CA ARG I 94 -22.06 -11.64 0.66
C ARG I 94 -22.01 -12.99 1.34
N LYS I 95 -21.26 -13.04 2.42
CA LYS I 95 -21.37 -14.15 3.32
C LYS I 95 -21.16 -13.65 4.75
N SER I 96 -21.67 -14.40 5.72
CA SER I 96 -21.57 -14.03 7.13
C SER I 96 -20.89 -15.15 7.91
N ILE I 97 -20.05 -14.74 8.85
CA ILE I 97 -19.25 -15.67 9.62
C ILE I 97 -19.40 -15.28 11.06
N GLN I 98 -19.53 -16.26 11.95
CA GLN I 98 -19.41 -15.99 13.36
C GLN I 98 -17.99 -16.22 13.81
N THR I 99 -17.41 -15.22 14.49
CA THR I 99 -16.03 -15.36 14.95
C THR I 99 -15.83 -14.60 16.26
N GLU I 100 -14.87 -15.05 17.03
CA GLU I 100 -14.31 -14.25 18.11
C GLU I 100 -13.45 -13.11 17.51
N PHE I 101 -13.28 -12.02 18.24
CA PHE I 101 -12.38 -10.94 17.88
C PHE I 101 -11.29 -10.78 18.94
N ALA I 102 -10.17 -10.16 18.57
CA ALA I 102 -9.12 -9.86 19.53
C ALA I 102 -9.52 -8.57 20.27
N HIS I 103 -10.75 -8.52 20.75
CA HIS I 103 -11.24 -7.39 21.53
C HIS I 103 -12.33 -7.95 22.42
N HIS I 104 -12.47 -7.44 23.63
CA HIS I 104 -13.48 -7.93 24.55
C HIS I 104 -14.90 -7.83 23.97
N GLY I 105 -15.75 -8.79 24.35
CA GLY I 105 -17.18 -8.78 24.03
C GLY I 105 -17.88 -8.15 25.23
N GLY I 106 -19.11 -8.53 25.48
CA GLY I 106 -19.86 -8.08 26.64
C GLY I 106 -20.18 -6.60 26.52
N PRO I 107 -20.41 -5.91 27.67
CA PRO I 107 -20.73 -4.48 27.70
C PRO I 107 -19.67 -3.63 26.96
N GLN I 108 -20.13 -2.80 26.03
CA GLN I 108 -19.22 -1.99 25.21
C GLN I 108 -18.23 -2.83 24.43
N GLY I 109 -18.57 -4.07 24.13
CA GLY I 109 -17.69 -4.93 23.35
C GLY I 109 -17.82 -4.75 21.85
N LEU I 110 -16.83 -5.27 21.11
CA LEU I 110 -16.88 -5.32 19.65
C LEU I 110 -17.80 -6.45 19.20
N LEU I 111 -18.78 -6.13 18.34
CA LEU I 111 -19.81 -7.10 17.89
C LEU I 111 -19.83 -7.40 16.40
N PHE I 112 -19.20 -6.54 15.60
CA PHE I 112 -19.36 -6.59 14.16
C PHE I 112 -18.19 -5.93 13.42
N GLN I 113 -17.75 -6.56 12.32
CA GLN I 113 -16.85 -5.95 11.32
C GLN I 113 -17.35 -6.38 9.95
N VAL I 114 -16.95 -5.65 8.90
CA VAL I 114 -17.27 -5.98 7.52
C VAL I 114 -16.09 -5.57 6.63
N ASP I 115 -15.75 -6.36 5.62
CA ASP I 115 -14.78 -5.96 4.57
C ASP I 115 -15.47 -6.22 3.24
N GLY I 116 -14.83 -5.89 2.14
CA GLY I 116 -15.45 -6.14 0.86
C GLY I 116 -14.60 -5.78 -0.32
N VAL I 117 -15.23 -5.90 -1.48
CA VAL I 117 -14.55 -5.62 -2.74
C VAL I 117 -15.48 -4.67 -3.50
N ALA I 118 -14.90 -3.67 -4.15
CA ALA I 118 -15.65 -2.75 -5.01
C ALA I 118 -15.05 -2.68 -6.38
N TYR I 119 -15.83 -2.17 -7.33
CA TYR I 119 -15.44 -2.17 -8.71
C TYR I 119 -15.86 -0.89 -9.37
N SER I 120 -14.98 -0.37 -10.19
CA SER I 120 -15.26 0.79 -11.04
C SER I 120 -14.35 0.69 -12.22
N LYS I 121 -14.97 0.54 -13.39
CA LYS I 121 -14.28 0.41 -14.65
C LYS I 121 -13.58 1.72 -15.08
N HIS I 122 -12.29 1.62 -15.37
CA HIS I 122 -11.54 2.78 -15.88
C HIS I 122 -11.71 2.94 -17.40
N THR J 3 -8.22 -19.66 -20.71
CA THR J 3 -7.47 -18.47 -20.20
C THR J 3 -7.00 -18.59 -18.74
N ILE J 4 -7.78 -19.25 -17.87
CA ILE J 4 -7.38 -19.36 -16.45
C ILE J 4 -6.17 -20.30 -16.37
N ARG J 5 -5.13 -19.93 -15.61
CA ARG J 5 -3.98 -20.82 -15.38
C ARG J 5 -3.96 -21.25 -13.92
N ARG J 6 -3.63 -22.51 -13.71
CA ARG J 6 -3.64 -23.10 -12.38
C ARG J 6 -2.26 -23.63 -12.02
N TYR J 7 -1.73 -23.17 -10.88
CA TYR J 7 -0.35 -23.45 -10.54
C TYR J 7 -0.31 -24.19 -9.22
N ASP J 8 0.67 -25.08 -9.06
CA ASP J 8 0.87 -25.77 -7.77
C ASP J 8 -0.41 -26.53 -7.38
N VAL J 9 -0.83 -27.44 -8.25
CA VAL J 9 -2.08 -28.15 -8.04
C VAL J 9 -1.82 -29.37 -7.17
N ASN J 10 -2.70 -29.54 -6.19
CA ASN J 10 -2.68 -30.66 -5.28
C ASN J 10 -3.93 -31.52 -5.53
N GLU J 11 -3.72 -32.61 -6.26
CA GLU J 11 -4.81 -33.52 -6.64
C GLU J 11 -5.42 -34.28 -5.45
N ASP J 12 -4.61 -34.68 -4.48
CA ASP J 12 -5.10 -35.35 -3.26
C ASP J 12 -6.16 -34.48 -2.55
N ARG J 13 -5.87 -33.19 -2.45
CA ARG J 13 -6.72 -32.22 -1.75
C ARG J 13 -7.79 -31.58 -2.63
N GLY J 14 -7.67 -31.73 -3.96
CA GLY J 14 -8.54 -31.02 -4.91
C GLY J 14 -8.49 -29.51 -4.74
N HIS J 15 -7.27 -28.96 -4.67
CA HIS J 15 -7.10 -27.49 -4.73
C HIS J 15 -5.94 -27.06 -5.60
N THR J 16 -5.92 -25.79 -5.97
CA THR J 16 -4.87 -25.20 -6.78
C THR J 16 -4.20 -24.17 -5.87
N GLY J 17 -2.86 -24.22 -5.80
CA GLY J 17 -2.10 -23.37 -4.88
C GLY J 17 -2.19 -21.91 -5.31
N LEU J 18 -2.15 -21.67 -6.62
CA LEU J 18 -2.27 -20.32 -7.10
C LEU J 18 -3.02 -20.32 -8.45
N VAL J 19 -4.09 -19.55 -8.54
CA VAL J 19 -4.83 -19.44 -9.77
C VAL J 19 -4.60 -18.06 -10.33
N GLU J 20 -4.20 -18.00 -11.60
CA GLU J 20 -4.06 -16.76 -12.37
C GLU J 20 -5.27 -16.51 -13.23
N ALA J 21 -5.91 -15.35 -13.03
CA ALA J 21 -7.15 -14.98 -13.72
C ALA J 21 -7.00 -13.55 -14.19
N GLY J 22 -6.60 -13.39 -15.46
CA GLY J 22 -6.30 -12.08 -15.99
C GLY J 22 -5.13 -11.48 -15.20
N ASP J 23 -5.34 -10.30 -14.63
CA ASP J 23 -4.31 -9.63 -13.84
C ASP J 23 -4.31 -10.01 -12.35
N PHE J 24 -5.28 -10.84 -11.95
CA PHE J 24 -5.42 -11.28 -10.57
C PHE J 24 -4.98 -12.72 -10.30
N TYR J 25 -4.47 -12.93 -9.10
CA TYR J 25 -3.92 -14.21 -8.67
C TYR J 25 -4.57 -14.54 -7.32
N TYR J 26 -5.12 -15.75 -7.20
CA TYR J 26 -5.77 -16.17 -5.97
C TYR J 26 -4.97 -17.28 -5.32
N LEU J 27 -4.55 -17.04 -4.09
CA LEU J 27 -3.78 -18.02 -3.33
C LEU J 27 -4.70 -18.91 -2.53
N ASN J 28 -4.45 -20.22 -2.62
CA ASN J 28 -5.03 -21.20 -1.71
C ASN J 28 -4.53 -20.86 -0.31
N TYR J 29 -5.18 -21.39 0.74
CA TYR J 29 -4.62 -21.25 2.08
C TYR J 29 -3.16 -21.71 2.07
N CYS J 30 -2.33 -20.97 2.81
CA CYS J 30 -0.90 -21.22 2.95
C CYS J 30 -0.58 -21.54 4.40
N VAL J 31 0.33 -22.48 4.59
CA VAL J 31 0.64 -23.05 5.88
C VAL J 31 2.14 -23.38 5.81
N GLY J 32 2.88 -23.27 6.93
CA GLY J 32 4.28 -23.75 6.93
C GLY J 32 4.83 -23.83 8.35
N ASN J 33 6.02 -24.43 8.50
CA ASN J 33 6.63 -24.66 9.82
C ASN J 33 5.63 -25.27 10.76
N VAL J 34 4.90 -26.29 10.34
CA VAL J 34 3.85 -26.77 11.23
C VAL J 34 4.42 -27.55 12.40
N GLY J 35 3.70 -27.52 13.49
CA GLY J 35 4.17 -28.09 14.72
C GLY J 35 4.96 -27.09 15.54
N GLN J 36 5.38 -26.00 14.92
CA GLN J 36 6.19 -25.00 15.63
C GLN J 36 5.29 -23.97 16.31
N ASP J 37 5.89 -23.02 17.03
CA ASP J 37 5.14 -22.01 17.77
C ASP J 37 4.47 -20.99 16.86
N ILE J 38 3.61 -20.13 17.41
CA ILE J 38 2.75 -19.26 16.60
C ILE J 38 3.56 -18.35 15.65
N GLU J 39 4.61 -17.73 16.14
CA GLU J 39 5.44 -16.86 15.28
C GLU J 39 6.08 -17.63 14.10
N SER J 40 6.62 -18.82 14.36
CA SER J 40 7.16 -19.63 13.26
C SER J 40 6.12 -20.02 12.23
N GLN J 41 4.89 -20.36 12.66
CA GLN J 41 3.85 -20.81 11.71
C GLN J 41 3.37 -19.65 10.84
N ILE J 42 3.34 -18.46 11.42
CA ILE J 42 3.02 -17.26 10.68
C ILE J 42 4.11 -17.02 9.64
N ASN J 43 5.36 -17.13 10.08
CA ASN J 43 6.49 -16.95 9.16
C ASN J 43 6.49 -18.03 8.08
N GLY J 44 6.16 -19.26 8.47
CA GLY J 44 6.09 -20.37 7.54
C GLY J 44 4.98 -20.18 6.52
N ALA J 45 3.83 -19.66 6.95
CA ALA J 45 2.72 -19.37 6.04
C ALA J 45 3.11 -18.30 5.02
N PHE J 46 3.78 -17.23 5.49
CA PHE J 46 4.22 -16.17 4.59
C PHE J 46 5.30 -16.72 3.65
N ASP J 47 6.15 -17.63 4.14
CA ASP J 47 7.13 -18.31 3.26
C ASP J 47 6.41 -19.12 2.14
N GLU J 48 5.31 -19.79 2.46
N GLU J 48 5.31 -19.79 2.46
CA GLU J 48 4.51 -20.53 1.45
CA GLU J 48 4.58 -20.49 1.41
C GLU J 48 3.82 -19.58 0.44
C GLU J 48 3.94 -19.51 0.41
N MSE J 49 3.37 -18.41 0.92
CA MSE J 49 2.79 -17.37 0.08
C MSE J 49 3.83 -16.84 -0.90
O MSE J 49 3.56 -16.74 -2.11
CB MSE J 49 2.20 -16.24 0.95
CG MSE J 49 1.64 -14.99 0.21
SE MSE J 49 0.74 -13.81 1.32
CE MSE J 49 -0.85 -14.60 1.37
N GLU J 50 5.04 -16.54 -0.41
CA GLU J 50 6.15 -16.10 -1.29
C GLU J 50 6.58 -17.19 -2.30
N ARG J 51 6.63 -18.45 -1.86
CA ARG J 51 6.95 -19.58 -2.74
C ARG J 51 5.97 -19.69 -3.93
N ARG J 52 4.67 -19.58 -3.66
CA ARG J 52 3.65 -19.66 -4.70
C ARG J 52 3.68 -18.44 -5.63
N LEU J 53 3.74 -17.23 -5.07
CA LEU J 53 3.89 -16.02 -5.87
C LEU J 53 5.11 -16.05 -6.80
N ALA J 54 6.21 -16.64 -6.34
CA ALA J 54 7.42 -16.79 -7.15
C ALA J 54 7.24 -17.66 -8.40
N LEU J 55 6.33 -18.64 -8.34
CA LEU J 55 5.91 -19.39 -9.55
C LEU J 55 5.56 -18.49 -10.73
N VAL J 56 5.00 -17.30 -10.44
CA VAL J 56 4.65 -16.34 -11.49
C VAL J 56 5.48 -15.05 -11.43
N GLY J 57 6.64 -15.10 -10.80
CA GLY J 57 7.56 -13.95 -10.73
C GLY J 57 7.05 -12.77 -9.93
N LEU J 58 6.16 -13.02 -8.99
CA LEU J 58 5.68 -11.98 -8.06
C LEU J 58 6.32 -12.13 -6.66
N THR J 59 6.07 -11.12 -5.81
CA THR J 59 6.56 -11.03 -4.42
C THR J 59 5.39 -10.52 -3.62
N LEU J 60 5.59 -10.38 -2.31
CA LEU J 60 4.56 -9.85 -1.41
C LEU J 60 4.10 -8.42 -1.79
N ASP J 61 4.87 -7.71 -2.58
CA ASP J 61 4.48 -6.38 -3.08
C ASP J 61 3.22 -6.44 -3.97
N ALA J 62 2.93 -7.62 -4.52
CA ALA J 62 1.79 -7.75 -5.43
C ALA J 62 0.50 -8.07 -4.66
N VAL J 63 0.63 -8.35 -3.37
CA VAL J 63 -0.53 -8.82 -2.55
C VAL J 63 -1.45 -7.66 -2.21
N VAL J 64 -2.72 -7.80 -2.51
CA VAL J 64 -3.67 -6.70 -2.31
C VAL J 64 -4.61 -6.99 -1.13
N GLN J 65 -4.86 -8.27 -0.82
CA GLN J 65 -5.82 -8.63 0.21
C GLN J 65 -5.42 -9.93 0.83
N MSE J 66 -5.58 -10.05 2.14
CA MSE J 66 -5.26 -11.30 2.87
C MSE J 66 -6.35 -11.62 3.90
O MSE J 66 -6.82 -10.73 4.62
CB MSE J 66 -3.95 -11.23 3.66
CG MSE J 66 -2.71 -11.05 2.85
SE MSE J 66 -1.16 -11.32 3.79
CE MSE J 66 -1.50 -10.44 5.30
N ASP J 67 -6.74 -12.88 3.94
CA ASP J 67 -7.56 -13.42 5.01
C ASP J 67 -6.68 -14.25 5.93
N CYS J 68 -6.67 -13.92 7.23
CA CYS J 68 -5.83 -14.59 8.22
C CYS J 68 -6.67 -15.45 9.18
N LEU J 69 -6.35 -16.73 9.25
CA LEU J 69 -7.14 -17.69 10.03
C LEU J 69 -6.31 -18.16 11.23
N PHE J 70 -6.82 -17.92 12.43
CA PHE J 70 -6.12 -18.21 13.69
C PHE J 70 -6.91 -19.22 14.45
N ARG J 71 -6.23 -20.14 15.11
CA ARG J 71 -6.91 -20.96 16.11
C ARG J 71 -7.21 -20.07 17.37
N ASP J 72 -6.35 -19.06 17.62
CA ASP J 72 -6.51 -18.08 18.70
C ASP J 72 -6.32 -16.67 18.12
N VAL J 73 -7.43 -15.94 17.91
CA VAL J 73 -7.34 -14.68 17.17
C VAL J 73 -6.63 -13.58 17.97
N TRP J 74 -6.48 -13.78 19.28
CA TRP J 74 -5.70 -12.86 20.10
C TRP J 74 -4.22 -12.86 19.72
N ASN J 75 -3.83 -13.78 18.84
CA ASN J 75 -2.48 -13.77 18.25
C ASN J 75 -2.29 -12.74 17.12
N ILE J 76 -3.29 -11.91 16.80
CA ILE J 76 -3.11 -10.81 15.83
C ILE J 76 -1.83 -9.93 16.02
N PRO J 77 -1.52 -9.47 17.26
CA PRO J 77 -0.25 -8.71 17.49
C PRO J 77 1.04 -9.40 17.01
N VAL J 78 1.06 -10.73 17.03
CA VAL J 78 2.23 -11.49 16.58
C VAL J 78 2.32 -11.43 15.07
N MSE J 79 1.21 -11.66 14.38
CA MSE J 79 1.17 -11.54 12.93
C MSE J 79 1.51 -10.11 12.46
O MSE J 79 2.21 -9.94 11.46
CB MSE J 79 -0.20 -11.99 12.39
CG MSE J 79 -0.31 -11.78 10.88
SE MSE J 79 -1.90 -12.04 10.10
CE MSE J 79 -2.83 -10.68 10.83
N GLU J 80 1.02 -9.08 13.17
CA GLU J 80 1.32 -7.71 12.82
C GLU J 80 2.81 -7.40 12.88
N LYS J 81 3.48 -7.89 13.93
CA LYS J 81 4.92 -7.79 14.05
C LYS J 81 5.61 -8.37 12.81
N MSE J 82 5.18 -9.57 12.40
CA MSE J 82 5.77 -10.24 11.25
C MSE J 82 5.44 -9.55 9.95
O MSE J 82 6.29 -9.51 9.05
CB MSE J 82 5.42 -11.73 11.21
CG MSE J 82 5.93 -12.51 12.46
SE MSE J 82 7.73 -12.51 12.57
CE MSE J 82 8.13 -11.18 13.68
N ILE J 83 4.22 -9.00 9.83
CA ILE J 83 3.82 -8.22 8.63
C ILE J 83 4.74 -7.01 8.45
N LYS J 84 5.02 -6.31 9.53
CA LYS J 84 5.88 -5.14 9.48
C LYS J 84 7.33 -5.51 9.13
N GLU J 85 7.83 -6.63 9.65
CA GLU J 85 9.15 -7.13 9.30
C GLU J 85 9.30 -7.55 7.83
N ARG J 86 8.22 -8.03 7.23
CA ARG J 86 8.33 -8.70 5.93
C ARG J 86 7.72 -7.99 4.73
N PHE J 87 6.78 -7.08 4.97
CA PHE J 87 6.05 -6.45 3.87
C PHE J 87 6.66 -5.10 3.41
N ASN J 88 7.72 -4.66 4.07
CA ASN J 88 8.50 -3.50 3.61
C ASN J 88 7.63 -2.24 3.39
N GLY J 89 6.73 -1.96 4.34
CA GLY J 89 5.88 -0.76 4.30
C GLY J 89 4.70 -0.71 3.32
N ARG J 90 4.42 -1.80 2.61
CA ARG J 90 3.32 -1.82 1.65
C ARG J 90 2.37 -2.94 2.06
N TYR J 91 1.28 -2.59 2.70
CA TYR J 91 0.46 -3.60 3.37
C TYR J 91 -0.81 -3.92 2.61
N PRO J 92 -1.27 -5.18 2.70
CA PRO J 92 -2.56 -5.53 2.09
C PRO J 92 -3.75 -5.07 2.92
N ALA J 93 -4.93 -5.10 2.31
CA ALA J 93 -6.18 -5.03 3.08
C ALA J 93 -6.31 -6.42 3.71
N ARG J 94 -6.93 -6.50 4.88
CA ARG J 94 -7.07 -7.82 5.46
C ARG J 94 -8.22 -7.94 6.45
N LYS J 95 -8.47 -9.17 6.86
CA LYS J 95 -9.33 -9.42 8.00
C LYS J 95 -8.81 -10.67 8.66
N SER J 96 -9.19 -10.89 9.92
CA SER J 96 -8.71 -12.03 10.65
C SER J 96 -9.92 -12.74 11.22
N ILE J 97 -9.91 -14.06 11.16
CA ILE J 97 -11.00 -14.78 11.76
C ILE J 97 -10.44 -15.89 12.62
N GLN J 98 -11.11 -16.15 13.73
CA GLN J 98 -10.82 -17.32 14.55
C GLN J 98 -11.61 -18.53 14.03
N THR J 99 -10.92 -19.66 13.82
CA THR J 99 -11.62 -20.85 13.36
C THR J 99 -10.95 -22.11 13.89
N GLU J 100 -11.73 -23.18 14.04
CA GLU J 100 -11.15 -24.54 14.14
C GLU J 100 -10.56 -24.97 12.79
N PHE J 101 -9.58 -25.85 12.82
CA PHE J 101 -9.06 -26.45 11.60
C PHE J 101 -9.28 -27.95 11.68
N ALA J 102 -9.34 -28.59 10.51
CA ALA J 102 -9.39 -30.04 10.40
C ALA J 102 -8.01 -30.66 10.66
N HIS J 103 -7.31 -30.18 11.68
N HIS J 103 -7.36 -30.19 11.71
CA HIS J 103 -6.01 -30.70 12.13
CA HIS J 103 -6.04 -30.64 12.17
C HIS J 103 -5.84 -30.38 13.61
C HIS J 103 -6.02 -30.48 13.67
N HIS J 104 -5.28 -31.32 14.37
CA HIS J 104 -5.17 -31.21 15.83
C HIS J 104 -4.52 -29.87 16.27
N GLY J 105 -4.98 -29.32 17.39
CA GLY J 105 -4.33 -28.18 18.04
C GLY J 105 -3.35 -28.75 19.06
N GLY J 106 -3.14 -28.02 20.15
CA GLY J 106 -2.27 -28.54 21.22
C GLY J 106 -0.80 -28.59 20.81
N PRO J 107 0.00 -29.44 21.49
CA PRO J 107 1.43 -29.56 21.18
C PRO J 107 1.65 -29.88 19.72
N GLN J 108 2.51 -29.09 19.08
CA GLN J 108 2.83 -29.30 17.68
C GLN J 108 1.57 -29.29 16.80
N GLY J 109 0.53 -28.55 17.19
CA GLY J 109 -0.67 -28.46 16.37
C GLY J 109 -0.63 -27.30 15.39
N LEU J 110 -1.58 -27.28 14.46
CA LEU J 110 -1.71 -26.17 13.51
C LEU J 110 -2.40 -24.98 14.17
N LEU J 111 -1.84 -23.79 13.95
CA LEU J 111 -2.27 -22.57 14.65
C LEU J 111 -2.66 -21.42 13.73
N PHE J 112 -2.32 -21.51 12.45
CA PHE J 112 -2.46 -20.35 11.57
C PHE J 112 -2.45 -20.77 10.09
N GLN J 113 -3.29 -20.12 9.30
CA GLN J 113 -3.25 -20.21 7.84
C GLN J 113 -3.52 -18.81 7.30
N VAL J 114 -3.07 -18.53 6.07
CA VAL J 114 -3.37 -17.28 5.42
C VAL J 114 -3.68 -17.57 3.95
N ASP J 115 -4.59 -16.82 3.36
CA ASP J 115 -4.76 -16.88 1.90
C ASP J 115 -4.81 -15.44 1.42
N GLY J 116 -5.16 -15.20 0.17
CA GLY J 116 -5.10 -13.83 -0.32
C GLY J 116 -5.21 -13.71 -1.82
N VAL J 117 -5.12 -12.46 -2.27
CA VAL J 117 -5.31 -12.11 -3.66
C VAL J 117 -4.11 -11.21 -3.98
N ALA J 118 -3.54 -11.42 -5.16
CA ALA J 118 -2.43 -10.62 -5.64
C ALA J 118 -2.79 -10.07 -7.00
N TYR J 119 -2.06 -9.04 -7.44
CA TYR J 119 -2.37 -8.35 -8.68
C TYR J 119 -1.06 -8.01 -9.38
N SER J 120 -1.06 -8.21 -10.71
CA SER J 120 0.01 -7.73 -11.58
C SER J 120 -0.62 -7.47 -12.94
N LYS J 121 -0.54 -6.22 -13.41
CA LYS J 121 -1.07 -5.89 -14.74
C LYS J 121 -0.28 -6.48 -15.90
N HIS J 122 -0.96 -7.23 -16.77
CA HIS J 122 -0.42 -7.66 -18.06
C HIS J 122 -0.72 -6.57 -19.08
N LYS K 2 -4.78 56.00 -20.50
CA LYS K 2 -4.79 57.36 -19.95
C LYS K 2 -3.46 57.73 -19.30
N THR K 3 -3.38 57.59 -17.99
CA THR K 3 -2.12 57.48 -17.30
C THR K 3 -1.93 56.05 -16.82
N ILE K 4 -0.76 55.49 -17.09
CA ILE K 4 -0.40 54.21 -16.49
C ILE K 4 -0.39 54.30 -14.98
N ARG K 5 -1.05 53.35 -14.33
CA ARG K 5 -1.11 53.33 -12.87
C ARG K 5 -0.38 52.08 -12.40
N ARG K 6 0.51 52.25 -11.42
CA ARG K 6 1.30 51.13 -10.93
C ARG K 6 0.88 50.80 -9.49
N TYR K 7 0.34 49.60 -9.30
CA TYR K 7 -0.13 49.14 -7.99
C TYR K 7 0.81 48.07 -7.41
N ASP K 8 0.84 47.97 -6.09
CA ASP K 8 1.51 46.88 -5.36
C ASP K 8 2.99 46.84 -5.78
N VAL K 9 3.64 47.99 -5.69
CA VAL K 9 5.01 48.11 -6.15
C VAL K 9 5.98 47.54 -5.14
N ASN K 10 6.99 46.83 -5.62
CA ASN K 10 8.04 46.27 -4.78
C ASN K 10 9.36 46.90 -5.22
N GLU K 11 9.78 47.92 -4.46
CA GLU K 11 10.95 48.76 -4.76
C GLU K 11 12.25 47.96 -4.64
N ASP K 12 12.31 47.02 -3.70
CA ASP K 12 13.51 46.20 -3.58
C ASP K 12 13.72 45.27 -4.79
N ARG K 13 12.64 44.68 -5.30
CA ARG K 13 12.71 43.80 -6.48
C ARG K 13 12.67 44.57 -7.79
N GLY K 14 12.23 45.82 -7.74
CA GLY K 14 12.08 46.61 -8.97
C GLY K 14 10.98 46.10 -9.89
N HIS K 15 9.84 45.71 -9.32
CA HIS K 15 8.68 45.35 -10.14
C HIS K 15 7.37 45.95 -9.60
N THR K 16 6.38 46.01 -10.46
CA THR K 16 5.05 46.43 -10.09
C THR K 16 4.11 45.21 -10.10
N GLY K 17 3.38 45.00 -9.00
CA GLY K 17 2.51 43.86 -8.85
C GLY K 17 1.40 43.83 -9.88
N LEU K 18 0.85 45.02 -10.18
CA LEU K 18 -0.25 45.16 -11.13
C LEU K 18 -0.14 46.52 -11.84
N VAL K 19 -0.08 46.50 -13.16
CA VAL K 19 0.00 47.72 -13.94
C VAL K 19 -1.32 47.92 -14.67
N GLU K 20 -1.94 49.08 -14.47
CA GLU K 20 -3.16 49.46 -15.19
C GLU K 20 -2.81 50.34 -16.41
N ALA K 21 -3.17 49.88 -17.60
CA ALA K 21 -2.88 50.63 -18.83
C ALA K 21 -4.15 50.72 -19.68
N GLY K 22 -4.89 51.81 -19.55
CA GLY K 22 -6.24 51.90 -20.13
C GLY K 22 -7.19 50.85 -19.56
N ASP K 23 -7.74 50.02 -20.44
CA ASP K 23 -8.69 48.98 -20.05
C ASP K 23 -8.01 47.66 -19.68
N PHE K 24 -6.70 47.60 -19.78
CA PHE K 24 -5.96 46.36 -19.53
C PHE K 24 -5.12 46.43 -18.28
N TYR K 25 -4.92 45.27 -17.67
CA TYR K 25 -4.22 45.14 -16.39
C TYR K 25 -3.18 44.02 -16.52
N TYR K 26 -1.93 44.34 -16.21
CA TYR K 26 -0.84 43.38 -16.35
C TYR K 26 -0.36 42.99 -14.99
N LEU K 27 -0.39 41.70 -14.74
CA LEU K 27 0.02 41.16 -13.47
C LEU K 27 1.46 40.72 -13.57
N ASN K 28 2.25 41.14 -12.58
CA ASN K 28 3.55 40.52 -12.32
C ASN K 28 3.40 39.02 -11.98
N TYR K 29 4.46 38.24 -12.12
CA TYR K 29 4.41 36.88 -11.56
C TYR K 29 3.78 36.85 -10.14
N CYS K 30 2.94 35.85 -9.93
CA CYS K 30 2.25 35.61 -8.68
C CYS K 30 2.65 34.26 -8.14
N VAL K 31 2.77 34.21 -6.82
CA VAL K 31 3.36 33.11 -6.11
C VAL K 31 2.69 33.10 -4.72
N GLY K 32 2.58 31.93 -4.11
CA GLY K 32 1.92 31.84 -2.81
C GLY K 32 2.02 30.47 -2.16
N ASN K 33 1.90 30.45 -0.83
CA ASN K 33 1.99 29.21 -0.06
C ASN K 33 3.34 28.51 -0.30
N VAL K 34 4.43 29.29 -0.37
CA VAL K 34 5.69 28.71 -0.84
C VAL K 34 6.20 27.74 0.24
N GLY K 35 6.78 26.64 -0.20
CA GLY K 35 7.22 25.61 0.72
C GLY K 35 6.23 24.48 0.86
N GLN K 36 5.01 24.69 0.35
CA GLN K 36 3.94 23.70 0.45
C GLN K 36 3.88 22.83 -0.82
N ASP K 37 3.00 21.83 -0.86
CA ASP K 37 2.84 20.96 -2.05
C ASP K 37 2.33 21.69 -3.30
N ILE K 38 2.39 21.02 -4.44
CA ILE K 38 2.07 21.67 -5.72
C ILE K 38 0.65 22.31 -5.73
N GLU K 39 -0.34 21.55 -5.28
CA GLU K 39 -1.69 22.07 -5.21
C GLU K 39 -1.86 23.35 -4.36
N SER K 40 -1.25 23.38 -3.16
CA SER K 40 -1.26 24.58 -2.30
C SER K 40 -0.59 25.74 -2.99
N GLN K 41 0.53 25.45 -3.68
CA GLN K 41 1.32 26.49 -4.35
C GLN K 41 0.54 27.10 -5.49
N ILE K 42 -0.25 26.27 -6.16
CA ILE K 42 -1.12 26.76 -7.25
C ILE K 42 -2.25 27.61 -6.69
N ASN K 43 -2.91 27.10 -5.65
CA ASN K 43 -3.94 27.89 -4.95
C ASN K 43 -3.42 29.20 -4.39
N GLY K 44 -2.22 29.17 -3.82
CA GLY K 44 -1.62 30.37 -3.25
C GLY K 44 -1.22 31.39 -4.33
N ALA K 45 -0.76 30.93 -5.51
CA ALA K 45 -0.48 31.83 -6.60
C ALA K 45 -1.76 32.48 -7.13
N PHE K 46 -2.84 31.70 -7.24
CA PHE K 46 -4.14 32.28 -7.60
C PHE K 46 -4.66 33.27 -6.55
N ASP K 47 -4.42 32.97 -5.27
CA ASP K 47 -4.79 33.87 -4.19
C ASP K 47 -4.13 35.22 -4.36
N GLU K 48 -2.83 35.22 -4.66
CA GLU K 48 -2.10 36.46 -4.97
C GLU K 48 -2.65 37.19 -6.21
N MSE K 49 -2.95 36.43 -7.27
CA MSE K 49 -3.61 36.99 -8.44
C MSE K 49 -4.91 37.71 -8.00
O MSE K 49 -5.14 38.86 -8.37
CB MSE K 49 -3.87 35.91 -9.49
CG MSE K 49 -4.69 36.32 -10.74
SE MSE K 49 -4.53 35.18 -12.18
CE MSE K 49 -5.15 33.64 -11.52
N GLU K 50 -5.73 37.03 -7.22
CA GLU K 50 -6.96 37.63 -6.75
C GLU K 50 -6.73 38.86 -5.86
N ARG K 51 -5.71 38.80 -5.00
CA ARG K 51 -5.38 39.89 -4.12
C ARG K 51 -5.08 41.15 -4.96
N ARG K 52 -4.28 41.00 -6.00
CA ARG K 52 -3.89 42.12 -6.88
C ARG K 52 -5.07 42.70 -7.68
N LEU K 53 -5.85 41.83 -8.29
CA LEU K 53 -7.06 42.26 -9.01
C LEU K 53 -8.05 43.02 -8.13
N ALA K 54 -8.09 42.66 -6.83
CA ALA K 54 -9.01 43.29 -5.88
C ALA K 54 -8.63 44.74 -5.65
N LEU K 55 -7.36 45.05 -5.94
CA LEU K 55 -6.82 46.43 -5.80
C LEU K 55 -7.50 47.40 -6.78
N VAL K 56 -7.94 46.88 -7.93
CA VAL K 56 -8.61 47.67 -8.94
C VAL K 56 -10.09 47.25 -9.11
N GLY K 57 -10.63 46.53 -8.13
CA GLY K 57 -12.05 46.15 -8.15
C GLY K 57 -12.40 44.99 -9.06
N LEU K 58 -11.40 44.23 -9.49
CA LEU K 58 -11.59 43.13 -10.45
C LEU K 58 -11.48 41.76 -9.79
N THR K 59 -11.98 40.75 -10.49
CA THR K 59 -11.98 39.36 -10.05
C THR K 59 -11.39 38.50 -11.16
N LEU K 60 -11.28 37.19 -10.91
CA LEU K 60 -10.80 36.21 -11.91
C LEU K 60 -11.60 36.21 -13.24
N ASP K 61 -12.86 36.63 -13.19
CA ASP K 61 -13.67 36.80 -14.41
C ASP K 61 -13.12 37.78 -15.42
N ALA K 62 -12.29 38.71 -14.95
CA ALA K 62 -11.68 39.70 -15.82
C ALA K 62 -10.37 39.20 -16.48
N VAL K 63 -9.91 37.99 -16.14
CA VAL K 63 -8.62 37.49 -16.63
C VAL K 63 -8.76 36.87 -18.02
N VAL K 64 -8.00 37.41 -18.97
CA VAL K 64 -8.14 37.03 -20.39
C VAL K 64 -7.01 36.09 -20.87
N GLN K 65 -5.85 36.15 -20.19
CA GLN K 65 -4.71 35.36 -20.58
C GLN K 65 -3.84 35.10 -19.37
N MSE K 66 -3.29 33.87 -19.28
CA MSE K 66 -2.44 33.44 -18.16
C MSE K 66 -1.26 32.68 -18.70
O MSE K 66 -1.47 31.78 -19.51
CB MSE K 66 -3.17 32.48 -17.22
CG MSE K 66 -4.26 33.10 -16.43
SE MSE K 66 -4.71 32.21 -14.93
CE MSE K 66 -4.94 30.52 -15.51
N ASP K 67 -0.05 33.01 -18.24
CA ASP K 67 1.13 32.16 -18.46
C ASP K 67 1.44 31.45 -17.16
N CYS K 68 1.46 30.12 -17.22
CA CYS K 68 1.71 29.31 -16.02
C CYS K 68 3.10 28.70 -16.08
N LEU K 69 3.86 28.90 -15.01
CA LEU K 69 5.27 28.49 -14.90
C LEU K 69 5.41 27.33 -13.95
N PHE K 70 5.90 26.20 -14.44
CA PHE K 70 6.06 25.02 -13.56
C PHE K 70 7.49 24.56 -13.44
N ARG K 71 7.89 24.08 -12.26
CA ARG K 71 9.16 23.36 -12.16
C ARG K 71 9.04 21.98 -12.87
N ASP K 72 7.87 21.36 -12.73
CA ASP K 72 7.50 20.10 -13.40
C ASP K 72 6.18 20.32 -14.17
N VAL K 73 6.27 20.49 -15.48
CA VAL K 73 5.09 20.84 -16.28
C VAL K 73 4.05 19.71 -16.37
N TRP K 74 4.47 18.50 -16.02
CA TRP K 74 3.54 17.37 -15.89
C TRP K 74 2.54 17.59 -14.73
N ASN K 75 2.73 18.65 -13.95
CA ASN K 75 1.69 19.03 -12.96
C ASN K 75 0.50 19.83 -13.53
N ILE K 76 0.42 19.96 -14.86
CA ILE K 76 -0.68 20.68 -15.51
C ILE K 76 -2.09 20.22 -15.06
N PRO K 77 -2.35 18.89 -14.97
CA PRO K 77 -3.64 18.39 -14.47
C PRO K 77 -4.01 18.85 -13.06
N VAL K 78 -3.04 18.97 -12.18
CA VAL K 78 -3.31 19.56 -10.87
C VAL K 78 -3.78 21.04 -11.02
N MSE K 79 -3.11 21.81 -11.88
CA MSE K 79 -3.55 23.19 -12.17
C MSE K 79 -4.97 23.19 -12.75
O MSE K 79 -5.83 23.95 -12.29
CB MSE K 79 -2.61 23.95 -13.12
CG MSE K 79 -3.02 25.40 -13.27
SE MSE K 79 -2.00 26.40 -14.37
CE MSE K 79 -2.38 25.51 -15.91
N GLU K 80 -5.22 22.33 -13.73
CA GLU K 80 -6.52 22.29 -14.40
C GLU K 80 -7.67 22.05 -13.42
N LYS K 81 -7.45 21.13 -12.48
CA LYS K 81 -8.44 20.85 -11.42
C LYS K 81 -8.76 22.14 -10.64
N MSE K 82 -7.72 22.82 -10.16
CA MSE K 82 -7.89 24.10 -9.48
C MSE K 82 -8.51 25.20 -10.36
O MSE K 82 -9.36 25.97 -9.89
CB MSE K 82 -6.57 24.58 -8.87
CG MSE K 82 -6.00 23.68 -7.72
SE MSE K 82 -7.12 23.07 -6.41
CE MSE K 82 -8.32 24.39 -6.23
N ILE K 83 -8.13 25.27 -11.63
CA ILE K 83 -8.76 26.24 -12.55
C ILE K 83 -10.30 26.06 -12.61
N LYS K 84 -10.75 24.83 -12.78
CA LYS K 84 -12.17 24.55 -12.92
C LYS K 84 -12.97 24.93 -11.67
N GLU K 85 -12.36 24.72 -10.49
CA GLU K 85 -12.99 25.04 -9.22
C GLU K 85 -13.02 26.54 -8.97
N ARG K 86 -11.94 27.23 -9.32
CA ARG K 86 -11.84 28.65 -8.97
C ARG K 86 -12.33 29.63 -10.04
N PHE K 87 -12.25 29.24 -11.31
CA PHE K 87 -12.61 30.13 -12.43
C PHE K 87 -14.05 29.90 -12.83
N ASN K 88 -14.64 28.85 -12.26
CA ASN K 88 -16.08 28.65 -12.30
C ASN K 88 -16.70 28.85 -13.70
N GLY K 89 -16.22 28.08 -14.66
CA GLY K 89 -16.82 28.05 -15.99
C GLY K 89 -16.39 29.12 -16.97
N ARG K 90 -15.60 30.10 -16.52
CA ARG K 90 -15.10 31.15 -17.41
C ARG K 90 -13.57 31.19 -17.36
N TYR K 91 -12.97 30.76 -18.46
CA TYR K 91 -11.55 30.47 -18.48
C TYR K 91 -10.75 31.39 -19.37
N PRO K 92 -9.52 31.68 -18.96
CA PRO K 92 -8.69 32.47 -19.86
C PRO K 92 -8.03 31.62 -20.90
N ALA K 93 -7.46 32.30 -21.88
CA ALA K 93 -6.42 31.72 -22.75
C ALA K 93 -5.17 31.48 -21.89
N ARG K 94 -4.45 30.42 -22.17
CA ARG K 94 -3.23 30.21 -21.40
C ARG K 94 -2.16 29.41 -22.16
N LYS K 95 -0.96 29.44 -21.61
CA LYS K 95 0.07 28.49 -21.97
C LYS K 95 0.82 28.13 -20.70
N SER K 96 1.49 26.99 -20.74
CA SER K 96 2.25 26.48 -19.61
C SER K 96 3.68 26.24 -20.06
N ILE K 97 4.63 26.48 -19.18
CA ILE K 97 6.05 26.44 -19.52
C ILE K 97 6.74 25.78 -18.33
N GLN K 98 7.70 24.89 -18.61
CA GLN K 98 8.53 24.36 -17.57
C GLN K 98 9.79 25.24 -17.43
N THR K 99 10.13 25.62 -16.21
CA THR K 99 11.30 26.48 -16.03
C THR K 99 11.91 26.24 -14.66
N GLU K 100 13.22 26.47 -14.55
CA GLU K 100 13.83 26.63 -13.23
C GLU K 100 13.46 28.04 -12.66
N PHE K 101 13.59 28.17 -11.35
CA PHE K 101 13.31 29.41 -10.66
C PHE K 101 14.59 29.86 -9.97
N ALA K 102 14.72 31.15 -9.65
CA ALA K 102 15.82 31.64 -8.82
C ALA K 102 15.51 31.42 -7.33
N HIS K 103 15.10 30.20 -7.00
CA HIS K 103 14.75 29.78 -5.65
C HIS K 103 14.92 28.27 -5.62
N HIS K 104 15.34 27.71 -4.50
CA HIS K 104 15.63 26.28 -4.45
C HIS K 104 14.36 25.50 -4.73
N GLY K 105 14.53 24.29 -5.28
CA GLY K 105 13.42 23.34 -5.43
C GLY K 105 13.40 22.43 -4.22
N GLY K 106 12.96 21.20 -4.42
CA GLY K 106 12.99 20.17 -3.38
C GLY K 106 12.09 20.48 -2.21
N PRO K 107 12.40 19.92 -1.01
CA PRO K 107 11.61 20.10 0.20
C PRO K 107 11.39 21.59 0.45
N GLN K 108 10.13 22.00 0.51
CA GLN K 108 9.79 23.41 0.70
C GLN K 108 10.29 24.33 -0.40
N GLY K 109 10.59 23.80 -1.60
CA GLY K 109 11.01 24.65 -2.67
C GLY K 109 9.85 25.31 -3.42
N LEU K 110 10.17 26.23 -4.30
CA LEU K 110 9.18 26.87 -5.15
C LEU K 110 8.85 25.99 -6.35
N LEU K 111 7.57 25.79 -6.62
CA LEU K 111 7.16 24.83 -7.65
C LEU K 111 6.33 25.44 -8.78
N PHE K 112 5.79 26.64 -8.55
CA PHE K 112 4.78 27.24 -9.46
C PHE K 112 4.67 28.76 -9.29
N GLN K 113 4.52 29.44 -10.41
CA GLN K 113 4.22 30.87 -10.50
C GLN K 113 3.19 30.99 -11.64
N VAL K 114 2.37 32.05 -11.60
CA VAL K 114 1.48 32.39 -12.70
C VAL K 114 1.49 33.92 -12.88
N ASP K 115 1.38 34.40 -14.10
CA ASP K 115 1.16 35.82 -14.34
C ASP K 115 -0.03 35.91 -15.33
N GLY K 116 -0.44 37.11 -15.69
CA GLY K 116 -1.52 37.20 -16.68
C GLY K 116 -1.89 38.60 -17.08
N VAL K 117 -2.99 38.69 -17.82
CA VAL K 117 -3.53 39.93 -18.32
C VAL K 117 -5.00 39.88 -17.98
N ALA K 118 -5.54 41.00 -17.49
CA ALA K 118 -6.97 41.12 -17.24
C ALA K 118 -7.51 42.33 -17.97
N TYR K 119 -8.83 42.40 -18.07
CA TYR K 119 -9.49 43.44 -18.86
C TYR K 119 -10.74 43.96 -18.12
N SER K 120 -10.93 45.27 -18.14
CA SER K 120 -12.20 45.89 -17.83
C SER K 120 -12.41 47.19 -18.62
N LYS K 121 -13.49 47.26 -19.39
CA LYS K 121 -13.78 48.45 -20.17
C LYS K 121 -14.30 49.56 -19.25
N HIS K 122 -13.77 50.77 -19.45
CA HIS K 122 -14.12 51.93 -18.62
C HIS K 122 -15.28 52.73 -19.20
N THR L 3 -4.41 49.82 -39.85
CA THR L 3 -4.46 50.24 -38.42
C THR L 3 -3.26 49.73 -37.65
N ILE L 4 -2.90 48.45 -37.83
CA ILE L 4 -1.66 47.94 -37.24
C ILE L 4 -0.48 48.53 -37.98
N ARG L 5 0.48 49.06 -37.22
CA ARG L 5 1.72 49.61 -37.79
C ARG L 5 2.97 48.83 -37.33
N ARG L 6 3.85 48.54 -38.29
CA ARG L 6 4.98 47.65 -38.07
C ARG L 6 6.29 48.40 -38.28
N TYR L 7 7.10 48.46 -37.22
CA TYR L 7 8.37 49.18 -37.21
C TYR L 7 9.53 48.23 -37.03
N ASP L 8 10.70 48.61 -37.55
CA ASP L 8 11.92 47.85 -37.31
C ASP L 8 11.72 46.41 -37.78
N VAL L 9 11.26 46.25 -39.02
CA VAL L 9 10.95 44.94 -39.57
C VAL L 9 12.27 44.26 -39.97
N ASN L 10 12.43 43.01 -39.56
CA ASN L 10 13.49 42.18 -40.07
C ASN L 10 12.94 41.10 -41.02
N GLU L 11 13.15 41.34 -42.32
CA GLU L 11 12.59 40.48 -43.37
C GLU L 11 13.28 39.12 -43.49
N ASP L 12 14.52 39.03 -43.00
CA ASP L 12 15.25 37.75 -43.01
C ASP L 12 14.78 36.83 -41.87
N ARG L 13 14.56 37.41 -40.70
CA ARG L 13 14.14 36.61 -39.56
C ARG L 13 12.62 36.47 -39.45
N GLY L 14 11.89 37.27 -40.25
CA GLY L 14 10.43 37.24 -40.27
C GLY L 14 9.79 37.73 -38.97
N HIS L 15 10.26 38.84 -38.44
CA HIS L 15 9.64 39.45 -37.28
C HIS L 15 9.69 40.95 -37.42
N THR L 16 8.85 41.61 -36.62
CA THR L 16 8.73 43.05 -36.56
C THR L 16 9.22 43.45 -35.16
N GLY L 17 10.19 44.35 -35.11
CA GLY L 17 10.79 44.81 -33.85
C GLY L 17 9.79 45.49 -32.91
N LEU L 18 8.91 46.29 -33.49
CA LEU L 18 7.85 46.93 -32.70
C LEU L 18 6.54 47.02 -33.48
N VAL L 19 5.50 46.43 -32.91
CA VAL L 19 4.17 46.47 -33.48
C VAL L 19 3.29 47.45 -32.69
N GLU L 20 2.81 48.49 -33.40
CA GLU L 20 1.83 49.43 -32.86
C GLU L 20 0.36 49.01 -33.14
N ALA L 21 -0.39 48.75 -32.07
CA ALA L 21 -1.77 48.31 -32.18
C ALA L 21 -2.64 49.09 -31.21
N GLY L 22 -3.32 50.12 -31.74
CA GLY L 22 -4.13 51.01 -30.94
C GLY L 22 -3.25 51.80 -30.01
N ASP L 23 -3.49 51.63 -28.71
CA ASP L 23 -2.74 52.33 -27.69
C ASP L 23 -1.53 51.48 -27.19
N PHE L 24 -1.39 50.27 -27.72
CA PHE L 24 -0.40 49.31 -27.23
C PHE L 24 0.69 49.04 -28.26
N TYR L 25 1.89 48.73 -27.75
CA TYR L 25 3.11 48.48 -28.53
C TYR L 25 3.73 47.17 -28.05
N TYR L 26 3.97 46.27 -28.99
CA TYR L 26 4.52 44.98 -28.68
C TYR L 26 5.93 44.91 -29.21
N LEU L 27 6.87 44.73 -28.28
CA LEU L 27 8.28 44.63 -28.61
C LEU L 27 8.63 43.19 -28.88
N ASN L 28 9.30 42.97 -30.02
CA ASN L 28 9.99 41.72 -30.31
C ASN L 28 11.09 41.51 -29.25
N TYR L 29 11.62 40.29 -29.14
CA TYR L 29 12.72 40.06 -28.20
C TYR L 29 13.83 41.05 -28.53
N CYS L 30 14.48 41.53 -27.47
CA CYS L 30 15.55 42.52 -27.57
C CYS L 30 16.84 41.91 -26.99
N VAL L 31 17.93 42.04 -27.73
CA VAL L 31 19.29 41.62 -27.33
C VAL L 31 20.28 42.75 -27.67
N GLY L 32 21.44 42.75 -27.00
CA GLY L 32 22.50 43.72 -27.27
C GLY L 32 23.76 43.32 -26.53
N ASN L 33 24.89 43.91 -26.92
CA ASN L 33 26.17 43.61 -26.31
C ASN L 33 26.45 42.10 -26.26
N VAL L 34 26.03 41.36 -27.29
CA VAL L 34 26.18 39.90 -27.23
C VAL L 34 27.66 39.49 -27.24
N GLY L 35 27.96 38.44 -26.49
CA GLY L 35 29.34 38.05 -26.28
C GLY L 35 29.98 38.68 -25.06
N GLN L 36 29.34 39.71 -24.50
CA GLN L 36 29.85 40.39 -23.31
C GLN L 36 29.27 39.75 -22.05
N ASP L 37 29.59 40.30 -20.87
CA ASP L 37 29.15 39.68 -19.61
C ASP L 37 27.66 39.86 -19.38
N ILE L 38 27.15 39.26 -18.32
CA ILE L 38 25.69 39.28 -18.15
C ILE L 38 25.15 40.71 -17.98
N GLU L 39 25.85 41.51 -17.19
CA GLU L 39 25.39 42.87 -16.96
C GLU L 39 25.39 43.70 -18.24
N SER L 40 26.41 43.54 -19.08
CA SER L 40 26.44 44.23 -20.38
C SER L 40 25.32 43.75 -21.32
N GLN L 41 24.99 42.46 -21.28
CA GLN L 41 23.92 41.92 -22.11
C GLN L 41 22.55 42.43 -21.66
N ILE L 42 22.36 42.55 -20.34
CA ILE L 42 21.15 43.13 -19.82
C ILE L 42 21.05 44.59 -20.28
N ASN L 43 22.09 45.40 -20.01
CA ASN L 43 22.08 46.78 -20.48
C ASN L 43 21.90 46.87 -21.97
N GLY L 44 22.56 45.98 -22.72
CA GLY L 44 22.46 45.96 -24.18
C GLY L 44 21.06 45.65 -24.70
N ALA L 45 20.37 44.73 -24.03
CA ALA L 45 19.00 44.39 -24.38
C ALA L 45 18.05 45.58 -24.10
N PHE L 46 18.26 46.29 -22.98
CA PHE L 46 17.46 47.47 -22.64
C PHE L 46 17.78 48.64 -23.58
N ASP L 47 19.03 48.71 -24.07
CA ASP L 47 19.37 49.69 -25.11
C ASP L 47 18.49 49.44 -26.35
N GLU L 48 18.32 48.17 -26.73
CA GLU L 48 17.53 47.86 -27.91
C GLU L 48 16.07 48.20 -27.64
N MSE L 49 15.58 47.86 -26.45
CA MSE L 49 14.23 48.20 -26.02
C MSE L 49 13.97 49.72 -26.18
O MSE L 49 12.96 50.13 -26.76
CB MSE L 49 13.97 47.70 -24.58
CG MSE L 49 12.59 48.05 -23.99
SE MSE L 49 12.18 47.20 -22.43
CE MSE L 49 11.32 45.78 -23.11
N GLU L 50 14.90 50.54 -25.68
CA GLU L 50 14.79 52.00 -25.76
C GLU L 50 14.86 52.55 -27.20
N ARG L 51 15.78 52.01 -28.00
CA ARG L 51 15.90 52.32 -29.42
C ARG L 51 14.55 52.06 -30.14
N ARG L 52 13.97 50.88 -29.96
CA ARG L 52 12.66 50.60 -30.59
C ARG L 52 11.53 51.51 -30.10
N LEU L 53 11.49 51.77 -28.79
CA LEU L 53 10.51 52.70 -28.25
C LEU L 53 10.73 54.14 -28.76
N ALA L 54 11.97 54.54 -29.01
CA ALA L 54 12.22 55.88 -29.56
C ALA L 54 11.63 56.02 -30.97
N LEU L 55 11.49 54.90 -31.69
CA LEU L 55 10.83 54.94 -33.01
C LEU L 55 9.41 55.53 -32.95
N VAL L 56 8.75 55.38 -31.80
CA VAL L 56 7.41 55.92 -31.60
C VAL L 56 7.32 56.93 -30.45
N GLY L 57 8.44 57.60 -30.16
CA GLY L 57 8.43 58.73 -29.24
C GLY L 57 8.18 58.32 -27.81
N LEU L 58 8.47 57.06 -27.49
CA LEU L 58 8.31 56.53 -26.14
C LEU L 58 9.63 56.20 -25.45
N THR L 59 9.55 56.02 -24.13
CA THR L 59 10.69 55.69 -23.29
C THR L 59 10.31 54.49 -22.41
N LEU L 60 11.25 54.02 -21.59
CA LEU L 60 10.99 52.93 -20.66
C LEU L 60 9.85 53.20 -19.66
N ASP L 61 9.48 54.46 -19.51
CA ASP L 61 8.34 54.83 -18.70
C ASP L 61 6.99 54.28 -19.24
N ALA L 62 6.92 53.99 -20.53
CA ALA L 62 5.67 53.50 -21.13
C ALA L 62 5.58 51.97 -21.06
N VAL L 63 6.63 51.32 -20.57
CA VAL L 63 6.66 49.84 -20.51
C VAL L 63 5.78 49.37 -19.35
N VAL L 64 4.84 48.49 -19.66
CA VAL L 64 3.89 48.01 -18.67
C VAL L 64 4.13 46.54 -18.27
N GLN L 65 4.79 45.76 -19.15
CA GLN L 65 5.05 44.35 -18.88
C GLN L 65 6.33 43.90 -19.61
N MSE L 66 7.12 43.03 -18.98
CA MSE L 66 8.33 42.48 -19.64
C MSE L 66 8.46 41.00 -19.32
O MSE L 66 8.27 40.59 -18.18
CB MSE L 66 9.64 43.15 -19.16
CG MSE L 66 9.89 44.59 -19.57
SE MSE L 66 11.48 45.30 -19.00
CE MSE L 66 11.67 44.49 -17.41
N ASP L 67 8.83 40.21 -20.34
CA ASP L 67 9.28 38.84 -20.12
C ASP L 67 10.80 38.81 -20.24
N CYS L 68 11.46 38.32 -19.20
CA CYS L 68 12.92 38.29 -19.13
C CYS L 68 13.42 36.87 -19.33
N LEU L 69 14.22 36.67 -20.37
CA LEU L 69 14.71 35.33 -20.68
C LEU L 69 16.15 35.20 -20.29
N PHE L 70 16.44 34.26 -19.37
CA PHE L 70 17.80 33.97 -18.92
C PHE L 70 18.30 32.59 -19.33
N ARG L 71 19.55 32.53 -19.72
CA ARG L 71 20.21 31.22 -19.80
C ARG L 71 20.41 30.67 -18.36
N ASP L 72 20.68 31.57 -17.40
CA ASP L 72 20.77 31.21 -15.99
C ASP L 72 19.90 32.16 -15.19
N VAL L 73 18.77 31.63 -14.72
CA VAL L 73 17.76 32.44 -14.06
C VAL L 73 18.21 33.03 -12.70
N TRP L 74 19.26 32.45 -12.11
CA TRP L 74 19.85 32.99 -10.89
C TRP L 74 20.55 34.36 -11.10
N ASN L 75 20.61 34.82 -12.34
CA ASN L 75 21.09 36.16 -12.68
C ASN L 75 20.08 37.28 -12.50
N ILE L 76 18.89 36.96 -11.99
CA ILE L 76 17.81 37.93 -11.75
C ILE L 76 18.29 39.16 -10.92
N PRO L 77 19.05 38.93 -9.81
CA PRO L 77 19.48 40.12 -9.08
C PRO L 77 20.36 41.08 -9.89
N VAL L 78 21.12 40.55 -10.84
CA VAL L 78 21.85 41.43 -11.77
C VAL L 78 20.88 42.29 -12.60
N MSE L 79 19.82 41.68 -13.11
CA MSE L 79 18.80 42.41 -13.86
C MSE L 79 18.09 43.45 -12.99
O MSE L 79 17.89 44.60 -13.44
CB MSE L 79 17.76 41.47 -14.49
CG MSE L 79 16.79 42.20 -15.45
SE MSE L 79 15.35 41.24 -16.03
CE MSE L 79 14.62 40.74 -14.40
N GLU L 80 17.73 43.07 -11.76
CA GLU L 80 17.06 43.97 -10.82
C GLU L 80 17.91 45.22 -10.55
N LYS L 81 19.21 45.02 -10.29
CA LYS L 81 20.15 46.15 -10.20
C LYS L 81 20.02 47.08 -11.40
N MSE L 82 20.10 46.54 -12.63
CA MSE L 82 20.04 47.37 -13.83
C MSE L 82 18.67 48.09 -14.00
O MSE L 82 18.59 49.28 -14.39
CB MSE L 82 20.45 46.58 -15.10
CG MSE L 82 21.92 46.10 -15.08
SE MSE L 82 23.13 47.48 -14.95
CE MSE L 82 23.24 47.73 -13.18
N ILE L 83 17.61 47.37 -13.67
CA ILE L 83 16.27 47.93 -13.74
C ILE L 83 16.19 49.18 -12.83
N LYS L 84 16.67 49.06 -11.59
CA LYS L 84 16.64 50.17 -10.64
C LYS L 84 17.45 51.40 -11.08
N GLU L 85 18.55 51.17 -11.78
CA GLU L 85 19.31 52.27 -12.41
C GLU L 85 18.63 52.89 -13.63
N ARG L 86 17.88 52.08 -14.38
CA ARG L 86 17.46 52.53 -15.69
C ARG L 86 16.00 52.97 -15.78
N PHE L 87 15.20 52.54 -14.81
CA PHE L 87 13.74 52.71 -14.90
C PHE L 87 13.15 53.88 -14.09
N ASN L 88 14.01 54.62 -13.38
CA ASN L 88 13.58 55.86 -12.68
C ASN L 88 12.43 55.64 -11.67
N GLY L 89 12.49 54.55 -10.91
CA GLY L 89 11.47 54.24 -9.91
C GLY L 89 10.07 53.90 -10.41
N ARG L 90 9.90 53.70 -11.72
CA ARG L 90 8.61 53.28 -12.30
C ARG L 90 8.84 51.97 -13.04
N TYR L 91 8.32 50.87 -12.49
CA TYR L 91 8.71 49.53 -12.92
C TYR L 91 7.53 48.79 -13.61
N PRO L 92 7.84 47.96 -14.61
CA PRO L 92 6.76 47.16 -15.23
C PRO L 92 6.43 45.92 -14.40
N ALA L 93 5.29 45.30 -14.72
CA ALA L 93 4.99 43.93 -14.32
C ALA L 93 5.94 43.01 -15.07
N ARG L 94 6.35 41.91 -14.47
CA ARG L 94 7.26 41.02 -15.17
C ARG L 94 7.21 39.58 -14.74
N LYS L 95 7.84 38.75 -15.54
CA LYS L 95 8.19 37.40 -15.16
C LYS L 95 9.51 37.04 -15.83
N SER L 96 10.19 36.08 -15.22
CA SER L 96 11.47 35.63 -15.67
C SER L 96 11.40 34.15 -15.93
N ILE L 97 11.99 33.73 -17.03
CA ILE L 97 12.04 32.28 -17.28
C ILE L 97 13.47 31.90 -17.67
N GLN L 98 13.88 30.69 -17.33
CA GLN L 98 15.16 30.16 -17.78
C GLN L 98 14.92 29.41 -19.09
N THR L 99 15.75 29.66 -20.11
CA THR L 99 15.59 28.94 -21.39
C THR L 99 16.93 28.79 -22.07
N GLU L 100 17.09 27.74 -22.89
CA GLU L 100 18.14 27.74 -23.92
C GLU L 100 17.76 28.73 -25.04
N PHE L 101 18.78 29.15 -25.78
CA PHE L 101 18.64 30.04 -26.93
C PHE L 101 19.20 29.30 -28.15
N ALA L 102 18.78 29.70 -29.34
CA ALA L 102 19.34 29.14 -30.57
C ALA L 102 20.62 29.91 -30.95
N HIS L 103 21.53 29.98 -29.98
CA HIS L 103 22.83 30.65 -30.11
C HIS L 103 23.67 30.05 -28.99
N HIS L 104 24.95 29.84 -29.26
CA HIS L 104 25.82 29.18 -28.30
C HIS L 104 25.88 29.93 -26.98
N GLY L 105 26.11 29.19 -25.91
CA GLY L 105 26.40 29.80 -24.61
C GLY L 105 27.91 29.86 -24.39
N GLY L 106 28.33 29.72 -23.13
CA GLY L 106 29.77 29.66 -22.82
C GLY L 106 30.45 30.99 -23.14
N PRO L 107 31.78 30.98 -23.40
CA PRO L 107 32.46 32.26 -23.67
C PRO L 107 31.83 32.98 -24.84
N GLN L 108 31.63 34.29 -24.68
CA GLN L 108 30.98 35.12 -25.70
C GLN L 108 29.62 34.59 -26.19
N GLY L 109 28.95 33.83 -25.35
CA GLY L 109 27.66 33.28 -25.73
C GLY L 109 26.55 34.26 -25.40
N LEU L 110 25.35 33.94 -25.89
CA LEU L 110 24.19 34.72 -25.55
C LEU L 110 23.63 34.28 -24.17
N LEU L 111 23.35 35.26 -23.30
CA LEU L 111 22.95 35.00 -21.90
C LEU L 111 21.59 35.55 -21.50
N PHE L 112 21.06 36.49 -22.29
CA PHE L 112 19.89 37.25 -21.87
C PHE L 112 19.12 37.88 -23.04
N GLN L 113 17.80 37.77 -23.00
CA GLN L 113 16.90 38.48 -23.94
C GLN L 113 15.76 38.99 -23.12
N VAL L 114 15.08 40.04 -23.64
CA VAL L 114 13.90 40.61 -23.00
C VAL L 114 12.89 41.10 -24.06
N ASP L 115 11.61 40.90 -23.78
CA ASP L 115 10.55 41.42 -24.65
C ASP L 115 9.57 42.12 -23.72
N GLY L 116 8.51 42.71 -24.27
CA GLY L 116 7.55 43.43 -23.44
C GLY L 116 6.42 44.08 -24.20
N VAL L 117 5.57 44.76 -23.42
CA VAL L 117 4.46 45.53 -23.95
C VAL L 117 4.54 46.96 -23.39
N ALA L 118 4.25 47.97 -24.23
CA ALA L 118 4.20 49.37 -23.82
C ALA L 118 2.85 50.01 -24.22
N TYR L 119 2.55 51.16 -23.63
CA TYR L 119 1.23 51.79 -23.70
C TYR L 119 1.42 53.29 -23.81
N SER L 120 0.61 53.89 -24.67
CA SER L 120 0.58 55.34 -24.83
C SER L 120 -0.77 55.65 -25.47
N LYS L 121 -1.60 56.38 -24.74
CA LYS L 121 -2.94 56.72 -25.21
C LYS L 121 -2.87 57.63 -26.43
N HIS L 122 -3.59 57.25 -27.48
CA HIS L 122 -3.64 58.04 -28.72
C HIS L 122 -4.80 59.00 -28.78
C1 GOL M . 7.63 -1.18 -6.54
O1 GOL M . 8.91 -1.73 -6.77
C2 GOL M . 6.89 -1.00 -7.86
O2 GOL M . 7.37 0.14 -8.54
C3 GOL M . 5.40 -0.85 -7.59
O3 GOL M . 5.15 0.31 -6.84
C1 GOL N . 17.15 -12.88 -16.04
O1 GOL N . 18.18 -12.99 -17.00
C2 GOL N . 17.15 -14.04 -15.06
O2 GOL N . 16.23 -13.68 -14.07
C3 GOL N . 18.53 -14.25 -14.43
O3 GOL N . 18.74 -13.34 -13.38
C1 GOL O . 14.58 17.53 -29.77
O1 GOL O . 14.76 18.16 -28.51
C2 GOL O . 13.09 17.34 -30.08
O2 GOL O . 12.75 16.06 -30.62
C3 GOL O . 12.47 18.55 -30.81
O3 GOL O . 12.69 18.64 -32.21
C1 GOL P . -34.16 -22.56 9.12
O1 GOL P . -32.90 -23.18 8.95
C2 GOL P . -34.60 -22.71 10.55
O2 GOL P . -36.01 -22.61 10.64
C3 GOL P . -33.97 -21.62 11.41
O3 GOL P . -33.48 -22.18 12.59
C1 GOL Q . -0.34 4.60 -3.21
O1 GOL Q . 0.59 3.55 -3.31
C2 GOL Q . 0.39 5.91 -3.27
O2 GOL Q . 1.09 6.01 -4.50
C3 GOL Q . -0.66 7.01 -3.21
O3 GOL Q . -1.95 6.51 -3.49
#